data_6HU3
#
_entry.id   6HU3
#
_cell.length_a   70.640
_cell.length_b   70.430
_cell.length_c   97.920
_cell.angle_alpha   75.48
_cell.angle_beta   78.20
_cell.angle_gamma   86.17
#
_symmetry.space_group_name_H-M   'P 1'
#
loop_
_entity.id
_entity.type
_entity.pdbx_description
1 polymer 'Histone deacetylase'
2 non-polymer 'ZINC ION'
3 non-polymer 'POTASSIUM ION'
4 non-polymer 1-[5-chloranyl-2-(4-fluoranylphenoxy)phenyl]-~{N}-oxidanyl-1,2,3-triazole-4-carboxamide
5 non-polymer DIMETHYLFORMAMIDE
6 non-polymer GLYCEROL
7 water water
#
_entity_poly.entity_id   1
_entity_poly.type   'polypeptide(L)'
_entity_poly.pdbx_seq_one_letter_code
;HMSVGIVYGDQYRQLCCSSPKFGDRYALVMDLINAYKLIPELSRVPPLQWDSPSRMYEAVTAFHSTEYVDALKKLQMLHC
EEKELTADDELLMDSFSLNYDCPGFPSVFDYSLAAVQGSLAAASALICRHCEVVINWGGGWHHAKRSEASGFCYLNDIVL
AIHRLVSSTPPETSPNRQTRVLYVDLDLHHGDGVEEAFWYSPRVVTFSVHHASPGFFPGTGTWNMVDNDKLPIFLNGAGR
GRFSAFNLPLEEGINDLDWSNAIGPILDSLNIVIQPSYVVVQCGADCLATDPHRIFRLTNFYPNLNLDSDCDSECSLSGY
LYAIKKILSWKVPTLILGGGGYNFPDTARLWTRVTALTIEEVKGKKMTISPEIPEHSYFSRYGPDFELDIDYFPHESHNK
TLDSIQKHHRRILEQLRNYADLNKLIYDYDQVYQLYNLTGMGSLVPR
;
_entity_poly.pdbx_strand_id   A,B,C,D
#
# COMPACT_ATOMS: atom_id res chain seq x y z
N SER A 3 16.26 8.45 34.53
CA SER A 3 17.33 7.85 33.76
C SER A 3 17.52 8.55 32.41
N VAL A 4 18.77 8.59 31.96
CA VAL A 4 19.18 9.36 30.79
C VAL A 4 19.77 8.39 29.78
N GLY A 5 19.19 8.36 28.57
CA GLY A 5 19.71 7.56 27.48
C GLY A 5 20.56 8.37 26.50
N ILE A 6 21.44 7.67 25.79
CA ILE A 6 22.20 8.31 24.72
C ILE A 6 22.36 7.32 23.58
N VAL A 7 22.15 7.81 22.35
CA VAL A 7 22.22 6.93 21.18
C VAL A 7 23.67 6.75 20.75
N TYR A 8 24.11 5.49 20.65
CA TYR A 8 25.45 5.18 20.19
CA TYR A 8 25.42 5.19 20.09
C TYR A 8 25.47 3.71 19.74
N GLY A 9 26.54 3.35 19.01
CA GLY A 9 26.78 2.00 18.56
C GLY A 9 27.97 2.02 17.63
N ASP A 10 28.62 0.88 17.40
CA ASP A 10 29.82 0.88 16.57
C ASP A 10 29.49 1.24 15.12
N GLN A 11 28.50 0.59 14.54
CA GLN A 11 28.20 0.92 13.14
C GLN A 11 27.62 2.31 13.04
N TYR A 12 26.83 2.72 14.04
CA TYR A 12 26.25 4.07 14.05
C TYR A 12 27.34 5.12 14.03
N ARG A 13 28.38 4.93 14.84
CA ARG A 13 29.49 5.87 14.87
C ARG A 13 30.16 5.96 13.51
N GLN A 14 30.42 4.81 12.90
CA GLN A 14 31.07 4.81 11.60
C GLN A 14 30.24 5.56 10.56
N LEU A 15 28.92 5.33 10.53
CA LEU A 15 28.08 6.04 9.56
C LEU A 15 27.98 7.52 9.86
N CYS A 16 27.83 7.89 11.15
CA CYS A 16 27.75 9.31 11.51
C CYS A 16 29.04 10.05 11.20
N CYS A 17 30.15 9.32 11.01
CA CYS A 17 31.43 9.93 10.68
C CYS A 17 31.76 9.82 9.20
N SER A 18 30.80 9.46 8.35
CA SER A 18 31.12 9.14 6.98
C SER A 18 30.82 10.26 6.00
N SER A 19 30.38 11.44 6.48
CA SER A 19 29.98 12.48 5.54
C SER A 19 31.12 13.47 5.30
N PRO A 20 31.13 14.11 4.13
CA PRO A 20 32.21 15.06 3.84
C PRO A 20 32.14 16.32 4.68
N LYS A 21 30.95 16.83 5.01
CA LYS A 21 30.86 18.09 5.75
C LYS A 21 31.13 17.92 7.23
N PHE A 22 30.60 16.86 7.86
CA PHE A 22 30.76 16.74 9.30
C PHE A 22 31.89 15.82 9.73
N GLY A 23 32.54 15.13 8.80
CA GLY A 23 33.77 14.43 9.12
C GLY A 23 33.63 13.57 10.34
N ASP A 24 34.59 13.69 11.26
CA ASP A 24 34.63 12.85 12.46
C ASP A 24 34.07 13.57 13.69
N ARG A 25 33.25 14.62 13.48
CA ARG A 25 32.72 15.38 14.60
C ARG A 25 32.06 14.50 15.65
N TYR A 26 31.22 13.55 15.20
CA TYR A 26 30.48 12.70 16.14
C TYR A 26 31.43 11.87 16.98
N ALA A 27 32.56 11.45 16.40
CA ALA A 27 33.56 10.70 17.16
C ALA A 27 34.21 11.59 18.23
N LEU A 28 34.52 12.84 17.91
CA LEU A 28 35.04 13.75 18.93
C LEU A 28 34.04 13.93 20.06
N VAL A 29 32.77 14.11 19.72
CA VAL A 29 31.73 14.33 20.74
C VAL A 29 31.64 13.13 21.67
N MET A 30 31.48 11.94 21.09
CA MET A 30 31.26 10.77 21.94
C MET A 30 32.52 10.40 22.72
N ASP A 31 33.70 10.60 22.10
CA ASP A 31 34.93 10.28 22.81
C ASP A 31 35.23 11.26 23.94
N LEU A 32 34.84 12.53 23.79
CA LEU A 32 35.03 13.47 24.89
C LEU A 32 34.08 13.17 26.04
N ILE A 33 32.81 12.86 25.73
CA ILE A 33 31.88 12.35 26.74
C ILE A 33 32.46 11.13 27.45
N ASN A 34 33.06 10.22 26.68
CA ASN A 34 33.67 9.03 27.28
C ASN A 34 34.91 9.39 28.10
N ALA A 35 35.73 10.32 27.60
CA ALA A 35 36.94 10.71 28.31
C ALA A 35 36.61 11.33 29.66
N TYR A 36 35.44 11.96 29.78
CA TYR A 36 34.99 12.55 31.03
C TYR A 36 34.22 11.57 31.91
N LYS A 37 34.24 10.27 31.57
CA LYS A 37 33.66 9.20 32.39
C LYS A 37 32.14 9.35 32.58
N LEU A 38 31.45 9.90 31.58
CA LEU A 38 30.00 10.05 31.64
C LEU A 38 29.25 8.82 31.13
N ILE A 39 29.92 7.96 30.35
CA ILE A 39 29.23 6.81 29.75
C ILE A 39 28.60 5.88 30.78
N PRO A 40 29.23 5.59 31.94
CA PRO A 40 28.57 4.71 32.92
C PRO A 40 27.28 5.28 33.52
N GLU A 41 27.07 6.60 33.45
CA GLU A 41 25.85 7.24 33.94
C GLU A 41 24.70 7.18 32.93
N LEU A 42 24.97 6.74 31.70
CA LEU A 42 24.02 6.85 30.60
C LEU A 42 23.63 5.46 30.10
N SER A 43 22.35 5.29 29.76
CA SER A 43 21.87 4.07 29.15
C SER A 43 22.06 4.18 27.64
N ARG A 44 22.81 3.24 27.06
CA ARG A 44 22.91 3.20 25.60
C ARG A 44 21.55 2.86 24.99
N VAL A 45 21.08 3.71 24.08
CA VAL A 45 19.89 3.46 23.29
C VAL A 45 20.33 3.01 21.91
N PRO A 46 20.06 1.79 21.50
CA PRO A 46 20.53 1.30 20.19
C PRO A 46 19.73 1.93 19.05
N PRO A 47 20.37 2.28 17.96
CA PRO A 47 19.61 2.79 16.80
C PRO A 47 18.62 1.74 16.30
N LEU A 48 17.48 2.23 15.82
CA LEU A 48 16.42 1.36 15.33
C LEU A 48 16.85 0.68 14.03
N GLN A 49 16.57 -0.62 13.93
CA GLN A 49 16.70 -1.31 12.66
C GLN A 49 15.35 -1.95 12.31
N TRP A 50 15.21 -2.32 11.04
CA TRP A 50 13.95 -2.86 10.56
C TRP A 50 14.12 -4.29 10.06
N ASP A 51 13.00 -5.01 9.97
CA ASP A 51 13.05 -6.40 9.50
C ASP A 51 12.79 -6.54 8.01
N SER A 52 12.66 -5.44 7.27
CA SER A 52 12.56 -5.53 5.83
C SER A 52 12.75 -4.18 5.15
N PRO A 53 13.15 -4.15 3.88
CA PRO A 53 13.15 -2.87 3.15
C PRO A 53 11.81 -2.16 3.17
N SER A 54 10.70 -2.92 3.04
CA SER A 54 9.37 -2.30 3.08
C SER A 54 9.11 -1.61 4.40
N ARG A 55 9.53 -2.21 5.52
CA ARG A 55 9.32 -1.56 6.81
C ARG A 55 10.16 -0.29 6.92
N MET A 56 11.39 -0.31 6.42
CA MET A 56 12.21 0.91 6.44
C MET A 56 11.55 2.00 5.60
N TYR A 57 11.11 1.65 4.38
CA TYR A 57 10.49 2.64 3.51
C TYR A 57 9.23 3.21 4.17
N GLU A 58 8.42 2.33 4.77
CA GLU A 58 7.21 2.78 5.45
C GLU A 58 7.54 3.78 6.56
N ALA A 59 8.63 3.56 7.29
CA ALA A 59 9.00 4.47 8.35
C ALA A 59 9.42 5.82 7.78
N VAL A 60 10.30 5.81 6.77
CA VAL A 60 10.85 7.07 6.28
C VAL A 60 9.80 7.86 5.51
N THR A 61 8.96 7.17 4.74
CA THR A 61 7.95 7.86 3.94
C THR A 61 6.73 8.25 4.76
N ALA A 62 6.76 8.06 6.08
CA ALA A 62 5.77 8.73 6.93
C ALA A 62 5.85 10.23 6.80
N PHE A 63 7.01 10.76 6.41
CA PHE A 63 7.16 12.18 6.06
C PHE A 63 7.63 12.38 4.64
N HIS A 64 8.72 11.72 4.23
CA HIS A 64 9.34 11.98 2.93
C HIS A 64 8.59 11.24 1.81
N SER A 65 8.62 11.81 0.60
CA SER A 65 7.96 11.15 -0.52
C SER A 65 8.75 9.94 -0.96
N THR A 66 8.05 8.94 -1.51
CA THR A 66 8.72 7.73 -2.00
C THR A 66 9.72 8.10 -3.10
N GLU A 67 9.34 9.02 -3.99
CA GLU A 67 10.26 9.37 -5.07
C GLU A 67 11.53 10.01 -4.54
N TYR A 68 11.43 10.83 -3.49
CA TYR A 68 12.64 11.41 -2.90
C TYR A 68 13.53 10.34 -2.29
N VAL A 69 12.93 9.43 -1.52
CA VAL A 69 13.70 8.36 -0.90
C VAL A 69 14.36 7.49 -1.96
N ASP A 70 13.63 7.17 -3.04
CA ASP A 70 14.21 6.44 -4.17
C ASP A 70 15.43 7.17 -4.74
N ALA A 71 15.31 8.48 -4.95
CA ALA A 71 16.42 9.25 -5.55
C ALA A 71 17.63 9.28 -4.63
N LEU A 72 17.39 9.45 -3.34
CA LEU A 72 18.50 9.46 -2.40
C LEU A 72 19.22 8.11 -2.37
N LYS A 73 18.47 7.00 -2.39
CA LYS A 73 19.12 5.69 -2.47
C LYS A 73 19.86 5.52 -3.80
N LYS A 74 19.30 6.04 -4.90
CA LYS A 74 20.00 5.94 -6.17
C LYS A 74 21.27 6.79 -6.17
N LEU A 75 21.23 7.95 -5.52
CA LEU A 75 22.42 8.80 -5.41
C LEU A 75 23.57 8.06 -4.75
N GLN A 76 23.28 7.35 -3.65
CA GLN A 76 24.32 6.57 -3.00
C GLN A 76 24.86 5.50 -3.95
N MET A 77 23.96 4.77 -4.61
CA MET A 77 24.38 3.74 -5.56
C MET A 77 25.29 4.32 -6.64
N LEU A 78 24.93 5.50 -7.16
CA LEU A 78 25.71 6.10 -8.23
C LEU A 78 27.07 6.54 -7.72
N HIS A 79 27.15 6.99 -6.45
CA HIS A 79 28.44 7.40 -5.92
C HIS A 79 29.29 6.22 -5.47
N CYS A 80 28.76 5.01 -5.47
CA CYS A 80 29.60 3.85 -5.16
C CYS A 80 30.25 3.25 -6.39
N GLU A 81 29.97 3.78 -7.57
CA GLU A 81 30.67 3.42 -8.79
C GLU A 81 31.44 4.62 -9.30
N GLU A 82 32.52 4.35 -10.04
CA GLU A 82 33.46 5.40 -10.43
C GLU A 82 32.95 6.24 -11.60
N LYS A 83 31.89 5.81 -12.29
CA LYS A 83 31.38 6.53 -13.43
C LYS A 83 30.67 7.82 -13.00
N GLU A 84 30.64 8.80 -13.90
CA GLU A 84 29.95 10.05 -13.63
C GLU A 84 28.45 9.92 -13.94
N LEU A 85 27.67 10.85 -13.40
CA LEU A 85 26.23 10.80 -13.57
C LEU A 85 25.81 11.18 -14.99
N THR A 86 24.80 10.49 -15.50
CA THR A 86 24.26 10.87 -16.80
C THR A 86 23.53 12.20 -16.69
N ALA A 87 23.30 12.82 -17.85
CA ALA A 87 22.54 14.07 -17.88
C ALA A 87 21.17 13.89 -17.24
N ASP A 88 20.49 12.78 -17.54
CA ASP A 88 19.17 12.54 -16.95
C ASP A 88 19.26 12.33 -15.45
N ASP A 89 20.31 11.68 -14.97
CA ASP A 89 20.41 11.50 -13.52
C ASP A 89 20.71 12.83 -12.83
N GLU A 90 21.48 13.71 -13.47
CA GLU A 90 21.69 15.05 -12.91
C GLU A 90 20.36 15.80 -12.76
N LEU A 91 19.52 15.75 -13.79
CA LEU A 91 18.22 16.43 -13.70
C LEU A 91 17.40 15.84 -12.56
N LEU A 92 17.40 14.51 -12.46
CA LEU A 92 16.69 13.85 -11.35
C LEU A 92 17.17 14.36 -10.00
N MET A 93 18.49 14.35 -9.79
CA MET A 93 18.98 14.78 -8.48
C MET A 93 18.70 16.26 -8.25
N ASP A 94 18.82 17.09 -9.29
CA ASP A 94 18.56 18.52 -9.09
C ASP A 94 17.12 18.78 -8.68
N SER A 95 16.18 17.97 -9.19
CA SER A 95 14.76 18.13 -8.87
C SER A 95 14.46 17.89 -7.40
N PHE A 96 15.39 17.27 -6.66
CA PHE A 96 15.28 17.06 -5.21
C PHE A 96 16.31 17.87 -4.43
N SER A 97 16.99 18.80 -5.10
CA SER A 97 18.05 19.63 -4.50
C SER A 97 19.19 18.79 -3.92
N LEU A 98 19.42 17.61 -4.52
CA LEU A 98 20.55 16.74 -4.15
C LEU A 98 21.78 17.20 -4.93
N ASN A 99 22.25 18.39 -4.58
CA ASN A 99 23.36 19.05 -5.26
C ASN A 99 23.90 20.15 -4.36
N TYR A 100 24.97 20.82 -4.83
CA TYR A 100 25.54 21.96 -4.14
C TYR A 100 25.85 21.65 -2.69
N ASP A 101 25.13 22.25 -1.74
CA ASP A 101 25.44 22.00 -0.34
C ASP A 101 24.90 20.66 0.16
N CYS A 102 24.16 19.93 -0.66
CA CYS A 102 23.70 18.58 -0.33
C CYS A 102 24.15 17.59 -1.40
N PRO A 103 25.46 17.43 -1.58
CA PRO A 103 25.97 16.55 -2.64
C PRO A 103 25.80 15.08 -2.28
N GLY A 104 26.02 14.24 -3.30
CA GLY A 104 26.14 12.82 -3.06
C GLY A 104 27.53 12.46 -2.57
N PHE A 105 27.61 11.29 -1.95
CA PHE A 105 28.85 10.69 -1.51
C PHE A 105 28.55 9.22 -1.23
N PRO A 106 29.57 8.36 -1.11
CA PRO A 106 29.29 6.92 -1.22
C PRO A 106 28.37 6.37 -0.14
N SER A 107 28.27 7.03 1.01
CA SER A 107 27.38 6.56 2.07
C SER A 107 26.20 7.50 2.33
N VAL A 108 25.80 8.33 1.35
CA VAL A 108 24.87 9.42 1.68
C VAL A 108 23.53 8.90 2.19
N PHE A 109 23.02 7.79 1.65
CA PHE A 109 21.75 7.26 2.15
C PHE A 109 21.93 6.61 3.51
N ASP A 110 22.97 5.75 3.68
CA ASP A 110 23.18 5.12 4.98
C ASP A 110 23.43 6.17 6.07
N TYR A 111 24.18 7.23 5.72
CA TYR A 111 24.47 8.32 6.67
C TYR A 111 23.20 9.02 7.12
N SER A 112 22.36 9.40 6.17
CA SER A 112 21.12 10.13 6.49
CA SER A 112 21.15 10.14 6.55
C SER A 112 20.14 9.24 7.22
N LEU A 113 20.07 7.98 6.81
CA LEU A 113 19.16 7.05 7.45
C LEU A 113 19.59 6.77 8.88
N ALA A 114 20.91 6.72 9.13
CA ALA A 114 21.37 6.44 10.48
C ALA A 114 20.81 7.46 11.46
N ALA A 115 20.78 8.74 11.09
CA ALA A 115 20.24 9.75 12.01
C ALA A 115 18.78 9.48 12.31
N VAL A 116 18.02 9.05 11.30
CA VAL A 116 16.62 8.68 11.50
C VAL A 116 16.53 7.48 12.44
N GLN A 117 17.34 6.46 12.19
CA GLN A 117 17.35 5.29 13.07
C GLN A 117 17.63 5.68 14.51
N GLY A 118 18.58 6.61 14.72
CA GLY A 118 18.91 7.03 16.08
C GLY A 118 17.78 7.80 16.74
N SER A 119 17.19 8.73 16.02
CA SER A 119 16.19 9.56 16.67
C SER A 119 14.86 8.82 16.85
N LEU A 120 14.55 7.87 15.97
CA LEU A 120 13.33 7.07 16.18
C LEU A 120 13.50 6.17 17.39
N ALA A 121 14.67 5.55 17.53
CA ALA A 121 14.91 4.75 18.74
C ALA A 121 14.80 5.61 19.98
N ALA A 122 15.31 6.84 19.93
CA ALA A 122 15.25 7.73 21.07
C ALA A 122 13.81 8.08 21.43
N ALA A 123 12.97 8.36 20.43
CA ALA A 123 11.56 8.58 20.70
C ALA A 123 10.93 7.36 21.38
N SER A 124 11.21 6.17 20.86
CA SER A 124 10.63 4.96 21.42
C SER A 124 11.05 4.75 22.87
N ALA A 125 12.30 5.09 23.20
CA ALA A 125 12.78 4.93 24.57
C ALA A 125 12.02 5.84 25.52
N LEU A 126 11.61 7.01 25.05
CA LEU A 126 10.81 7.91 25.87
C LEU A 126 9.39 7.39 26.01
N ILE A 127 8.82 6.87 24.91
CA ILE A 127 7.42 6.43 24.94
C ILE A 127 7.23 5.27 25.91
N CYS A 128 8.15 4.30 25.88
CA CYS A 128 8.05 3.15 26.78
C CYS A 128 8.57 3.46 28.18
N ARG A 129 8.96 4.70 28.44
CA ARG A 129 9.42 5.17 29.75
C ARG A 129 10.70 4.49 30.19
N HIS A 130 11.47 3.94 29.25
CA HIS A 130 12.80 3.44 29.59
C HIS A 130 13.72 4.58 30.06
N CYS A 131 13.65 5.74 29.40
CA CYS A 131 14.43 6.90 29.82
C CYS A 131 13.52 8.12 29.99
N GLU A 132 13.94 9.03 30.86
CA GLU A 132 13.25 10.31 31.03
C GLU A 132 13.76 11.36 30.04
N VAL A 133 15.03 11.28 29.70
CA VAL A 133 15.65 12.10 28.65
C VAL A 133 16.47 11.16 27.77
N VAL A 134 16.45 11.39 26.46
CA VAL A 134 17.36 10.70 25.56
C VAL A 134 18.10 11.74 24.72
N ILE A 135 19.41 11.55 24.58
CA ILE A 135 20.28 12.41 23.78
C ILE A 135 20.67 11.68 22.49
N ASN A 136 20.60 12.37 21.34
CA ASN A 136 21.16 11.84 20.10
C ASN A 136 22.01 12.89 19.39
N TRP A 137 23.33 12.85 19.65
CA TRP A 137 24.21 13.83 19.00
C TRP A 137 24.48 13.50 17.53
N GLY A 138 24.00 12.36 17.03
CA GLY A 138 24.03 12.11 15.60
C GLY A 138 22.83 12.63 14.84
N GLY A 139 21.84 13.21 15.52
CA GLY A 139 20.62 13.67 14.89
C GLY A 139 20.46 15.18 14.93
N GLY A 140 19.30 15.64 14.47
CA GLY A 140 18.98 17.05 14.56
C GLY A 140 18.94 17.78 13.21
N TRP A 141 18.58 17.07 12.14
CA TRP A 141 18.74 17.59 10.77
C TRP A 141 17.46 18.32 10.31
N HIS A 142 17.30 19.52 10.87
CA HIS A 142 16.02 20.20 10.84
C HIS A 142 15.64 20.82 9.49
N HIS A 143 16.56 20.94 8.53
CA HIS A 143 16.21 21.60 7.27
C HIS A 143 15.60 20.70 6.21
N ALA A 144 15.70 19.37 6.33
CA ALA A 144 15.23 18.49 5.27
C ALA A 144 13.71 18.59 5.12
N LYS A 145 13.25 18.62 3.88
CA LYS A 145 11.83 18.74 3.55
C LYS A 145 11.30 17.42 2.99
N ARG A 146 9.97 17.36 2.84
CA ARG A 146 9.32 16.15 2.33
C ARG A 146 10.03 15.60 1.10
N SER A 147 10.33 16.45 0.12
CA SER A 147 10.92 16.04 -1.16
C SER A 147 12.13 16.89 -1.53
N GLU A 148 12.90 17.34 -0.54
CA GLU A 148 14.00 18.26 -0.83
C GLU A 148 15.06 18.16 0.26
N ALA A 149 16.31 17.94 -0.15
CA ALA A 149 17.44 18.12 0.76
C ALA A 149 17.76 19.60 0.89
N SER A 150 18.29 19.98 2.07
CA SER A 150 18.59 21.39 2.34
C SER A 150 19.59 21.51 3.49
N GLY A 151 20.57 22.42 3.35
CA GLY A 151 21.45 22.70 4.48
C GLY A 151 22.18 21.50 5.04
N PHE A 152 22.73 20.64 4.15
N PHE A 152 22.73 20.64 4.19
CA PHE A 152 23.32 19.33 4.44
CA PHE A 152 23.40 19.40 4.59
C PHE A 152 22.44 18.44 5.31
C PHE A 152 22.44 18.41 5.26
N CYS A 153 21.13 18.63 5.22
CA CYS A 153 20.15 17.75 5.83
C CYS A 153 19.44 16.97 4.72
N TYR A 154 19.52 15.65 4.75
CA TYR A 154 18.91 14.84 3.70
C TYR A 154 17.61 14.19 4.13
N LEU A 155 17.56 13.65 5.34
CA LEU A 155 16.32 13.11 5.90
C LEU A 155 16.05 13.76 7.24
N ASN A 156 14.80 14.11 7.50
CA ASN A 156 14.47 14.89 8.70
C ASN A 156 14.16 13.93 9.85
N ASP A 157 15.21 13.57 10.57
CA ASP A 157 15.06 12.66 11.71
C ASP A 157 14.18 13.29 12.79
N ILE A 158 14.18 14.62 12.90
CA ILE A 158 13.39 15.29 13.93
C ILE A 158 11.89 15.14 13.63
N VAL A 159 11.49 15.42 12.40
CA VAL A 159 10.09 15.28 12.02
C VAL A 159 9.61 13.85 12.27
N LEU A 160 10.41 12.87 11.87
CA LEU A 160 10.02 11.47 12.06
C LEU A 160 9.95 11.11 13.54
N ALA A 161 10.88 11.61 14.36
CA ALA A 161 10.82 11.35 15.79
C ALA A 161 9.57 11.99 16.41
N ILE A 162 9.26 13.22 16.03
CA ILE A 162 8.07 13.90 16.58
C ILE A 162 6.81 13.17 16.17
N HIS A 163 6.75 12.75 14.90
CA HIS A 163 5.58 12.00 14.43
C HIS A 163 5.37 10.73 15.25
N ARG A 164 6.46 10.04 15.57
CA ARG A 164 6.35 8.88 16.44
C ARG A 164 5.82 9.28 17.82
N LEU A 165 6.28 10.41 18.35
CA LEU A 165 5.80 10.82 19.68
C LEU A 165 4.31 11.19 19.66
N VAL A 166 3.87 11.99 18.68
CA VAL A 166 2.47 12.42 18.69
C VAL A 166 1.54 11.26 18.41
N SER A 167 1.99 10.27 17.64
CA SER A 167 1.15 9.14 17.29
C SER A 167 1.11 8.09 18.39
N SER A 168 1.39 8.48 19.62
CA SER A 168 1.41 7.56 20.75
C SER A 168 0.34 7.94 21.78
N THR A 179 -2.11 14.12 23.26
CA THR A 179 -0.65 14.20 23.16
C THR A 179 -0.23 15.46 22.44
N ARG A 180 0.59 16.29 23.08
CA ARG A 180 1.13 17.49 22.45
C ARG A 180 2.64 17.49 22.60
N VAL A 181 3.34 17.94 21.56
CA VAL A 181 4.80 18.03 21.57
C VAL A 181 5.19 19.50 21.44
N LEU A 182 6.10 19.95 22.28
CA LEU A 182 6.75 21.24 22.08
C LEU A 182 8.13 21.00 21.50
N TYR A 183 8.42 21.59 20.34
CA TYR A 183 9.71 21.51 19.68
C TYR A 183 10.43 22.84 19.85
N VAL A 184 11.68 22.79 20.32
CA VAL A 184 12.48 23.98 20.61
C VAL A 184 13.78 23.86 19.82
N ASP A 185 14.06 24.85 18.96
CA ASP A 185 15.17 24.77 18.01
C ASP A 185 16.16 25.86 18.36
N LEU A 186 17.30 25.48 18.95
CA LEU A 186 18.31 26.43 19.43
C LEU A 186 19.43 26.69 18.43
N ASP A 187 19.39 26.02 17.27
CA ASP A 187 20.38 26.21 16.22
C ASP A 187 20.49 27.68 15.82
N LEU A 188 21.67 28.05 15.31
CA LEU A 188 21.82 29.37 14.71
C LEU A 188 20.80 29.63 13.60
N HIS A 189 20.41 28.58 12.88
CA HIS A 189 19.54 28.73 11.73
C HIS A 189 18.08 28.40 12.06
N HIS A 190 17.18 29.02 11.29
CA HIS A 190 15.76 28.76 11.42
C HIS A 190 15.45 27.28 11.19
N GLY A 191 14.66 26.70 12.08
CA GLY A 191 14.24 25.30 11.93
C GLY A 191 13.10 25.15 10.93
N ASP A 192 13.37 25.42 9.64
CA ASP A 192 12.29 25.54 8.66
C ASP A 192 11.64 24.21 8.32
N GLY A 193 12.43 23.14 8.17
CA GLY A 193 11.86 21.86 7.78
C GLY A 193 10.89 21.31 8.81
N VAL A 194 11.23 21.41 10.09
CA VAL A 194 10.32 20.95 11.14
C VAL A 194 9.09 21.84 11.20
N GLU A 195 9.30 23.16 11.11
CA GLU A 195 8.18 24.09 11.14
C GLU A 195 7.19 23.80 10.01
N GLU A 196 7.71 23.56 8.80
CA GLU A 196 6.84 23.31 7.65
C GLU A 196 6.08 22.00 7.80
N ALA A 197 6.74 20.96 8.31
CA ALA A 197 6.10 19.65 8.44
C ALA A 197 4.84 19.73 9.29
N PHE A 198 4.86 20.57 10.33
CA PHE A 198 3.77 20.63 11.29
C PHE A 198 2.99 21.95 11.21
N TRP A 199 3.08 22.63 10.06
CA TRP A 199 2.46 23.94 9.84
C TRP A 199 0.95 23.91 10.08
N TYR A 200 0.30 22.79 9.78
CA TYR A 200 -1.15 22.65 9.88
C TYR A 200 -1.56 21.87 11.12
N SER A 201 -0.61 21.56 12.01
CA SER A 201 -0.85 20.68 13.14
CA SER A 201 -0.86 20.69 13.15
C SER A 201 -0.84 21.48 14.45
N PRO A 202 -1.96 21.62 15.16
CA PRO A 202 -1.91 22.30 16.47
C PRO A 202 -1.22 21.47 17.55
N ARG A 203 -1.09 20.16 17.37
CA ARG A 203 -0.57 19.32 18.45
C ARG A 203 0.95 19.35 18.57
N VAL A 204 1.64 19.84 17.55
CA VAL A 204 3.09 20.04 17.60
C VAL A 204 3.33 21.53 17.51
N VAL A 205 3.72 22.14 18.62
CA VAL A 205 4.07 23.56 18.60
C VAL A 205 5.57 23.66 18.38
N THR A 206 5.97 24.46 17.38
CA THR A 206 7.39 24.63 17.07
C THR A 206 7.82 26.03 17.50
N PHE A 207 9.03 26.12 18.04
CA PHE A 207 9.60 27.40 18.44
C PHE A 207 11.07 27.38 18.06
N SER A 208 11.46 28.28 17.16
CA SER A 208 12.85 28.43 16.72
C SER A 208 13.34 29.82 17.09
N VAL A 209 14.52 29.88 17.71
CA VAL A 209 15.27 31.12 17.89
C VAL A 209 16.50 31.01 17.03
N HIS A 210 16.83 32.09 16.32
CA HIS A 210 17.82 31.96 15.25
C HIS A 210 18.25 33.35 14.84
N HIS A 211 19.35 33.41 14.10
CA HIS A 211 19.68 34.62 13.38
C HIS A 211 18.89 34.68 12.08
N ALA A 212 18.43 35.88 11.73
CA ALA A 212 17.87 36.09 10.40
C ALA A 212 18.29 37.46 9.93
N SER A 213 18.63 37.54 8.65
CA SER A 213 19.10 38.78 8.03
C SER A 213 19.12 38.57 6.51
N PRO A 214 19.11 39.65 5.73
CA PRO A 214 18.96 39.47 4.27
C PRO A 214 20.08 38.61 3.70
N GLY A 215 19.70 37.57 2.94
CA GLY A 215 20.67 36.70 2.31
C GLY A 215 21.16 35.57 3.19
N PHE A 216 20.78 35.55 4.46
CA PHE A 216 21.26 34.53 5.41
C PHE A 216 20.36 33.30 5.35
N PHE A 217 20.96 32.12 5.21
CA PHE A 217 20.25 30.84 5.13
C PHE A 217 19.38 30.56 6.38
N PRO A 218 18.18 29.98 6.21
CA PRO A 218 17.49 29.66 4.97
C PRO A 218 16.56 30.75 4.50
N GLY A 219 16.40 31.81 5.30
CA GLY A 219 15.65 32.99 4.89
C GLY A 219 14.33 33.17 5.59
N THR A 220 13.82 32.13 6.22
CA THR A 220 12.51 32.14 6.84
C THR A 220 12.65 32.40 8.35
N GLY A 221 11.55 32.30 9.08
CA GLY A 221 11.57 32.57 10.51
C GLY A 221 11.58 34.02 10.87
N THR A 222 11.12 34.90 9.98
CA THR A 222 11.13 36.33 10.24
C THR A 222 10.00 36.97 9.44
N TRP A 223 9.95 38.30 9.45
CA TRP A 223 8.95 39.00 8.65
C TRP A 223 9.13 38.63 7.18
N ASN A 224 8.01 38.46 6.46
CA ASN A 224 8.16 38.11 5.04
C ASN A 224 7.09 38.80 4.21
N MET A 225 7.39 38.93 2.91
CA MET A 225 6.54 39.61 1.95
C MET A 225 5.86 38.64 0.99
N LYS A 230 2.65 45.21 -0.23
CA LYS A 230 2.11 45.56 1.08
C LYS A 230 3.22 45.66 2.14
N LEU A 231 2.84 45.42 3.41
CA LEU A 231 3.68 45.47 4.59
C LEU A 231 3.96 44.06 5.09
N PRO A 232 5.19 43.75 5.51
CA PRO A 232 5.54 42.35 5.82
C PRO A 232 4.81 41.85 7.06
N ILE A 233 4.50 40.56 7.03
CA ILE A 233 3.70 39.91 8.07
C ILE A 233 4.50 38.76 8.66
N PHE A 234 4.20 38.41 9.90
CA PHE A 234 4.76 37.24 10.55
C PHE A 234 3.78 36.07 10.42
N LEU A 235 4.10 35.10 9.56
CA LEU A 235 3.27 33.90 9.44
C LEU A 235 3.52 32.97 10.62
N ASN A 236 2.48 32.22 11.02
CA ASN A 236 2.61 31.44 12.24
C ASN A 236 1.84 30.13 12.18
N GLY A 237 1.59 29.59 11.00
CA GLY A 237 0.84 28.36 10.83
C GLY A 237 -0.45 28.60 10.06
N ALA A 238 -1.10 27.49 9.72
CA ALA A 238 -2.29 27.60 8.87
C ALA A 238 -3.30 26.51 9.22
N GLY A 239 -4.53 26.73 8.77
CA GLY A 239 -5.58 25.78 9.07
C GLY A 239 -5.79 25.67 10.57
N ARG A 240 -6.01 24.44 11.04
CA ARG A 240 -6.11 24.19 12.46
C ARG A 240 -4.78 24.44 13.17
N GLY A 241 -3.69 24.59 12.43
CA GLY A 241 -2.38 24.92 12.96
C GLY A 241 -2.09 26.40 13.12
N ARG A 242 -3.07 27.28 12.84
CA ARG A 242 -2.86 28.71 13.00
C ARG A 242 -2.33 29.02 14.40
N PHE A 243 -1.33 29.91 14.48
CA PHE A 243 -0.69 30.38 15.70
C PHE A 243 0.21 29.33 16.35
N SER A 244 0.51 28.21 15.70
CA SER A 244 1.24 27.13 16.35
C SER A 244 2.71 27.06 15.95
N ALA A 245 3.19 27.96 15.10
CA ALA A 245 4.61 28.04 14.74
C ALA A 245 5.17 29.36 15.25
N PHE A 246 6.07 29.29 16.25
CA PHE A 246 6.66 30.46 16.89
C PHE A 246 8.10 30.67 16.42
N ASN A 247 8.51 31.93 16.32
CA ASN A 247 9.83 32.30 15.85
C ASN A 247 10.34 33.54 16.56
N LEU A 248 11.63 33.53 16.88
CA LEU A 248 12.32 34.69 17.46
C LEU A 248 13.61 34.93 16.70
N PRO A 249 13.59 35.79 15.69
CA PRO A 249 14.82 36.13 14.97
C PRO A 249 15.60 37.18 15.75
N LEU A 250 16.92 37.03 15.77
CA LEU A 250 17.79 37.90 16.56
C LEU A 250 18.90 38.45 15.69
N GLU A 251 19.31 39.69 15.98
CA GLU A 251 20.43 40.31 15.29
C GLU A 251 21.75 39.68 15.72
N GLU A 252 22.77 39.85 14.88
CA GLU A 252 24.06 39.23 15.15
C GLU A 252 24.73 39.88 16.35
N GLY A 253 25.60 39.11 17.01
CA GLY A 253 26.38 39.58 18.13
C GLY A 253 25.81 39.33 19.52
N ILE A 254 24.68 38.64 19.66
CA ILE A 254 24.04 38.51 20.97
C ILE A 254 24.87 37.59 21.87
N ASN A 255 24.93 37.93 23.16
CA ASN A 255 25.75 37.17 24.10
C ASN A 255 24.87 36.23 24.94
N ASP A 256 25.52 35.47 25.85
CA ASP A 256 24.82 34.48 26.66
C ASP A 256 23.65 35.09 27.42
N LEU A 257 23.90 36.21 28.12
CA LEU A 257 22.87 36.75 29.00
C LEU A 257 21.68 37.29 28.21
N ASP A 258 21.95 38.07 27.16
CA ASP A 258 20.85 38.63 26.37
C ASP A 258 20.07 37.53 25.64
N TRP A 259 20.76 36.51 25.13
CA TRP A 259 20.04 35.43 24.47
C TRP A 259 19.20 34.66 25.49
N SER A 260 19.74 34.44 26.70
CA SER A 260 18.98 33.77 27.76
C SER A 260 17.75 34.57 28.15
N ASN A 261 17.91 35.88 28.36
CA ASN A 261 16.78 36.74 28.70
C ASN A 261 15.74 36.80 27.58
N ALA A 262 16.19 36.66 26.32
CA ALA A 262 15.25 36.73 25.21
C ALA A 262 14.36 35.49 25.15
N ILE A 263 14.93 34.32 25.46
CA ILE A 263 14.25 33.05 25.17
C ILE A 263 13.57 32.51 26.43
N GLY A 264 14.09 32.91 27.60
CA GLY A 264 13.65 32.36 28.86
C GLY A 264 12.16 32.44 29.10
N PRO A 265 11.59 33.65 29.10
CA PRO A 265 10.15 33.78 29.35
C PRO A 265 9.29 33.14 28.27
N ILE A 266 9.78 33.09 27.03
CA ILE A 266 9.01 32.41 25.98
C ILE A 266 8.90 30.93 26.30
N LEU A 267 10.04 30.30 26.65
CA LEU A 267 10.03 28.87 26.96
C LEU A 267 9.09 28.56 28.13
N ASP A 268 9.18 29.34 29.20
CA ASP A 268 8.31 29.09 30.35
C ASP A 268 6.83 29.27 29.97
N SER A 269 6.52 30.27 29.17
CA SER A 269 5.12 30.51 28.83
C SER A 269 4.58 29.42 27.89
N LEU A 270 5.40 28.93 26.96
CA LEU A 270 4.98 27.80 26.14
C LEU A 270 4.69 26.58 27.00
N ASN A 271 5.55 26.30 27.98
CA ASN A 271 5.32 25.11 28.81
C ASN A 271 4.06 25.26 29.65
N ILE A 272 3.82 26.46 30.18
CA ILE A 272 2.63 26.71 31.00
C ILE A 272 1.35 26.52 30.18
N VAL A 273 1.31 27.11 28.98
CA VAL A 273 0.09 27.12 28.18
C VAL A 273 -0.11 25.79 27.45
N ILE A 274 0.95 25.23 26.87
CA ILE A 274 0.80 24.03 26.04
C ILE A 274 0.69 22.78 26.90
N GLN A 275 1.37 22.75 28.05
CA GLN A 275 1.53 21.56 28.89
C GLN A 275 1.92 20.37 28.03
N PRO A 276 3.10 20.41 27.41
CA PRO A 276 3.47 19.35 26.46
C PRO A 276 3.61 17.98 27.10
N SER A 277 3.29 16.95 26.31
CA SER A 277 3.54 15.57 26.70
C SER A 277 5.00 15.20 26.53
N TYR A 278 5.66 15.80 25.53
CA TYR A 278 7.07 15.59 25.21
C TYR A 278 7.68 16.93 24.80
N VAL A 279 8.98 17.09 25.04
CA VAL A 279 9.73 18.22 24.51
C VAL A 279 10.85 17.67 23.63
N VAL A 280 11.04 18.26 22.46
CA VAL A 280 12.12 17.87 21.57
C VAL A 280 12.97 19.12 21.37
N VAL A 281 14.26 19.02 21.69
CA VAL A 281 15.18 20.17 21.62
C VAL A 281 16.24 19.88 20.59
N GLN A 282 16.37 20.77 19.60
CA GLN A 282 17.50 20.75 18.69
C GLN A 282 18.55 21.70 19.27
N CYS A 283 19.78 21.20 19.45
CA CYS A 283 20.82 21.92 20.15
CA CYS A 283 20.83 21.91 20.15
C CYS A 283 22.03 22.18 19.25
N GLY A 284 21.77 22.58 18.00
CA GLY A 284 22.88 22.91 17.10
C GLY A 284 23.84 23.90 17.74
N ALA A 285 25.14 23.67 17.58
CA ALA A 285 26.18 24.39 18.32
C ALA A 285 26.72 25.59 17.55
N ASP A 286 26.07 25.98 16.44
CA ASP A 286 26.65 27.06 15.66
C ASP A 286 26.35 28.46 16.20
N CYS A 287 25.69 28.57 17.36
CA CYS A 287 25.62 29.86 18.05
C CYS A 287 26.87 30.16 18.86
N LEU A 288 27.79 29.22 19.01
CA LEU A 288 28.98 29.50 19.80
C LEU A 288 29.78 30.63 19.19
N ALA A 289 30.39 31.45 20.05
CA ALA A 289 31.21 32.56 19.59
C ALA A 289 32.34 32.09 18.69
N THR A 290 32.76 30.83 18.83
CA THR A 290 33.90 30.27 18.12
C THR A 290 33.49 29.45 16.90
N ASP A 291 32.19 29.37 16.60
CA ASP A 291 31.80 28.77 15.34
C ASP A 291 32.34 29.64 14.21
N PRO A 292 32.75 29.04 13.09
CA PRO A 292 33.19 29.85 11.94
C PRO A 292 32.09 30.71 11.33
N HIS A 293 30.81 30.48 11.64
CA HIS A 293 29.81 31.46 11.20
C HIS A 293 30.09 32.83 11.82
N ARG A 294 30.54 32.85 13.08
CA ARG A 294 30.86 34.06 13.83
C ARG A 294 29.69 35.04 13.84
N ILE A 295 28.54 34.56 14.30
CA ILE A 295 27.31 35.35 14.29
C ILE A 295 26.86 35.70 15.71
N PHE A 296 26.56 34.69 16.52
CA PHE A 296 26.22 34.89 17.91
C PHE A 296 27.47 34.68 18.76
N ARG A 297 27.35 35.02 20.03
CA ARG A 297 28.50 34.97 20.92
C ARG A 297 28.19 34.13 22.16
N LEU A 298 27.51 33.00 21.96
CA LEU A 298 27.24 32.12 23.08
C LEU A 298 28.49 31.33 23.46
N THR A 299 28.50 30.80 24.69
CA THR A 299 29.64 30.03 25.16
C THR A 299 29.15 28.66 25.63
N ASN A 300 30.08 27.90 26.20
CA ASN A 300 29.75 26.70 26.95
C ASN A 300 30.07 26.87 28.44
N PHE A 301 30.14 28.10 28.91
CA PHE A 301 30.62 28.35 30.27
C PHE A 301 29.58 27.88 31.28
N TYR A 302 30.06 27.36 32.40
CA TYR A 302 29.17 26.86 33.42
C TYR A 302 29.76 27.16 34.78
N PRO A 303 29.20 28.12 35.51
CA PRO A 303 29.74 28.47 36.83
C PRO A 303 29.67 27.30 37.81
N ASN A 304 30.71 27.20 38.64
CA ASN A 304 30.84 26.15 39.65
C ASN A 304 30.17 26.66 40.92
N LEU A 305 28.88 26.37 41.07
CA LEU A 305 28.10 26.90 42.19
C LEU A 305 27.37 25.83 43.01
N LEU A 317 27.11 32.27 32.30
CA LEU A 317 26.40 31.01 32.07
C LEU A 317 25.96 30.86 30.61
N SER A 318 26.45 29.79 29.98
CA SER A 318 26.09 29.44 28.61
C SER A 318 24.60 29.56 28.39
N GLY A 319 24.23 30.31 27.35
CA GLY A 319 22.83 30.32 26.92
C GLY A 319 22.28 28.92 26.70
N TYR A 320 23.06 28.06 26.06
CA TYR A 320 22.61 26.69 25.83
C TYR A 320 22.28 25.99 27.15
N LEU A 321 23.21 26.05 28.10
CA LEU A 321 23.01 25.36 29.38
C LEU A 321 21.87 25.98 30.16
N TYR A 322 21.72 27.31 30.08
CA TYR A 322 20.57 27.98 30.67
C TYR A 322 19.27 27.40 30.13
N ALA A 323 19.16 27.25 28.81
CA ALA A 323 17.93 26.80 28.19
C ALA A 323 17.64 25.33 28.50
N ILE A 324 18.68 24.48 28.44
CA ILE A 324 18.46 23.07 28.69
C ILE A 324 18.08 22.84 30.16
N LYS A 325 18.74 23.53 31.09
CA LYS A 325 18.38 23.39 32.50
C LYS A 325 16.93 23.79 32.73
N LYS A 326 16.48 24.87 32.09
CA LYS A 326 15.09 25.32 32.25
C LYS A 326 14.12 24.28 31.69
N ILE A 327 14.38 23.79 30.49
CA ILE A 327 13.51 22.78 29.89
C ILE A 327 13.46 21.53 30.78
N LEU A 328 14.62 21.05 31.23
CA LEU A 328 14.62 19.84 32.04
C LEU A 328 13.96 20.05 33.40
N SER A 329 13.88 21.30 33.89
CA SER A 329 13.20 21.54 35.16
C SER A 329 11.70 21.31 35.07
N TRP A 330 11.15 21.27 33.86
CA TRP A 330 9.73 21.02 33.69
C TRP A 330 9.35 19.57 33.98
N LYS A 331 10.33 18.65 34.01
CA LYS A 331 10.09 17.23 34.26
C LYS A 331 9.13 16.61 33.24
N VAL A 332 9.32 16.97 31.97
CA VAL A 332 8.58 16.39 30.84
C VAL A 332 9.55 15.52 30.06
N PRO A 333 9.17 14.32 29.63
CA PRO A 333 10.09 13.48 28.83
C PRO A 333 10.62 14.25 27.63
N THR A 334 11.95 14.23 27.46
CA THR A 334 12.62 15.15 26.56
C THR A 334 13.63 14.44 25.67
N LEU A 335 13.62 14.80 24.40
CA LEU A 335 14.59 14.33 23.43
C LEU A 335 15.53 15.51 23.14
N ILE A 336 16.83 15.30 23.30
CA ILE A 336 17.84 16.33 23.00
C ILE A 336 18.65 15.88 21.79
N LEU A 337 18.66 16.70 20.74
CA LEU A 337 19.33 16.37 19.48
C LEU A 337 20.44 17.36 19.18
N GLY A 338 21.35 16.93 18.30
CA GLY A 338 22.41 17.80 17.82
C GLY A 338 21.96 18.72 16.70
N GLY A 339 22.82 18.93 15.72
CA GLY A 339 22.49 19.79 14.59
C GLY A 339 23.73 20.48 14.07
N GLY A 340 23.67 21.78 13.83
CA GLY A 340 24.80 22.48 13.27
C GLY A 340 25.96 22.55 14.25
N GLY A 341 27.12 22.97 13.75
CA GLY A 341 28.27 23.12 14.60
C GLY A 341 29.50 22.74 13.80
N TYR A 342 30.21 23.74 13.29
CA TYR A 342 31.31 23.48 12.36
C TYR A 342 32.69 23.64 12.99
N ASN A 343 32.77 24.02 14.26
CA ASN A 343 34.02 23.95 15.02
C ASN A 343 33.90 22.65 15.83
N PHE A 344 34.50 21.56 15.33
CA PHE A 344 34.22 20.26 15.93
C PHE A 344 34.68 20.17 17.38
N PRO A 345 35.89 20.58 17.77
CA PRO A 345 36.24 20.46 19.19
C PRO A 345 35.33 21.29 20.09
N ASP A 346 34.95 22.49 19.64
CA ASP A 346 34.11 23.33 20.50
C ASP A 346 32.70 22.81 20.53
N THR A 347 32.25 22.15 19.47
CA THR A 347 30.95 21.47 19.51
C THR A 347 30.98 20.33 20.53
N ALA A 348 32.05 19.52 20.52
CA ALA A 348 32.22 18.50 21.55
C ALA A 348 32.29 19.11 22.95
N ARG A 349 33.01 20.23 23.10
CA ARG A 349 33.08 20.90 24.40
C ARG A 349 31.68 21.29 24.90
N LEU A 350 30.85 21.84 24.01
CA LEU A 350 29.50 22.22 24.43
C LEU A 350 28.64 21.01 24.76
N TRP A 351 28.60 20.02 23.86
CA TRP A 351 27.67 18.91 24.02
C TRP A 351 28.08 18.01 25.18
N THR A 352 29.38 18.00 25.50
CA THR A 352 29.80 17.29 26.72
C THR A 352 29.21 17.96 27.95
N ARG A 353 29.20 19.29 27.99
CA ARG A 353 28.59 19.97 29.13
C ARG A 353 27.07 19.81 29.14
N VAL A 354 26.41 19.82 27.96
CA VAL A 354 24.98 19.55 27.95
C VAL A 354 24.69 18.15 28.51
N THR A 355 25.51 17.18 28.13
CA THR A 355 25.31 15.81 28.59
C THR A 355 25.46 15.71 30.11
N ALA A 356 26.54 16.27 30.65
CA ALA A 356 26.74 16.27 32.10
C ALA A 356 25.62 17.01 32.82
N LEU A 357 25.15 18.13 32.27
CA LEU A 357 24.04 18.86 32.90
C LEU A 357 22.77 18.01 32.93
N THR A 358 22.49 17.26 31.85
CA THR A 358 21.30 16.43 31.81
C THR A 358 21.35 15.37 32.90
N ILE A 359 22.50 14.71 33.07
CA ILE A 359 22.64 13.73 34.15
C ILE A 359 22.37 14.38 35.50
N GLU A 360 22.91 15.59 35.70
CA GLU A 360 22.82 16.25 36.98
C GLU A 360 21.39 16.65 37.31
N GLU A 361 20.69 17.20 36.32
CA GLU A 361 19.31 17.65 36.52
C GLU A 361 18.35 16.48 36.66
N VAL A 362 18.56 15.41 35.89
CA VAL A 362 17.60 14.31 35.89
C VAL A 362 17.80 13.42 37.11
N LYS A 363 19.05 13.09 37.40
CA LYS A 363 19.37 12.13 38.45
C LYS A 363 19.55 12.77 39.82
N GLY A 364 19.92 14.06 39.87
CA GLY A 364 20.35 14.69 41.09
C GLY A 364 21.81 14.50 41.41
N LYS A 365 22.46 13.49 40.82
CA LYS A 365 23.87 13.17 41.09
C LYS A 365 24.75 14.27 40.53
N LYS A 366 25.46 14.98 41.41
CA LYS A 366 26.41 15.99 40.95
C LYS A 366 27.41 15.37 39.99
N MET A 367 27.78 16.12 38.95
CA MET A 367 28.74 15.68 37.95
C MET A 367 29.92 16.61 38.00
N THR A 368 31.11 16.05 38.20
CA THR A 368 32.33 16.84 38.34
C THR A 368 33.14 16.72 37.06
N ILE A 369 33.42 17.86 36.44
CA ILE A 369 34.10 17.91 35.15
C ILE A 369 35.39 18.73 35.30
N SER A 370 36.52 18.09 35.08
CA SER A 370 37.81 18.76 35.18
C SER A 370 37.91 19.88 34.15
N PRO A 371 38.44 21.05 34.53
CA PRO A 371 38.64 22.14 33.54
C PRO A 371 39.63 21.79 32.44
N GLU A 372 40.43 20.76 32.60
CA GLU A 372 41.38 20.35 31.58
C GLU A 372 40.85 19.14 30.82
N ILE A 373 40.97 19.20 29.49
CA ILE A 373 40.54 18.08 28.64
C ILE A 373 41.30 16.81 29.01
N PRO A 374 40.63 15.69 29.25
CA PRO A 374 41.36 14.46 29.61
C PRO A 374 42.12 13.91 28.42
N GLU A 375 43.24 13.25 28.71
CA GLU A 375 43.95 12.58 27.63
C GLU A 375 43.07 11.49 27.03
N HIS A 376 43.03 11.43 25.71
CA HIS A 376 42.27 10.41 24.97
C HIS A 376 42.66 10.53 23.49
N SER A 377 41.99 9.75 22.65
CA SER A 377 42.39 9.63 21.25
C SER A 377 42.50 10.99 20.55
N TYR A 378 41.53 11.87 20.80
CA TYR A 378 41.46 13.16 20.11
C TYR A 378 41.97 14.31 20.96
N PHE A 379 42.73 14.02 22.02
CA PHE A 379 43.29 15.06 22.88
C PHE A 379 43.94 16.18 22.07
N SER A 380 44.72 15.82 21.04
CA SER A 380 45.51 16.83 20.34
C SER A 380 44.64 17.81 19.60
N ARG A 381 43.38 17.44 19.30
CA ARG A 381 42.45 18.34 18.64
C ARG A 381 41.99 19.49 19.52
N TYR A 382 42.26 19.43 20.83
CA TYR A 382 41.83 20.46 21.75
C TYR A 382 42.95 21.44 22.08
N GLY A 383 44.04 21.42 21.33
CA GLY A 383 45.11 22.39 21.50
C GLY A 383 44.68 23.78 21.09
N PRO A 384 45.48 24.81 21.43
CA PRO A 384 46.77 24.62 22.11
C PRO A 384 46.68 24.66 23.63
N ASP A 385 45.52 25.01 24.21
CA ASP A 385 45.43 25.12 25.66
C ASP A 385 44.71 23.96 26.34
N PHE A 386 43.92 23.16 25.62
CA PHE A 386 43.39 21.90 26.13
C PHE A 386 42.46 22.11 27.32
N GLU A 387 41.69 23.19 27.30
CA GLU A 387 40.70 23.49 28.32
C GLU A 387 39.31 23.05 27.87
N LEU A 388 38.43 22.82 28.84
CA LEU A 388 37.04 22.53 28.50
C LEU A 388 36.29 23.79 28.05
N ASP A 389 36.48 24.91 28.76
CA ASP A 389 35.89 26.16 28.30
C ASP A 389 36.35 26.49 26.89
N ILE A 390 35.43 27.03 26.06
CA ILE A 390 35.87 27.50 24.75
C ILE A 390 36.75 28.73 24.92
N ASP A 391 37.55 28.98 23.90
CA ASP A 391 38.55 30.05 23.90
C ASP A 391 37.86 31.33 23.44
N TYR A 392 37.16 31.99 24.37
CA TYR A 392 36.44 33.21 24.05
C TYR A 392 36.39 34.12 25.27
N PHE A 393 36.61 35.41 25.02
CA PHE A 393 36.55 36.45 26.05
C PHE A 393 35.33 37.34 25.81
N PRO A 394 34.23 37.18 26.58
CA PRO A 394 33.05 38.02 26.41
C PRO A 394 33.27 39.47 26.85
N ASP A 403 14.94 46.33 22.94
CA ASP A 403 13.78 47.03 22.40
C ASP A 403 13.14 46.24 21.27
N SER A 404 13.96 45.79 20.32
CA SER A 404 13.50 44.83 19.32
C SER A 404 12.98 43.57 20.00
N ILE A 405 13.68 43.12 21.05
CA ILE A 405 13.27 41.90 21.74
C ILE A 405 12.00 42.12 22.54
N GLN A 406 11.82 43.31 23.09
CA GLN A 406 10.57 43.63 23.77
C GLN A 406 9.39 43.59 22.80
N LYS A 407 9.57 44.08 21.58
CA LYS A 407 8.50 44.02 20.58
C LYS A 407 8.16 42.58 20.21
N HIS A 408 9.17 41.72 20.03
CA HIS A 408 8.93 40.31 19.73
C HIS A 408 8.20 39.62 20.88
N HIS A 409 8.56 39.95 22.13
CA HIS A 409 7.90 39.33 23.27
C HIS A 409 6.40 39.65 23.28
N ARG A 410 6.04 40.90 22.98
CA ARG A 410 4.62 41.25 22.92
C ARG A 410 3.92 40.52 21.78
N ARG A 411 4.56 40.44 20.61
CA ARG A 411 3.98 39.72 19.49
C ARG A 411 3.81 38.23 19.82
N ILE A 412 4.82 37.61 20.44
CA ILE A 412 4.75 36.19 20.75
C ILE A 412 3.71 35.93 21.83
N LEU A 413 3.62 36.83 22.81
CA LEU A 413 2.64 36.65 23.87
C LEU A 413 1.23 36.73 23.32
N GLU A 414 1.03 37.63 22.36
CA GLU A 414 -0.26 37.73 21.67
C GLU A 414 -0.56 36.46 20.87
N GLN A 415 0.44 35.92 20.16
CA GLN A 415 0.22 34.72 19.37
C GLN A 415 -0.10 33.54 20.29
N LEU A 416 0.56 33.49 21.45
CA LEU A 416 0.32 32.40 22.39
C LEU A 416 -1.12 32.45 22.92
N ARG A 417 -1.60 33.65 23.25
CA ARG A 417 -3.00 33.82 23.64
C ARG A 417 -3.92 33.40 22.51
N ASN A 418 -3.64 33.83 21.28
CA ASN A 418 -4.42 33.42 20.13
C ASN A 418 -4.40 31.90 19.96
N TYR A 419 -3.21 31.29 20.09
CA TYR A 419 -3.12 29.83 20.01
C TYR A 419 -4.02 29.17 21.05
N ALA A 420 -3.92 29.64 22.30
CA ALA A 420 -4.69 29.04 23.38
C ALA A 420 -6.19 29.24 23.17
N ASP A 421 -6.58 30.41 22.66
CA ASP A 421 -8.00 30.65 22.38
C ASP A 421 -8.52 29.71 21.30
N LEU A 422 -7.75 29.54 20.23
CA LEU A 422 -8.20 28.70 19.12
C LEU A 422 -8.33 27.24 19.55
N ASN A 423 -7.49 26.79 20.49
CA ASN A 423 -7.42 25.38 20.85
C ASN A 423 -8.09 25.09 22.19
N LYS A 424 -8.94 25.99 22.68
CA LYS A 424 -9.72 25.82 23.89
C LYS A 424 -8.88 25.55 25.12
N LEU A 425 -7.57 25.77 25.05
CA LEU A 425 -6.75 25.66 26.25
C LEU A 425 -6.97 26.90 27.11
N ILE A 426 -6.89 26.72 28.43
CA ILE A 426 -7.01 27.86 29.34
C ILE A 426 -5.89 27.76 30.35
N TYR A 427 -5.54 28.92 30.90
CA TYR A 427 -4.28 29.23 31.55
C TYR A 427 -4.47 30.61 32.18
N ASP A 428 -3.58 30.98 33.08
CA ASP A 428 -3.70 32.28 33.74
C ASP A 428 -3.14 33.36 32.83
N TYR A 429 -4.03 34.11 32.19
CA TYR A 429 -3.65 35.25 31.36
C TYR A 429 -3.15 36.40 32.23
N ASP A 430 -2.18 36.12 33.11
CA ASP A 430 -1.64 37.13 33.99
C ASP A 430 -0.33 36.62 34.58
N GLN A 431 -0.33 35.33 34.96
CA GLN A 431 0.89 34.66 35.34
C GLN A 431 1.81 34.46 34.14
N VAL A 432 1.23 34.20 32.97
CA VAL A 432 2.02 34.16 31.74
C VAL A 432 2.53 35.56 31.39
N TYR A 433 1.64 36.56 31.43
CA TYR A 433 2.06 37.93 31.18
C TYR A 433 3.16 38.35 32.16
N GLN A 434 3.01 37.98 33.44
CA GLN A 434 4.01 38.29 34.44
C GLN A 434 5.40 37.79 34.06
N LEU A 435 5.48 36.66 33.35
CA LEU A 435 6.77 36.07 33.02
C LEU A 435 7.68 37.00 32.25
N TYR A 436 7.14 38.00 31.57
CA TYR A 436 7.96 38.90 30.75
C TYR A 436 8.32 40.20 31.46
N SER B 3 26.36 -42.56 11.08
CA SER B 3 25.57 -42.22 12.27
C SER B 3 25.17 -40.74 12.27
N VAL B 4 23.88 -40.47 12.45
CA VAL B 4 23.36 -39.10 12.54
C VAL B 4 22.79 -38.90 13.92
N GLY B 5 23.30 -37.88 14.62
CA GLY B 5 22.80 -37.53 15.94
C GLY B 5 21.86 -36.34 15.91
N ILE B 6 21.04 -36.24 16.94
CA ILE B 6 20.16 -35.09 17.12
C ILE B 6 20.08 -34.78 18.61
N VAL B 7 20.18 -33.51 18.97
CA VAL B 7 20.17 -33.08 20.37
C VAL B 7 18.73 -32.95 20.86
N TYR B 8 18.38 -33.68 21.92
CA TYR B 8 17.11 -33.45 22.58
CA TYR B 8 17.06 -33.58 22.52
C TYR B 8 17.15 -34.10 23.96
N GLY B 9 16.18 -33.68 24.76
CA GLY B 9 16.00 -34.18 26.12
C GLY B 9 14.74 -33.54 26.66
N ASP B 10 14.21 -34.15 27.73
CA ASP B 10 12.96 -33.62 28.27
C ASP B 10 13.15 -32.22 28.84
N GLN B 11 14.17 -32.04 29.69
CA GLN B 11 14.41 -30.72 30.25
C GLN B 11 14.88 -29.74 29.18
N TYR B 12 15.71 -30.23 28.26
CA TYR B 12 16.16 -29.41 27.13
C TYR B 12 14.97 -28.87 26.35
N ARG B 13 13.97 -29.70 26.08
CA ARG B 13 12.78 -29.25 25.36
C ARG B 13 12.06 -28.15 26.14
N GLN B 14 11.89 -28.33 27.45
CA GLN B 14 11.20 -27.32 28.24
C GLN B 14 11.91 -25.97 28.18
N LEU B 15 13.24 -25.99 28.33
CA LEU B 15 14.01 -24.75 28.32
C LEU B 15 14.00 -24.10 26.95
N CYS B 16 14.16 -24.90 25.89
CA CYS B 16 14.13 -24.33 24.54
C CYS B 16 12.77 -23.76 24.18
N CYS B 17 11.70 -24.18 24.88
CA CYS B 17 10.37 -23.63 24.67
C CYS B 17 9.98 -22.56 25.69
N SER B 18 10.93 -22.04 26.48
CA SER B 18 10.57 -21.10 27.54
C SER B 18 10.75 -19.63 27.16
N SER B 19 11.15 -19.31 25.91
CA SER B 19 11.40 -17.90 25.62
C SER B 19 10.15 -17.22 25.04
N PRO B 20 10.00 -15.91 25.28
CA PRO B 20 8.86 -15.18 24.70
C PRO B 20 8.89 -15.07 23.18
N LYS B 21 10.07 -15.02 22.57
CA LYS B 21 10.13 -14.84 21.13
C LYS B 21 9.89 -16.14 20.38
N PHE B 22 10.49 -17.24 20.82
CA PHE B 22 10.40 -18.45 20.02
C PHE B 22 9.38 -19.45 20.54
N GLY B 23 8.69 -19.14 21.65
CA GLY B 23 7.61 -19.96 22.16
C GLY B 23 7.85 -21.46 22.06
N ASP B 24 6.90 -22.20 21.48
CA ASP B 24 7.00 -23.65 21.40
C ASP B 24 7.55 -24.15 20.07
N ARG B 25 8.31 -23.31 19.35
CA ARG B 25 8.79 -23.71 18.03
C ARG B 25 9.56 -25.00 18.09
N TYR B 26 10.48 -25.12 19.06
CA TYR B 26 11.32 -26.30 19.17
C TYR B 26 10.47 -27.55 19.32
N ALA B 27 9.42 -27.47 20.12
CA ALA B 27 8.52 -28.60 20.30
C ALA B 27 7.85 -29.00 18.98
N LEU B 28 7.37 -28.02 18.21
CA LEU B 28 6.78 -28.35 16.93
C LEU B 28 7.79 -29.06 16.05
N VAL B 29 9.02 -28.54 15.99
CA VAL B 29 10.06 -29.14 15.16
C VAL B 29 10.30 -30.58 15.55
N MET B 30 10.57 -30.81 16.85
CA MET B 30 10.95 -32.15 17.26
C MET B 30 9.78 -33.11 17.17
N ASP B 31 8.55 -32.63 17.41
CA ASP B 31 7.39 -33.51 17.34
C ASP B 31 7.01 -33.85 15.90
N LEU B 32 7.30 -32.96 14.94
CA LEU B 32 7.06 -33.31 13.54
C LEU B 32 8.07 -34.34 13.08
N ILE B 33 9.33 -34.21 13.51
CA ILE B 33 10.35 -35.21 13.18
C ILE B 33 9.95 -36.54 13.77
N ASN B 34 9.44 -36.51 15.01
CA ASN B 34 8.97 -37.74 15.65
C ASN B 34 7.74 -38.31 14.94
N ALA B 35 6.81 -37.45 14.49
CA ALA B 35 5.59 -37.93 13.84
C ALA B 35 5.88 -38.59 12.50
N TYR B 36 6.92 -38.14 11.81
CA TYR B 36 7.35 -38.75 10.57
C TYR B 36 8.22 -39.99 10.81
N LYS B 37 8.31 -40.44 12.06
CA LYS B 37 9.02 -41.67 12.43
C LYS B 37 10.52 -41.59 12.10
N LEU B 38 11.09 -40.39 12.24
CA LEU B 38 12.52 -40.22 11.99
C LEU B 38 13.36 -40.48 13.23
N ILE B 39 12.77 -40.36 14.43
CA ILE B 39 13.55 -40.46 15.66
C ILE B 39 14.26 -41.81 15.79
N PRO B 40 13.67 -42.95 15.42
CA PRO B 40 14.41 -44.21 15.50
C PRO B 40 15.63 -44.28 14.61
N GLU B 41 15.74 -43.42 13.59
CA GLU B 41 16.91 -43.41 12.73
C GLU B 41 18.06 -42.57 13.29
N LEU B 42 17.83 -41.86 14.39
CA LEU B 42 18.76 -40.86 14.91
C LEU B 42 19.24 -41.26 16.29
N SER B 43 20.49 -40.96 16.56
CA SER B 43 21.05 -41.16 17.89
CA SER B 43 21.07 -41.16 17.88
C SER B 43 20.81 -39.90 18.71
N ARG B 44 20.14 -40.05 19.84
CA ARG B 44 19.97 -38.89 20.73
C ARG B 44 21.32 -38.49 21.33
N VAL B 45 21.65 -37.21 21.19
CA VAL B 45 22.86 -36.63 21.78
C VAL B 45 22.41 -35.81 22.99
N PRO B 46 22.72 -36.21 24.22
CA PRO B 46 22.24 -35.45 25.38
C PRO B 46 22.99 -34.14 25.54
N PRO B 47 22.29 -33.07 25.91
CA PRO B 47 22.97 -31.80 26.20
C PRO B 47 24.04 -32.00 27.28
N LEU B 48 25.17 -31.30 27.10
CA LEU B 48 26.25 -31.31 28.07
C LEU B 48 25.79 -30.71 29.40
N GLN B 49 26.18 -31.35 30.49
CA GLN B 49 26.02 -30.76 31.81
C GLN B 49 27.38 -30.72 32.48
N TRP B 50 27.49 -29.92 33.54
CA TRP B 50 28.78 -29.71 34.16
C TRP B 50 28.71 -30.20 35.61
N ASP B 51 29.87 -30.50 36.17
CA ASP B 51 29.81 -30.94 37.55
C ASP B 51 30.03 -29.80 38.55
N SER B 52 30.04 -28.55 38.11
CA SER B 52 30.07 -27.44 39.06
C SER B 52 29.73 -26.13 38.34
N PRO B 53 29.23 -25.13 39.09
CA PRO B 53 29.13 -23.77 38.55
C PRO B 53 30.42 -23.26 37.94
N SER B 54 31.57 -23.55 38.58
CA SER B 54 32.83 -23.04 38.07
CA SER B 54 32.83 -23.04 38.07
C SER B 54 33.16 -23.64 36.70
N ARG B 55 32.88 -24.93 36.51
CA ARG B 55 33.16 -25.54 35.21
C ARG B 55 32.21 -25.02 34.13
N MET B 56 30.95 -24.76 34.49
CA MET B 56 30.03 -24.13 33.53
C MET B 56 30.55 -22.76 33.12
N TYR B 57 30.92 -21.96 34.11
CA TYR B 57 31.41 -20.60 33.87
C TYR B 57 32.65 -20.63 33.01
N GLU B 58 33.52 -21.61 33.25
CA GLU B 58 34.72 -21.75 32.45
C GLU B 58 34.38 -22.05 30.99
N ALA B 59 33.38 -22.91 30.76
CA ALA B 59 32.98 -23.22 29.40
C ALA B 59 32.42 -21.99 28.69
N VAL B 60 31.49 -21.27 29.33
CA VAL B 60 30.83 -20.15 28.65
C VAL B 60 31.80 -18.99 28.44
N THR B 61 32.71 -18.76 29.41
CA THR B 61 33.62 -17.64 29.27
C THR B 61 34.83 -17.98 28.44
N ALA B 62 34.87 -19.18 27.83
CA ALA B 62 35.82 -19.39 26.75
C ALA B 62 35.64 -18.32 25.68
N PHE B 63 34.40 -17.84 25.48
CA PHE B 63 34.11 -16.76 24.55
C PHE B 63 33.58 -15.51 25.24
N HIS B 64 32.53 -15.63 26.04
CA HIS B 64 31.88 -14.46 26.60
C HIS B 64 32.65 -13.93 27.81
N SER B 65 32.48 -12.64 28.08
CA SER B 65 33.16 -12.05 29.24
C SER B 65 32.49 -12.52 30.53
N THR B 66 33.30 -12.60 31.60
CA THR B 66 32.75 -12.97 32.89
C THR B 66 31.69 -11.96 33.33
N GLU B 67 31.93 -10.68 33.06
CA GLU B 67 30.98 -9.67 33.50
C GLU B 67 29.67 -9.77 32.73
N TYR B 68 29.72 -10.13 31.45
CA TYR B 68 28.47 -10.34 30.71
C TYR B 68 27.70 -11.55 31.24
N VAL B 69 28.39 -12.68 31.46
CA VAL B 69 27.72 -13.85 32.01
C VAL B 69 27.12 -13.53 33.38
N ASP B 70 27.86 -12.81 34.22
CA ASP B 70 27.35 -12.39 35.52
C ASP B 70 26.05 -11.61 35.38
N ALA B 71 26.00 -10.66 34.44
CA ALA B 71 24.81 -9.85 34.28
C ALA B 71 23.64 -10.67 33.78
N LEU B 72 23.89 -11.63 32.88
CA LEU B 72 22.80 -12.41 32.34
C LEU B 72 22.17 -13.28 33.43
N LYS B 73 23.00 -13.82 34.31
CA LYS B 73 22.49 -14.60 35.44
C LYS B 73 21.69 -13.73 36.37
N LYS B 74 22.16 -12.49 36.61
CA LYS B 74 21.41 -11.57 37.48
C LYS B 74 20.09 -11.18 36.86
N LEU B 75 20.10 -10.94 35.54
CA LEU B 75 18.85 -10.61 34.84
C LEU B 75 17.80 -11.69 35.07
N GLN B 76 18.20 -12.96 34.97
CA GLN B 76 17.27 -14.06 35.23
C GLN B 76 16.77 -14.00 36.67
N MET B 77 17.68 -13.85 37.63
CA MET B 77 17.29 -13.75 39.03
C MET B 77 16.26 -12.65 39.24
N LEU B 78 16.50 -11.47 38.66
CA LEU B 78 15.59 -10.34 38.90
C LEU B 78 14.20 -10.63 38.35
N HIS B 79 14.14 -11.27 37.17
CA HIS B 79 12.84 -11.58 36.59
C HIS B 79 12.14 -12.71 37.33
N CYS B 80 12.85 -13.54 38.09
CA CYS B 80 12.20 -14.60 38.83
C CYS B 80 11.53 -14.10 40.11
N GLU B 81 12.00 -12.98 40.64
CA GLU B 81 11.30 -12.28 41.69
C GLU B 81 10.39 -11.21 41.08
N GLU B 82 9.49 -10.68 41.90
CA GLU B 82 8.70 -9.55 41.46
C GLU B 82 9.50 -8.25 41.46
N LYS B 83 10.81 -8.35 41.65
CA LYS B 83 11.67 -7.19 41.81
C LYS B 83 11.66 -6.32 40.56
N GLU B 84 11.29 -5.06 40.72
CA GLU B 84 11.60 -4.07 39.71
C GLU B 84 13.08 -3.72 39.81
N LEU B 85 13.68 -3.41 38.67
CA LEU B 85 15.11 -3.15 38.65
C LEU B 85 15.42 -1.79 39.29
N THR B 86 16.56 -1.73 39.99
CA THR B 86 17.08 -0.48 40.48
C THR B 86 17.70 0.32 39.34
N ALA B 87 17.93 1.62 39.62
CA ALA B 87 18.55 2.49 38.63
C ALA B 87 19.88 1.94 38.15
N ASP B 88 20.70 1.42 39.08
CA ASP B 88 21.99 0.88 38.70
C ASP B 88 21.85 -0.45 37.96
N ASP B 89 20.85 -1.27 38.33
CA ASP B 89 20.63 -2.51 37.61
C ASP B 89 20.23 -2.22 36.16
N GLU B 90 19.41 -1.20 35.95
CA GLU B 90 19.03 -0.82 34.59
C GLU B 90 20.25 -0.41 33.77
N LEU B 91 21.11 0.44 34.35
CA LEU B 91 22.34 0.82 33.66
C LEU B 91 23.21 -0.42 33.39
N LEU B 92 23.29 -1.33 34.34
CA LEU B 92 24.06 -2.56 34.13
C LEU B 92 23.53 -3.34 32.92
N MET B 93 22.22 -3.62 32.90
CA MET B 93 21.66 -4.42 31.80
C MET B 93 21.80 -3.70 30.47
N ASP B 94 21.61 -2.38 30.46
CA ASP B 94 21.75 -1.62 29.21
C ASP B 94 23.17 -1.68 28.66
N SER B 95 24.19 -1.75 29.54
CA SER B 95 25.58 -1.81 29.10
C SER B 95 25.91 -3.09 28.35
N PHE B 96 25.06 -4.13 28.49
CA PHE B 96 25.22 -5.38 27.76
C PHE B 96 24.13 -5.59 26.72
N SER B 97 23.32 -4.55 26.45
CA SER B 97 22.23 -4.61 25.47
C SER B 97 21.16 -5.64 25.85
N LEU B 98 21.02 -5.88 27.15
CA LEU B 98 19.98 -6.77 27.68
C LEU B 98 18.71 -5.94 27.85
N ASN B 99 18.13 -5.54 26.72
CA ASN B 99 16.95 -4.69 26.71
C ASN B 99 16.32 -4.80 25.31
N TYR B 100 15.23 -4.06 25.11
CA TYR B 100 14.57 -3.98 23.81
C TYR B 100 14.32 -5.34 23.19
N ASP B 101 15.05 -5.68 22.12
CA ASP B 101 14.86 -6.96 21.43
C ASP B 101 15.55 -8.12 22.13
N CYS B 102 16.32 -7.86 23.19
CA CYS B 102 16.93 -8.91 24.01
C CYS B 102 16.56 -8.71 25.47
N PRO B 103 15.27 -8.79 25.80
CA PRO B 103 14.84 -8.48 27.16
C PRO B 103 15.08 -9.64 28.11
N GLY B 104 14.97 -9.34 29.41
CA GLY B 104 14.96 -10.39 30.39
C GLY B 104 13.63 -11.13 30.41
N PHE B 105 13.67 -12.34 30.97
CA PHE B 105 12.48 -13.11 31.27
C PHE B 105 12.88 -14.17 32.28
N PRO B 106 11.92 -14.85 32.91
CA PRO B 106 12.28 -15.70 34.05
C PRO B 106 13.30 -16.80 33.75
N SER B 107 13.41 -17.27 32.50
CA SER B 107 14.34 -18.34 32.19
C SER B 107 15.47 -17.89 31.28
N VAL B 108 15.75 -16.58 31.20
CA VAL B 108 16.61 -16.07 30.13
C VAL B 108 17.99 -16.72 30.19
N PHE B 109 18.54 -16.92 31.39
CA PHE B 109 19.86 -17.54 31.45
C PHE B 109 19.79 -19.03 31.14
N ASP B 110 18.88 -19.77 31.81
CA ASP B 110 18.78 -21.20 31.53
C ASP B 110 18.45 -21.47 30.06
N TYR B 111 17.61 -20.64 29.45
CA TYR B 111 17.25 -20.82 28.04
C TYR B 111 18.47 -20.64 27.14
N SER B 112 19.21 -19.54 27.36
CA SER B 112 20.42 -19.24 26.58
C SER B 112 21.49 -20.31 26.80
N LEU B 113 21.68 -20.72 28.05
CA LEU B 113 22.67 -21.74 28.35
C LEU B 113 22.31 -23.09 27.71
N ALA B 114 21.01 -23.42 27.61
CA ALA B 114 20.63 -24.70 27.06
C ALA B 114 21.15 -24.85 25.64
N ALA B 115 21.06 -23.79 24.81
CA ALA B 115 21.55 -23.94 23.44
C ALA B 115 23.03 -24.24 23.44
N VAL B 116 23.79 -23.63 24.37
CA VAL B 116 25.21 -23.90 24.48
C VAL B 116 25.45 -25.35 24.90
N GLN B 117 24.68 -25.82 25.88
CA GLN B 117 24.77 -27.22 26.29
C GLN B 117 24.55 -28.16 25.12
N GLY B 118 23.54 -27.87 24.30
CA GLY B 118 23.26 -28.74 23.17
C GLY B 118 24.36 -28.69 22.13
N SER B 119 24.84 -27.49 21.77
CA SER B 119 25.79 -27.41 20.67
C SER B 119 27.17 -27.88 21.09
N LEU B 120 27.55 -27.71 22.36
CA LEU B 120 28.82 -28.27 22.84
C LEU B 120 28.77 -29.80 22.83
N ALA B 121 27.66 -30.38 23.27
CA ALA B 121 27.51 -31.83 23.19
C ALA B 121 27.58 -32.32 21.75
N ALA B 122 26.92 -31.60 20.83
CA ALA B 122 26.97 -31.97 19.42
C ALA B 122 28.41 -31.98 18.92
N ALA B 123 29.18 -30.93 19.25
CA ALA B 123 30.59 -30.88 18.85
C ALA B 123 31.39 -32.07 19.41
N SER B 124 31.17 -32.42 20.68
CA SER B 124 31.89 -33.55 21.28
C SER B 124 31.53 -34.87 20.59
N ALA B 125 30.27 -35.02 20.16
CA ALA B 125 29.87 -36.23 19.47
C ALA B 125 30.57 -36.39 18.13
N LEU B 126 30.86 -35.28 17.43
CA LEU B 126 31.66 -35.38 16.23
C LEU B 126 33.12 -35.70 16.54
N ILE B 127 33.68 -35.07 17.58
CA ILE B 127 35.10 -35.21 17.87
C ILE B 127 35.45 -36.66 18.16
N CYS B 128 34.61 -37.34 18.94
CA CYS B 128 34.87 -38.73 19.33
C CYS B 128 34.35 -39.72 18.30
N ARG B 129 33.87 -39.24 17.15
CA ARG B 129 33.42 -40.05 16.03
C ARG B 129 32.21 -40.90 16.41
N HIS B 130 31.45 -40.47 17.43
CA HIS B 130 30.18 -41.13 17.69
C HIS B 130 29.20 -40.91 16.55
N CYS B 131 29.21 -39.71 15.98
CA CYS B 131 28.31 -39.35 14.88
C CYS B 131 29.12 -38.71 13.75
N GLU B 132 28.65 -38.91 12.51
CA GLU B 132 29.20 -38.21 11.36
C GLU B 132 28.55 -36.85 11.14
N VAL B 133 27.28 -36.73 11.51
CA VAL B 133 26.56 -35.46 11.50
C VAL B 133 25.80 -35.40 12.80
N VAL B 134 25.69 -34.21 13.39
CA VAL B 134 24.80 -33.97 14.53
C VAL B 134 23.96 -32.75 14.25
N ILE B 135 22.67 -32.84 14.55
CA ILE B 135 21.70 -31.76 14.35
C ILE B 135 21.31 -31.19 15.71
N ASN B 136 21.27 -29.87 15.83
CA ASN B 136 20.73 -29.23 17.03
C ASN B 136 19.77 -28.10 16.63
N TRP B 137 18.47 -28.42 16.60
CA TRP B 137 17.47 -27.42 16.23
C TRP B 137 17.15 -26.47 17.36
N GLY B 138 17.74 -26.65 18.54
CA GLY B 138 17.65 -25.65 19.58
C GLY B 138 18.81 -24.67 19.64
N GLY B 139 19.80 -24.79 18.75
CA GLY B 139 20.94 -23.89 18.72
C GLY B 139 20.94 -23.05 17.45
N GLY B 140 22.05 -22.34 17.25
CA GLY B 140 22.19 -21.50 16.05
C GLY B 140 22.15 -20.00 16.27
N TRP B 141 22.51 -19.53 17.47
CA TRP B 141 22.22 -18.15 17.88
C TRP B 141 23.41 -17.25 17.53
N HIS B 142 23.48 -16.93 16.24
CA HIS B 142 24.70 -16.40 15.65
C HIS B 142 24.96 -14.92 15.94
N HIS B 143 24.00 -14.17 16.49
CA HIS B 143 24.22 -12.74 16.69
C HIS B 143 24.90 -12.39 18.00
N ALA B 144 24.91 -13.29 19.00
CA ALA B 144 25.44 -12.91 20.31
C ALA B 144 26.93 -12.61 20.25
N LYS B 145 27.37 -11.57 20.97
CA LYS B 145 28.76 -11.11 20.99
C LYS B 145 29.42 -11.40 22.33
N ARG B 146 30.74 -11.21 22.40
CA ARG B 146 31.46 -11.50 23.64
C ARG B 146 30.78 -10.90 24.87
N SER B 147 30.40 -9.62 24.81
CA SER B 147 29.74 -8.96 25.93
C SER B 147 28.49 -8.21 25.49
N GLU B 148 27.71 -8.79 24.59
CA GLU B 148 26.51 -8.12 24.10
C GLU B 148 25.49 -9.12 23.59
N ALA B 149 24.25 -9.00 24.07
CA ALA B 149 23.13 -9.71 23.46
C ALA B 149 22.67 -8.96 22.22
N SER B 150 22.20 -9.73 21.22
CA SER B 150 21.76 -9.08 19.98
C SER B 150 20.80 -10.01 19.23
N GLY B 151 19.72 -9.44 18.69
CA GLY B 151 18.83 -10.20 17.83
C GLY B 151 18.28 -11.47 18.44
N PHE B 152 17.78 -11.33 19.68
N PHE B 152 17.78 -11.38 19.66
CA PHE B 152 17.32 -12.39 20.57
CA PHE B 152 17.23 -12.49 20.42
C PHE B 152 18.31 -13.55 20.70
C PHE B 152 18.29 -13.55 20.75
N CYS B 153 19.59 -13.25 20.55
CA CYS B 153 20.68 -14.17 20.83
C CYS B 153 21.43 -13.69 22.08
N TYR B 154 21.47 -14.52 23.11
CA TYR B 154 22.13 -14.11 24.36
C TYR B 154 23.48 -14.76 24.58
N LEU B 155 23.63 -16.05 24.26
CA LEU B 155 24.92 -16.71 24.31
C LEU B 155 25.15 -17.32 22.94
N ASN B 156 26.40 -17.25 22.47
CA ASN B 156 26.72 -17.75 21.13
C ASN B 156 27.15 -19.20 21.22
N ASP B 157 26.15 -20.10 21.12
CA ASP B 157 26.42 -21.53 21.13
C ASP B 157 27.27 -21.93 19.93
N ILE B 158 27.14 -21.20 18.80
CA ILE B 158 27.91 -21.56 17.62
C ILE B 158 29.39 -21.33 17.85
N VAL B 159 29.75 -20.15 18.34
CA VAL B 159 31.15 -19.83 18.59
C VAL B 159 31.74 -20.84 19.55
N LEU B 160 31.00 -21.19 20.60
CA LEU B 160 31.54 -22.11 21.61
C LEU B 160 31.72 -23.52 21.04
N ALA B 161 30.78 -23.95 20.18
CA ALA B 161 30.90 -25.26 19.53
C ALA B 161 32.08 -25.30 18.57
N ILE B 162 32.25 -24.23 17.78
CA ILE B 162 33.38 -24.17 16.85
C ILE B 162 34.69 -24.16 17.62
N HIS B 163 34.75 -23.41 18.72
CA HIS B 163 35.95 -23.40 19.54
C HIS B 163 36.29 -24.80 20.04
N ARG B 164 35.29 -25.56 20.48
CA ARG B 164 35.57 -26.92 20.90
C ARG B 164 36.12 -27.76 19.74
N LEU B 165 35.52 -27.64 18.56
CA LEU B 165 35.98 -28.39 17.38
C LEU B 165 37.40 -28.00 16.98
N VAL B 166 37.65 -26.71 16.82
CA VAL B 166 38.94 -26.29 16.28
C VAL B 166 40.06 -26.62 17.27
N SER B 167 39.76 -26.74 18.55
CA SER B 167 40.77 -27.00 19.58
C SER B 167 40.85 -28.48 19.95
N SER B 168 40.27 -29.35 19.14
CA SER B 168 40.42 -30.78 19.30
C SER B 168 41.57 -31.28 18.42
N THR B 169 41.96 -32.53 18.66
CA THR B 169 43.09 -33.12 17.95
C THR B 169 42.68 -34.33 17.11
N THR B 179 43.78 -28.69 12.11
CA THR B 179 42.30 -28.65 12.16
C THR B 179 41.79 -27.30 11.72
N ARG B 180 41.00 -27.27 10.64
CA ARG B 180 40.29 -26.08 10.20
C ARG B 180 38.80 -26.38 10.19
N VAL B 181 37.99 -25.37 10.52
CA VAL B 181 36.52 -25.47 10.50
C VAL B 181 35.99 -24.52 9.44
N LEU B 182 35.03 -24.98 8.64
CA LEU B 182 34.29 -24.11 7.72
C LEU B 182 32.90 -23.88 8.29
N TYR B 183 32.58 -22.61 8.54
CA TYR B 183 31.27 -22.23 9.04
C TYR B 183 30.45 -21.67 7.88
N VAL B 184 29.23 -22.18 7.70
CA VAL B 184 28.35 -21.77 6.61
C VAL B 184 27.05 -21.28 7.23
N ASP B 185 26.67 -20.04 6.94
CA ASP B 185 25.54 -19.43 7.63
C ASP B 185 24.45 -19.12 6.60
N LEU B 186 23.39 -19.92 6.61
CA LEU B 186 22.31 -19.84 5.62
C LEU B 186 21.13 -18.99 6.06
N ASP B 187 21.18 -18.42 7.27
CA ASP B 187 20.12 -17.56 7.80
C ASP B 187 19.87 -16.37 6.85
N LEU B 188 18.64 -15.85 6.86
CA LEU B 188 18.34 -14.58 6.16
C LEU B 188 19.27 -13.45 6.62
N HIS B 189 19.76 -13.49 7.84
CA HIS B 189 20.56 -12.41 8.41
C HIS B 189 22.04 -12.76 8.41
N HIS B 190 22.86 -11.72 8.31
CA HIS B 190 24.31 -11.87 8.39
C HIS B 190 24.74 -12.49 9.71
N GLY B 191 25.61 -13.49 9.64
CA GLY B 191 26.12 -14.14 10.84
C GLY B 191 27.22 -13.33 11.52
N ASP B 192 26.86 -12.16 12.07
CA ASP B 192 27.86 -11.19 12.50
C ASP B 192 28.61 -11.65 13.75
N GLY B 193 27.91 -12.28 14.70
CA GLY B 193 28.57 -12.65 15.94
C GLY B 193 29.63 -13.72 15.75
N VAL B 194 29.33 -14.72 14.90
CA VAL B 194 30.32 -15.74 14.58
C VAL B 194 31.46 -15.14 13.78
N GLU B 195 31.14 -14.34 12.76
CA GLU B 195 32.20 -13.70 11.98
C GLU B 195 33.15 -12.90 12.86
N GLU B 196 32.61 -12.12 13.79
CA GLU B 196 33.43 -11.26 14.63
C GLU B 196 34.33 -12.06 15.57
N ALA B 197 33.79 -13.14 16.16
CA ALA B 197 34.56 -13.96 17.08
C ALA B 197 35.80 -14.52 16.42
N PHE B 198 35.73 -14.85 15.12
CA PHE B 198 36.83 -15.49 14.41
C PHE B 198 37.51 -14.56 13.40
N TRP B 199 37.32 -13.25 13.54
CA TRP B 199 37.81 -12.26 12.57
C TRP B 199 39.32 -12.34 12.38
N TYR B 200 40.06 -12.74 13.42
CA TYR B 200 41.51 -12.82 13.38
C TYR B 200 42.01 -14.27 13.31
N SER B 201 41.13 -15.24 13.07
CA SER B 201 41.52 -16.65 13.11
CA SER B 201 41.51 -16.65 13.10
C SER B 201 41.48 -17.28 11.72
N PRO B 202 42.62 -17.65 11.15
CA PRO B 202 42.59 -18.35 9.86
C PRO B 202 42.02 -19.73 9.95
N ARG B 203 42.01 -20.36 11.13
CA ARG B 203 41.61 -21.75 11.17
C ARG B 203 40.09 -21.93 11.19
N VAL B 204 39.34 -20.86 11.33
CA VAL B 204 37.87 -20.91 11.24
C VAL B 204 37.49 -19.97 10.11
N VAL B 205 37.10 -20.53 8.97
CA VAL B 205 36.66 -19.70 7.84
C VAL B 205 35.15 -19.57 7.91
N THR B 206 34.65 -18.34 7.88
CA THR B 206 33.22 -18.10 7.98
C THR B 206 32.70 -17.66 6.61
N PHE B 207 31.49 -18.12 6.28
CA PHE B 207 30.83 -17.74 5.03
C PHE B 207 29.35 -17.56 5.33
N SER B 208 28.86 -16.34 5.14
CA SER B 208 27.44 -16.03 5.34
C SER B 208 26.84 -15.55 4.04
N VAL B 209 25.69 -16.11 3.69
CA VAL B 209 24.84 -15.58 2.62
C VAL B 209 23.60 -15.02 3.29
N HIS B 210 23.14 -13.85 2.86
CA HIS B 210 22.11 -13.16 3.64
C HIS B 210 21.56 -12.05 2.79
N HIS B 211 20.44 -11.50 3.23
CA HIS B 211 20.02 -10.21 2.70
C HIS B 211 20.77 -9.09 3.41
N ALA B 212 21.11 -8.04 2.66
CA ALA B 212 21.56 -6.80 3.28
C ALA B 212 20.99 -5.63 2.49
N SER B 213 20.53 -4.61 3.22
CA SER B 213 20.04 -3.35 2.64
C SER B 213 20.00 -2.30 3.74
N PRO B 214 19.94 -1.02 3.38
CA PRO B 214 20.03 0.05 4.41
C PRO B 214 18.96 -0.07 5.48
N GLY B 215 19.40 -0.11 6.73
CA GLY B 215 18.47 -0.23 7.84
C GLY B 215 18.08 -1.65 8.19
N PHE B 216 18.47 -2.65 7.40
CA PHE B 216 18.11 -4.03 7.69
C PHE B 216 19.06 -4.64 8.69
N PHE B 217 18.52 -5.30 9.71
CA PHE B 217 19.31 -5.90 10.77
C PHE B 217 20.23 -7.03 10.27
N PRO B 218 21.47 -7.11 10.76
CA PRO B 218 22.14 -6.27 11.76
C PRO B 218 23.02 -5.18 11.12
N GLY B 219 23.08 -5.15 9.79
CA GLY B 219 23.68 -4.06 9.04
C GLY B 219 25.01 -4.40 8.39
N THR B 220 25.63 -5.49 8.78
CA THR B 220 26.97 -5.88 8.36
C THR B 220 26.87 -6.94 7.26
N GLY B 221 28.04 -7.44 6.85
CA GLY B 221 28.10 -8.44 5.80
C GLY B 221 27.98 -7.87 4.40
N THR B 222 28.39 -6.62 4.20
CA THR B 222 28.20 -6.02 2.89
C THR B 222 29.25 -4.92 2.74
N TRP B 223 29.16 -4.19 1.63
CA TRP B 223 30.15 -3.17 1.31
C TRP B 223 30.35 -2.20 2.46
N ASN B 224 31.60 -1.83 2.68
CA ASN B 224 31.96 -0.78 3.60
C ASN B 224 32.25 0.47 2.78
N MET B 225 31.55 1.56 3.09
CA MET B 225 31.52 2.73 2.23
C MET B 225 31.83 4.03 2.98
N VAL B 226 32.52 3.94 4.13
CA VAL B 226 32.76 5.13 4.96
C VAL B 226 33.74 6.08 4.28
N LYS B 230 37.12 7.08 -2.51
CA LYS B 230 37.42 5.83 -3.21
C LYS B 230 36.24 4.84 -3.16
N LEU B 231 36.32 3.80 -3.98
CA LEU B 231 35.24 2.86 -4.15
C LEU B 231 35.03 2.02 -2.88
N PRO B 232 33.81 1.53 -2.64
CA PRO B 232 33.57 0.72 -1.43
C PRO B 232 34.31 -0.61 -1.47
N ILE B 233 34.65 -1.11 -0.28
CA ILE B 233 35.44 -2.33 -0.13
C ILE B 233 34.69 -3.30 0.77
N PHE B 234 34.98 -4.59 0.59
CA PHE B 234 34.52 -5.63 1.51
C PHE B 234 35.61 -5.90 2.54
N LEU B 235 35.30 -5.71 3.83
CA LEU B 235 36.21 -6.18 4.87
C LEU B 235 36.08 -7.70 4.97
N ASN B 236 37.19 -8.37 5.32
CA ASN B 236 37.19 -9.83 5.19
C ASN B 236 38.10 -10.51 6.22
N GLY B 237 38.28 -9.89 7.38
CA GLY B 237 39.17 -10.39 8.41
C GLY B 237 40.40 -9.51 8.56
N ALA B 238 41.15 -9.76 9.63
CA ALA B 238 42.32 -8.92 9.89
C ALA B 238 43.38 -9.75 10.57
N GLY B 239 44.60 -9.19 10.65
CA GLY B 239 45.68 -9.93 11.26
C GLY B 239 45.94 -11.21 10.50
N ARG B 240 46.18 -12.29 11.24
CA ARG B 240 46.34 -13.61 10.63
C ARG B 240 45.05 -14.11 10.00
N GLY B 241 43.92 -13.49 10.32
CA GLY B 241 42.61 -13.82 9.78
C GLY B 241 42.21 -13.09 8.50
N ARG B 242 43.10 -12.29 7.91
CA ARG B 242 42.77 -11.60 6.67
C ARG B 242 42.36 -12.61 5.61
N PHE B 243 41.28 -12.28 4.88
CA PHE B 243 40.71 -13.07 3.80
C PHE B 243 39.93 -14.30 4.30
N SER B 244 39.77 -14.48 5.61
CA SER B 244 39.10 -15.65 6.15
C SER B 244 37.61 -15.45 6.49
N ALA B 245 37.05 -14.25 6.30
CA ALA B 245 35.62 -14.00 6.52
C ALA B 245 34.96 -13.67 5.19
N PHE B 246 34.05 -14.53 4.73
CA PHE B 246 33.42 -14.43 3.42
C PHE B 246 31.95 -14.03 3.56
N ASN B 247 31.47 -13.19 2.64
CA ASN B 247 30.09 -12.71 2.69
C ASN B 247 29.52 -12.58 1.30
N LEU B 248 28.26 -12.97 1.16
CA LEU B 248 27.52 -12.81 -0.10
C LEU B 248 26.18 -12.16 0.24
N PRO B 249 26.08 -10.84 0.14
CA PRO B 249 24.77 -10.19 0.33
C PRO B 249 23.94 -10.28 -0.93
N LEU B 250 22.63 -10.49 -0.75
CA LEU B 250 21.73 -10.69 -1.88
C LEU B 250 20.52 -9.78 -1.77
N GLU B 251 20.04 -9.28 -2.91
CA GLU B 251 18.83 -8.47 -2.93
C GLU B 251 17.58 -9.31 -2.59
N GLU B 252 16.53 -8.61 -2.14
CA GLU B 252 15.31 -9.31 -1.79
C GLU B 252 14.66 -9.96 -3.01
N GLY B 253 13.89 -11.01 -2.74
CA GLY B 253 13.07 -11.69 -3.74
C GLY B 253 13.66 -12.96 -4.31
N ILE B 254 14.86 -13.39 -3.89
CA ILE B 254 15.55 -14.48 -4.59
C ILE B 254 14.83 -15.80 -4.38
N ASN B 255 14.84 -16.65 -5.41
CA ASN B 255 14.12 -17.92 -5.38
C ASN B 255 15.08 -19.09 -5.13
N ASP B 256 14.53 -20.31 -5.07
CA ASP B 256 15.35 -21.47 -4.76
C ASP B 256 16.50 -21.63 -5.75
N LEU B 257 16.19 -21.58 -7.05
CA LEU B 257 17.20 -21.91 -8.04
C LEU B 257 18.31 -20.86 -8.07
N ASP B 258 17.94 -19.58 -8.00
CA ASP B 258 18.97 -18.54 -8.05
C ASP B 258 19.83 -18.55 -6.79
N TRP B 259 19.22 -18.80 -5.62
CA TRP B 259 20.01 -18.87 -4.39
C TRP B 259 20.95 -20.08 -4.41
N SER B 260 20.45 -21.22 -4.92
CA SER B 260 21.26 -22.42 -5.09
C SER B 260 22.44 -22.16 -6.02
N ASN B 261 22.16 -21.61 -7.20
CA ASN B 261 23.25 -21.32 -8.13
C ASN B 261 24.21 -20.27 -7.58
N ALA B 262 23.73 -19.38 -6.71
CA ALA B 262 24.63 -18.39 -6.12
C ALA B 262 25.63 -19.03 -5.18
N ILE B 263 25.20 -19.93 -4.29
CA ILE B 263 26.13 -20.40 -3.26
C ILE B 263 26.77 -21.74 -3.57
N GLY B 264 26.21 -22.51 -4.49
CA GLY B 264 26.72 -23.83 -4.80
C GLY B 264 28.20 -23.85 -5.13
N PRO B 265 28.59 -23.09 -6.15
CA PRO B 265 30.00 -23.11 -6.55
C PRO B 265 30.93 -22.51 -5.52
N ILE B 266 30.45 -21.53 -4.75
CA ILE B 266 31.27 -20.97 -3.67
C ILE B 266 31.50 -22.03 -2.60
N LEU B 267 30.43 -22.71 -2.19
CA LEU B 267 30.58 -23.77 -1.18
C LEU B 267 31.58 -24.82 -1.65
N ASP B 268 31.43 -25.32 -2.88
CA ASP B 268 32.33 -26.34 -3.41
C ASP B 268 33.77 -25.83 -3.45
N SER B 269 33.96 -24.56 -3.82
CA SER B 269 35.32 -23.99 -3.89
C SER B 269 35.95 -23.85 -2.50
N LEU B 270 35.16 -23.39 -1.52
CA LEU B 270 35.65 -23.34 -0.14
C LEU B 270 36.07 -24.72 0.35
N ASN B 271 35.28 -25.76 0.05
CA ASN B 271 35.66 -27.10 0.50
C ASN B 271 36.96 -27.54 -0.15
N ILE B 272 37.11 -27.30 -1.45
CA ILE B 272 38.32 -27.71 -2.18
C ILE B 272 39.56 -27.05 -1.59
N VAL B 273 39.49 -25.74 -1.31
CA VAL B 273 40.69 -25.01 -0.93
C VAL B 273 40.97 -25.13 0.56
N ILE B 274 39.94 -24.97 1.39
CA ILE B 274 40.17 -24.98 2.84
C ILE B 274 40.39 -26.40 3.35
N GLN B 275 39.81 -27.40 2.70
CA GLN B 275 39.84 -28.79 3.16
C GLN B 275 39.51 -28.89 4.65
N PRO B 276 38.32 -28.42 5.04
CA PRO B 276 37.98 -28.37 6.48
C PRO B 276 37.91 -29.76 7.11
N SER B 277 38.31 -29.83 8.39
CA SER B 277 38.13 -31.03 9.19
C SER B 277 36.70 -31.18 9.70
N TYR B 278 36.01 -30.05 9.87
CA TYR B 278 34.62 -30.00 10.32
C TYR B 278 33.92 -28.88 9.55
N VAL B 279 32.63 -29.09 9.31
CA VAL B 279 31.75 -28.04 8.77
C VAL B 279 30.66 -27.77 9.81
N VAL B 280 30.40 -26.50 10.08
CA VAL B 280 29.28 -26.09 10.94
C VAL B 280 28.32 -25.25 10.10
N VAL B 281 27.05 -25.65 10.04
CA VAL B 281 26.05 -25.03 9.17
C VAL B 281 24.97 -24.45 10.06
N GLN B 282 24.76 -23.15 9.96
CA GLN B 282 23.59 -22.52 10.58
C GLN B 282 22.47 -22.51 9.54
N CYS B 283 21.31 -23.10 9.89
CA CYS B 283 20.27 -23.28 8.89
C CYS B 283 18.99 -22.52 9.26
N GLY B 284 19.13 -21.25 9.65
CA GLY B 284 18.01 -20.36 9.94
C GLY B 284 16.97 -20.45 8.84
N ALA B 285 15.69 -20.57 9.21
CA ALA B 285 14.59 -20.82 8.29
C ALA B 285 13.89 -19.55 7.84
N ASP B 286 14.47 -18.38 8.11
CA ASP B 286 13.80 -17.14 7.78
C ASP B 286 13.97 -16.73 6.32
N CYS B 287 14.65 -17.54 5.49
CA CYS B 287 14.63 -17.28 4.04
C CYS B 287 13.41 -17.86 3.35
N LEU B 288 12.59 -18.66 4.05
CA LEU B 288 11.40 -19.20 3.44
C LEU B 288 10.47 -18.09 2.97
N ALA B 289 9.78 -18.35 1.86
CA ALA B 289 8.88 -17.38 1.25
C ALA B 289 7.74 -17.02 2.19
N THR B 290 7.42 -17.91 3.12
CA THR B 290 6.32 -17.72 4.06
C THR B 290 6.78 -17.20 5.42
N ASP B 291 8.06 -16.91 5.58
CA ASP B 291 8.50 -16.26 6.80
C ASP B 291 7.89 -14.86 6.86
N PRO B 292 7.52 -14.37 8.04
CA PRO B 292 6.91 -13.04 8.08
C PRO B 292 7.88 -11.93 7.67
N HIS B 293 9.21 -12.17 7.66
CA HIS B 293 10.12 -11.18 7.07
C HIS B 293 9.76 -10.89 5.64
N ARG B 294 9.33 -11.93 4.90
CA ARG B 294 8.90 -11.81 3.50
C ARG B 294 9.98 -11.17 2.64
N ILE B 295 11.21 -11.69 2.71
CA ILE B 295 12.35 -11.11 2.00
C ILE B 295 12.85 -12.02 0.88
N PHE B 296 13.25 -13.25 1.20
CA PHE B 296 13.62 -14.22 0.19
C PHE B 296 12.42 -15.13 -0.07
N ARG B 297 12.52 -15.92 -1.13
CA ARG B 297 11.41 -16.78 -1.53
C ARG B 297 11.81 -18.25 -1.62
N LEU B 298 12.55 -18.75 -0.63
CA LEU B 298 12.96 -20.14 -0.68
C LEU B 298 11.81 -21.03 -0.21
N THR B 299 11.88 -22.31 -0.55
CA THR B 299 10.85 -23.28 -0.16
C THR B 299 11.47 -24.43 0.61
N ASN B 300 10.61 -25.39 0.98
CA ASN B 300 11.06 -26.70 1.45
C ASN B 300 10.76 -27.81 0.46
N PHE B 301 10.59 -27.48 -0.83
CA PHE B 301 10.09 -28.48 -1.77
C PHE B 301 11.16 -29.51 -2.08
N TYR B 302 10.72 -30.75 -2.37
CA TYR B 302 11.67 -31.81 -2.67
C TYR B 302 11.06 -32.71 -3.73
N PRO B 303 11.66 -32.81 -4.92
CA PRO B 303 11.04 -33.47 -6.09
C PRO B 303 10.67 -34.93 -5.86
N SER B 316 11.40 -27.63 -8.97
CA SER B 316 11.07 -27.38 -7.56
C SER B 316 12.02 -28.12 -6.61
N LEU B 317 13.12 -27.48 -6.22
CA LEU B 317 14.03 -28.04 -5.22
C LEU B 317 14.45 -26.94 -4.25
N SER B 318 14.11 -27.11 -2.98
CA SER B 318 14.49 -26.18 -1.92
C SER B 318 15.96 -25.81 -2.01
N GLY B 319 16.24 -24.50 -2.00
CA GLY B 319 17.63 -24.06 -1.88
C GLY B 319 18.31 -24.62 -0.65
N TYR B 320 17.60 -24.61 0.48
CA TYR B 320 18.16 -25.21 1.69
C TYR B 320 18.58 -26.66 1.48
N LEU B 321 17.67 -27.46 0.90
CA LEU B 321 17.97 -28.88 0.71
C LEU B 321 19.10 -29.07 -0.30
N TYR B 322 19.13 -28.24 -1.34
CA TYR B 322 20.24 -28.27 -2.28
C TYR B 322 21.58 -28.04 -1.56
N ALA B 323 21.66 -27.01 -0.71
CA ALA B 323 22.91 -26.67 -0.04
C ALA B 323 23.33 -27.75 0.97
N ILE B 324 22.37 -28.27 1.75
CA ILE B 324 22.69 -29.27 2.75
C ILE B 324 23.18 -30.55 2.07
N LYS B 325 22.50 -30.95 0.99
CA LYS B 325 22.95 -32.14 0.26
C LYS B 325 24.36 -31.94 -0.30
N LYS B 326 24.64 -30.74 -0.82
CA LYS B 326 25.98 -30.46 -1.32
C LYS B 326 27.02 -30.58 -0.22
N ILE B 327 26.76 -29.93 0.92
CA ILE B 327 27.70 -29.96 2.05
C ILE B 327 27.92 -31.40 2.51
N LEU B 328 26.84 -32.17 2.64
CA LEU B 328 26.98 -33.54 3.14
C LEU B 328 27.74 -34.44 2.18
N SER B 329 27.71 -34.12 0.88
CA SER B 329 28.41 -34.89 -0.14
C SER B 329 29.91 -34.85 0.05
N TRP B 330 30.43 -33.87 0.79
CA TRP B 330 31.86 -33.75 1.03
C TRP B 330 32.37 -34.81 1.99
N LYS B 331 31.47 -35.45 2.74
CA LYS B 331 31.82 -36.47 3.72
C LYS B 331 32.79 -35.93 4.78
N VAL B 332 32.55 -34.70 5.23
CA VAL B 332 33.27 -34.08 6.34
C VAL B 332 32.35 -34.08 7.54
N PRO B 333 32.83 -34.39 8.75
CA PRO B 333 31.95 -34.35 9.93
C PRO B 333 31.30 -32.98 10.06
N THR B 334 29.98 -32.97 10.29
CA THR B 334 29.21 -31.74 10.14
C THR B 334 28.21 -31.56 11.28
N LEU B 335 28.12 -30.31 11.75
CA LEU B 335 27.14 -29.87 12.73
C LEU B 335 26.10 -29.03 11.98
N ILE B 336 24.83 -29.38 12.15
CA ILE B 336 23.72 -28.61 11.55
C ILE B 336 22.92 -27.99 12.68
N LEU B 337 22.82 -26.67 12.68
CA LEU B 337 22.16 -25.91 13.72
C LEU B 337 20.93 -25.20 13.15
N GLY B 338 20.03 -24.80 14.05
CA GLY B 338 18.89 -23.99 13.66
C GLY B 338 19.23 -22.51 13.55
N GLY B 339 18.36 -21.66 14.03
CA GLY B 339 18.54 -20.21 13.96
C GLY B 339 17.20 -19.51 13.84
N GLY B 340 17.15 -18.51 12.96
CA GLY B 340 15.93 -17.75 12.79
C GLY B 340 14.81 -18.57 12.18
N GLY B 341 13.63 -17.95 12.17
CA GLY B 341 12.47 -18.63 11.63
C GLY B 341 11.23 -18.39 12.46
N TYR B 342 10.37 -17.49 11.99
CA TYR B 342 9.30 -16.99 12.83
C TYR B 342 7.92 -17.47 12.39
N ASN B 343 7.84 -18.26 11.33
CA ASN B 343 6.66 -19.04 10.98
C ASN B 343 6.93 -20.44 11.54
N PHE B 344 6.40 -20.74 12.73
CA PHE B 344 6.86 -21.96 13.40
C PHE B 344 6.47 -23.21 12.64
N PRO B 345 5.25 -23.37 12.14
CA PRO B 345 4.96 -24.61 11.40
C PRO B 345 5.81 -24.76 10.15
N ASP B 346 6.03 -23.67 9.41
CA ASP B 346 6.83 -23.81 8.19
C ASP B 346 8.30 -24.06 8.53
N THR B 347 8.79 -23.53 9.65
CA THR B 347 10.13 -23.86 10.11
C THR B 347 10.24 -25.36 10.42
N ALA B 348 9.23 -25.91 11.10
CA ALA B 348 9.22 -27.35 11.36
C ALA B 348 9.13 -28.15 10.05
N ARG B 349 8.30 -27.69 9.10
CA ARG B 349 8.24 -28.34 7.79
C ARG B 349 9.60 -28.38 7.11
N LEU B 350 10.35 -27.27 7.16
CA LEU B 350 11.67 -27.24 6.52
C LEU B 350 12.66 -28.14 7.27
N TRP B 351 12.73 -27.98 8.58
CA TRP B 351 13.79 -28.71 9.31
C TRP B 351 13.50 -30.22 9.37
N THR B 352 12.23 -30.62 9.26
CA THR B 352 11.93 -32.05 9.14
C THR B 352 12.49 -32.61 7.84
N ARG B 353 12.33 -31.88 6.73
CA ARG B 353 12.92 -32.34 5.48
C ARG B 353 14.45 -32.32 5.54
N VAL B 354 15.05 -31.31 6.17
CA VAL B 354 16.51 -31.30 6.34
C VAL B 354 16.96 -32.54 7.10
N THR B 355 16.23 -32.90 8.15
CA THR B 355 16.57 -34.06 8.98
C THR B 355 16.48 -35.35 8.17
N ALA B 356 15.38 -35.52 7.42
CA ALA B 356 15.21 -36.70 6.57
C ALA B 356 16.29 -36.79 5.50
N LEU B 357 16.61 -35.64 4.88
CA LEU B 357 17.67 -35.61 3.89
C LEU B 357 19.00 -36.02 4.50
N THR B 358 19.28 -35.56 5.71
CA THR B 358 20.55 -35.88 6.35
C THR B 358 20.67 -37.38 6.59
N ILE B 359 19.59 -38.00 7.05
CA ILE B 359 19.57 -39.46 7.19
C ILE B 359 19.86 -40.14 5.85
N GLU B 360 19.16 -39.72 4.79
CA GLU B 360 19.35 -40.35 3.48
C GLU B 360 20.79 -40.25 3.01
N GLU B 361 21.36 -39.06 3.09
CA GLU B 361 22.69 -38.83 2.51
C GLU B 361 23.77 -39.50 3.35
N VAL B 362 23.63 -39.51 4.67
CA VAL B 362 24.69 -40.06 5.50
C VAL B 362 24.60 -41.58 5.53
N LYS B 363 23.39 -42.12 5.66
CA LYS B 363 23.22 -43.55 5.84
C LYS B 363 22.98 -44.29 4.52
N GLY B 364 22.63 -43.59 3.46
CA GLY B 364 22.27 -44.26 2.22
C GLY B 364 20.91 -44.92 2.28
N LYS B 365 20.03 -44.43 3.14
CA LYS B 365 18.77 -45.11 3.49
C LYS B 365 17.61 -44.20 3.10
N LYS B 366 16.77 -44.66 2.18
CA LYS B 366 15.65 -43.85 1.68
C LYS B 366 14.68 -43.48 2.81
N MET B 367 14.41 -42.18 2.93
CA MET B 367 13.42 -41.67 3.86
C MET B 367 12.30 -41.07 3.03
N THR B 368 11.17 -41.75 2.97
CA THR B 368 10.01 -41.29 2.22
C THR B 368 9.06 -40.63 3.20
N ILE B 369 8.71 -39.39 2.90
CA ILE B 369 7.88 -38.56 3.78
C ILE B 369 6.53 -38.34 3.12
N SER B 370 5.46 -38.71 3.81
CA SER B 370 4.12 -38.49 3.27
C SER B 370 3.84 -37.00 3.08
N PRO B 371 3.19 -36.62 1.97
CA PRO B 371 2.82 -35.20 1.81
C PRO B 371 1.79 -34.74 2.83
N GLU B 372 1.00 -35.64 3.41
CA GLU B 372 0.07 -35.26 4.48
C GLU B 372 0.79 -35.31 5.82
N ILE B 373 0.62 -34.26 6.61
CA ILE B 373 1.15 -34.20 7.99
C ILE B 373 0.59 -35.37 8.81
N PRO B 374 1.43 -36.13 9.51
CA PRO B 374 0.92 -37.26 10.32
C PRO B 374 0.18 -36.78 11.54
N GLU B 375 -0.69 -37.66 12.06
CA GLU B 375 -1.29 -37.44 13.37
C GLU B 375 -0.24 -37.21 14.45
N HIS B 376 -0.43 -36.16 15.27
CA HIS B 376 0.37 -35.90 16.46
C HIS B 376 -0.28 -34.69 17.15
N SER B 377 0.14 -34.39 18.38
CA SER B 377 -0.63 -33.41 19.15
C SER B 377 -0.48 -31.98 18.64
N TYR B 378 0.44 -31.69 17.70
CA TYR B 378 0.48 -30.39 17.06
C TYR B 378 -0.10 -30.40 15.65
N PHE B 379 -0.82 -31.46 15.25
CA PHE B 379 -1.36 -31.56 13.89
C PHE B 379 -2.13 -30.30 13.49
N SER B 380 -2.93 -29.75 14.41
CA SER B 380 -3.79 -28.61 14.11
C SER B 380 -3.01 -27.34 13.80
N ARG B 381 -1.72 -27.29 14.08
CA ARG B 381 -0.94 -26.10 13.76
C ARG B 381 -0.58 -26.02 12.28
N TYR B 382 -0.90 -27.07 11.51
CA TYR B 382 -0.49 -27.16 10.13
C TYR B 382 -1.62 -26.88 9.15
N GLY B 383 -2.67 -26.22 9.62
CA GLY B 383 -3.80 -25.89 8.77
C GLY B 383 -3.49 -24.74 7.85
N PRO B 384 -4.36 -24.48 6.86
CA PRO B 384 -5.61 -25.19 6.55
C PRO B 384 -5.42 -26.44 5.68
N ASP B 385 -4.22 -26.59 5.14
CA ASP B 385 -3.89 -27.65 4.20
C ASP B 385 -3.43 -28.95 4.85
N PHE B 386 -2.71 -28.87 5.98
CA PHE B 386 -2.13 -30.06 6.64
C PHE B 386 -1.23 -30.87 5.70
N GLU B 387 -0.45 -30.18 4.87
CA GLU B 387 0.52 -30.81 3.99
C GLU B 387 1.93 -30.38 4.38
N LEU B 388 2.91 -31.16 3.91
CA LEU B 388 4.29 -30.90 4.30
C LEU B 388 4.91 -29.78 3.48
N ASP B 389 4.57 -29.66 2.20
CA ASP B 389 5.05 -28.52 1.41
C ASP B 389 4.54 -27.22 2.03
N ILE B 390 5.38 -26.20 2.10
CA ILE B 390 4.83 -24.90 2.50
C ILE B 390 3.82 -24.42 1.45
N ASP B 391 2.89 -23.58 1.90
CA ASP B 391 1.75 -23.11 1.09
C ASP B 391 2.18 -21.85 0.35
N TYR B 392 2.94 -22.05 -0.72
CA TYR B 392 3.49 -20.96 -1.50
C TYR B 392 3.62 -21.43 -2.93
N PHE B 393 3.42 -20.51 -3.87
CA PHE B 393 3.54 -20.84 -5.29
C PHE B 393 4.62 -20.00 -5.94
N PRO B 394 5.80 -20.56 -6.19
CA PRO B 394 6.90 -19.78 -6.76
C PRO B 394 6.55 -19.26 -8.15
N HIS B 395 6.97 -18.03 -8.43
CA HIS B 395 6.63 -17.34 -9.66
C HIS B 395 7.76 -16.38 -10.00
N GLU B 396 7.57 -15.62 -11.08
CA GLU B 396 8.47 -14.50 -11.37
C GLU B 396 7.84 -13.55 -12.39
N THR B 401 19.65 -10.80 -17.81
CA THR B 401 19.10 -9.88 -16.82
C THR B 401 20.21 -9.27 -15.99
N LEU B 402 19.87 -8.19 -15.28
CA LEU B 402 20.82 -7.39 -14.51
C LEU B 402 20.88 -7.77 -13.03
N ASP B 403 20.19 -8.84 -12.62
CA ASP B 403 20.16 -9.27 -11.23
C ASP B 403 21.25 -10.29 -10.90
N SER B 404 22.19 -10.55 -11.81
CA SER B 404 23.20 -11.56 -11.58
C SER B 404 24.25 -11.06 -10.60
N ILE B 405 25.12 -11.98 -10.15
CA ILE B 405 26.10 -11.68 -9.13
C ILE B 405 27.47 -12.22 -9.53
N GLN B 406 27.79 -12.17 -10.82
CA GLN B 406 29.05 -12.78 -11.25
C GLN B 406 30.26 -12.00 -10.74
N LYS B 407 30.12 -10.69 -10.53
CA LYS B 407 31.22 -9.95 -9.90
C LYS B 407 31.44 -10.38 -8.45
N HIS B 408 30.38 -10.81 -7.74
CA HIS B 408 30.58 -11.37 -6.40
C HIS B 408 31.34 -12.69 -6.46
N HIS B 409 30.99 -13.59 -7.38
CA HIS B 409 31.78 -14.82 -7.56
C HIS B 409 33.24 -14.48 -7.79
N ARG B 410 33.50 -13.54 -8.70
CA ARG B 410 34.89 -13.19 -8.98
C ARG B 410 35.59 -12.62 -7.74
N ARG B 411 34.90 -11.77 -6.98
CA ARG B 411 35.49 -11.19 -5.78
C ARG B 411 35.75 -12.25 -4.71
N ILE B 412 34.80 -13.15 -4.52
CA ILE B 412 34.96 -14.19 -3.51
C ILE B 412 36.06 -15.16 -3.91
N LEU B 413 36.15 -15.50 -5.20
CA LEU B 413 37.24 -16.39 -5.62
C LEU B 413 38.60 -15.73 -5.50
N GLU B 414 38.69 -14.43 -5.79
CA GLU B 414 39.93 -13.70 -5.53
C GLU B 414 40.28 -13.73 -4.06
N GLN B 415 39.29 -13.53 -3.20
CA GLN B 415 39.56 -13.60 -1.76
C GLN B 415 40.01 -14.99 -1.34
N LEU B 416 39.42 -16.04 -1.94
CA LEU B 416 39.82 -17.40 -1.58
C LEU B 416 41.26 -17.68 -1.99
N ARG B 417 41.66 -17.18 -3.16
CA ARG B 417 43.07 -17.30 -3.58
C ARG B 417 43.98 -16.53 -2.65
N ASN B 418 43.57 -15.34 -2.21
CA ASN B 418 44.38 -14.58 -1.26
C ASN B 418 44.51 -15.33 0.05
N TYR B 419 43.41 -15.95 0.50
CA TYR B 419 43.45 -16.76 1.73
C TYR B 419 44.42 -17.92 1.59
N ALA B 420 44.35 -18.65 0.47
CA ALA B 420 45.25 -19.78 0.27
C ALA B 420 46.70 -19.32 0.24
N ASP B 421 46.97 -18.18 -0.41
CA ASP B 421 48.34 -17.69 -0.49
C ASP B 421 48.87 -17.29 0.89
N LEU B 422 48.07 -16.51 1.63
CA LEU B 422 48.49 -16.06 2.96
C LEU B 422 48.78 -17.24 3.88
N ASN B 423 48.02 -18.32 3.76
CA ASN B 423 48.10 -19.43 4.69
C ASN B 423 48.88 -20.63 4.14
N LYS B 424 49.55 -20.46 2.99
CA LYS B 424 50.43 -21.51 2.43
C LYS B 424 49.65 -22.80 2.16
N LEU B 425 48.47 -22.65 1.58
CA LEU B 425 47.66 -23.80 1.20
C LEU B 425 47.72 -23.98 -0.31
N ILE B 426 47.65 -25.24 -0.73
CA ILE B 426 47.59 -25.54 -2.15
C ILE B 426 46.32 -24.92 -2.71
N TYR B 427 46.47 -24.15 -3.78
CA TYR B 427 45.34 -23.58 -4.50
C TYR B 427 45.22 -24.35 -5.81
N ASP B 428 44.25 -25.27 -5.86
CA ASP B 428 44.05 -26.16 -6.99
C ASP B 428 43.22 -25.42 -8.05
N TYR B 429 43.92 -24.61 -8.83
CA TYR B 429 43.23 -23.83 -9.87
C TYR B 429 42.44 -24.72 -10.82
N ASP B 430 43.01 -25.86 -11.23
CA ASP B 430 42.35 -26.70 -12.22
C ASP B 430 41.02 -27.23 -11.70
N GLN B 431 40.97 -27.54 -10.40
CA GLN B 431 39.73 -28.06 -9.85
C GLN B 431 38.69 -26.96 -9.67
N VAL B 432 39.11 -25.79 -9.21
CA VAL B 432 38.15 -24.69 -9.07
C VAL B 432 37.65 -24.24 -10.44
N TYR B 433 38.54 -24.22 -11.44
CA TYR B 433 38.15 -23.84 -12.79
C TYR B 433 37.11 -24.81 -13.36
N GLN B 434 37.35 -26.11 -13.24
CA GLN B 434 36.40 -27.09 -13.80
C GLN B 434 35.03 -26.94 -13.16
N LEU B 435 35.00 -26.70 -11.86
CA LEU B 435 33.76 -26.49 -11.13
C LEU B 435 32.97 -25.32 -11.71
N TYR B 436 33.61 -24.16 -11.86
CA TYR B 436 32.93 -23.00 -12.40
C TYR B 436 32.65 -23.16 -13.89
N ASN B 437 33.49 -23.91 -14.60
CA ASN B 437 33.25 -24.07 -16.02
C ASN B 437 32.04 -24.95 -16.32
N LEU B 438 31.50 -25.66 -15.33
CA LEU B 438 30.27 -26.40 -15.53
C LEU B 438 29.11 -25.50 -15.90
N THR B 439 29.16 -24.23 -15.48
CA THR B 439 28.13 -23.25 -15.84
C THR B 439 28.66 -22.18 -16.79
N GLY B 440 29.72 -22.47 -17.52
CA GLY B 440 30.30 -21.50 -18.43
C GLY B 440 30.91 -20.29 -17.75
N MET B 441 31.39 -20.44 -16.51
CA MET B 441 31.91 -19.31 -15.75
C MET B 441 33.35 -19.53 -15.31
N GLY B 442 34.09 -20.41 -16.00
CA GLY B 442 35.47 -20.67 -15.61
C GLY B 442 36.34 -19.42 -15.65
N SER B 443 35.97 -18.44 -16.47
CA SER B 443 36.75 -17.22 -16.61
C SER B 443 36.80 -16.39 -15.33
N LEU B 444 35.88 -16.65 -14.40
CA LEU B 444 35.86 -15.92 -13.15
C LEU B 444 36.90 -16.41 -12.16
N VAL B 445 37.53 -17.55 -12.43
CA VAL B 445 38.45 -18.18 -11.48
C VAL B 445 39.85 -17.59 -11.65
N PRO B 446 40.46 -17.06 -10.60
CA PRO B 446 41.84 -16.57 -10.73
C PRO B 446 42.87 -17.70 -10.68
N ARG B 447 44.01 -17.44 -11.31
CA ARG B 447 45.15 -18.36 -11.23
C ARG B 447 45.78 -18.34 -9.83
N SER C 3 -39.26 32.22 6.81
CA SER C 3 -39.81 30.96 7.30
C SER C 3 -39.03 29.78 6.68
N VAL C 4 -38.52 28.90 7.54
CA VAL C 4 -37.71 27.76 7.09
C VAL C 4 -38.44 26.50 7.53
N GLY C 5 -38.76 25.63 6.57
CA GLY C 5 -39.42 24.37 6.84
C GLY C 5 -38.43 23.21 6.86
N ILE C 6 -38.82 22.15 7.55
CA ILE C 6 -38.03 20.91 7.53
C ILE C 6 -39.00 19.74 7.56
N VAL C 7 -38.76 18.76 6.70
CA VAL C 7 -39.63 17.60 6.58
C VAL C 7 -39.30 16.60 7.69
N TYR C 8 -40.32 16.23 8.48
CA TYR C 8 -40.16 15.10 9.39
CA TYR C 8 -40.15 15.19 9.50
C TYR C 8 -41.53 14.65 9.88
N GLY C 9 -41.52 13.47 10.47
CA GLY C 9 -42.71 12.85 11.06
C GLY C 9 -42.28 11.55 11.72
N ASP C 10 -43.17 11.00 12.54
CA ASP C 10 -42.80 9.77 13.27
C ASP C 10 -42.67 8.59 12.31
N GLN C 11 -43.69 8.33 11.51
CA GLN C 11 -43.59 7.23 10.55
C GLN C 11 -42.55 7.53 9.48
N TYR C 12 -42.44 8.80 9.07
CA TYR C 12 -41.40 9.17 8.12
C TYR C 12 -40.02 8.78 8.62
N ARG C 13 -39.73 9.13 9.87
CA ARG C 13 -38.43 8.75 10.46
C ARG C 13 -38.24 7.23 10.42
N GLN C 14 -39.27 6.47 10.79
CA GLN C 14 -39.16 5.02 10.80
C GLN C 14 -38.81 4.50 9.41
N LEU C 15 -39.52 4.97 8.39
CA LEU C 15 -39.29 4.50 7.04
C LEU C 15 -37.93 4.95 6.51
N CYS C 16 -37.57 6.21 6.77
CA CYS C 16 -36.25 6.69 6.33
C CYS C 16 -35.10 5.94 6.98
N CYS C 17 -35.34 5.26 8.12
CA CYS C 17 -34.32 4.47 8.79
C CYS C 17 -34.45 2.98 8.54
N SER C 18 -35.20 2.56 7.51
CA SER C 18 -35.51 1.15 7.34
C SER C 18 -34.66 0.46 6.26
N SER C 19 -33.72 1.19 5.64
CA SER C 19 -32.96 0.56 4.56
C SER C 19 -31.64 -0.02 5.07
N PRO C 20 -31.13 -1.07 4.41
CA PRO C 20 -29.85 -1.65 4.87
C PRO C 20 -28.65 -0.75 4.61
N LYS C 21 -28.68 0.09 3.58
CA LYS C 21 -27.54 0.91 3.25
C LYS C 21 -27.43 2.13 4.16
N PHE C 22 -28.52 2.85 4.39
CA PHE C 22 -28.41 4.09 5.16
C PHE C 22 -28.81 3.93 6.62
N GLY C 23 -29.26 2.75 7.03
CA GLY C 23 -29.43 2.47 8.45
C GLY C 23 -30.16 3.60 9.15
N ASP C 24 -29.64 4.01 10.30
CA ASP C 24 -30.27 5.05 11.11
C ASP C 24 -29.71 6.45 10.86
N ARG C 25 -29.09 6.69 9.70
CA ARG C 25 -28.49 8.00 9.44
C ARG C 25 -29.50 9.13 9.64
N TYR C 26 -30.73 8.98 9.12
CA TYR C 26 -31.71 10.07 9.20
C TYR C 26 -32.02 10.41 10.65
N ALA C 27 -32.09 9.39 11.50
CA ALA C 27 -32.34 9.62 12.93
C ALA C 27 -31.20 10.40 13.57
N LEU C 28 -29.95 10.03 13.27
CA LEU C 28 -28.82 10.82 13.80
C LEU C 28 -28.92 12.29 13.37
N VAL C 29 -29.18 12.50 12.09
CA VAL C 29 -29.28 13.86 11.56
C VAL C 29 -30.35 14.64 12.30
N MET C 30 -31.58 14.12 12.31
CA MET C 30 -32.67 14.88 12.90
C MET C 30 -32.49 15.04 14.41
N ASP C 31 -31.95 14.01 15.10
CA ASP C 31 -31.78 14.14 16.55
C ASP C 31 -30.65 15.12 16.90
N LEU C 32 -29.63 15.24 16.06
CA LEU C 32 -28.59 16.23 16.35
C LEU C 32 -29.12 17.64 16.14
N ILE C 33 -29.96 17.82 15.12
CA ILE C 33 -30.63 19.09 14.93
C ILE C 33 -31.51 19.40 16.14
N ASN C 34 -32.24 18.39 16.62
CA ASN C 34 -33.05 18.55 17.82
C ASN C 34 -32.18 18.84 19.04
N ALA C 35 -31.04 18.16 19.15
CA ALA C 35 -30.19 18.32 20.34
C ALA C 35 -29.60 19.72 20.42
N TYR C 36 -29.34 20.34 19.28
CA TYR C 36 -28.86 21.71 19.26
C TYR C 36 -29.98 22.76 19.37
N LYS C 37 -31.21 22.32 19.64
CA LYS C 37 -32.37 23.19 19.87
C LYS C 37 -32.74 23.98 18.62
N LEU C 38 -32.53 23.41 17.45
CA LEU C 38 -32.93 24.06 16.22
C LEU C 38 -34.38 23.80 15.85
N ILE C 39 -34.97 22.72 16.35
CA ILE C 39 -36.32 22.33 15.92
C ILE C 39 -37.33 23.45 16.19
N PRO C 40 -37.29 24.15 17.33
CA PRO C 40 -38.28 25.22 17.54
C PRO C 40 -38.16 26.38 16.56
N GLU C 41 -37.05 26.52 15.84
CA GLU C 41 -36.91 27.56 14.84
C GLU C 41 -37.48 27.17 13.48
N LEU C 42 -37.91 25.93 13.31
CA LEU C 42 -38.26 25.37 12.01
C LEU C 42 -39.73 24.98 12.01
N SER C 43 -40.35 25.14 10.85
CA SER C 43 -41.73 24.70 10.64
CA SER C 43 -41.73 24.70 10.64
C SER C 43 -41.71 23.26 10.14
N ARG C 44 -42.34 22.34 10.88
CA ARG C 44 -42.43 20.99 10.38
C ARG C 44 -43.30 20.93 9.13
N VAL C 45 -42.77 20.35 8.07
CA VAL C 45 -43.51 20.13 6.83
C VAL C 45 -43.88 18.65 6.78
N PRO C 46 -45.15 18.28 6.91
CA PRO C 46 -45.51 16.86 6.95
C PRO C 46 -45.37 16.23 5.57
N PRO C 47 -44.85 15.02 5.48
CA PRO C 47 -44.76 14.32 4.19
C PRO C 47 -46.15 14.22 3.55
N LEU C 48 -46.19 14.31 2.23
CA LEU C 48 -47.43 14.22 1.49
C LEU C 48 -48.02 12.81 1.60
N GLN C 49 -49.32 12.72 1.84
CA GLN C 49 -50.03 11.47 1.75
C GLN C 49 -51.16 11.61 0.73
N TRP C 50 -51.64 10.48 0.22
CA TRP C 50 -52.61 10.51 -0.86
C TRP C 50 -53.94 9.89 -0.44
N ASP C 51 -54.96 10.23 -1.23
CA ASP C 51 -56.32 9.78 -0.97
C ASP C 51 -56.60 8.38 -1.46
N SER C 52 -55.71 7.78 -2.24
CA SER C 52 -55.98 6.48 -2.82
C SER C 52 -54.69 5.93 -3.40
N PRO C 53 -54.62 4.61 -3.57
CA PRO C 53 -53.53 4.03 -4.37
C PRO C 53 -53.41 4.65 -5.75
N SER C 54 -54.53 4.95 -6.43
CA SER C 54 -54.42 5.53 -7.78
C SER C 54 -53.80 6.92 -7.73
N ARG C 55 -54.12 7.71 -6.72
CA ARG C 55 -53.51 9.05 -6.67
C ARG C 55 -52.01 8.97 -6.39
N MET C 56 -51.61 8.02 -5.54
CA MET C 56 -50.17 7.87 -5.30
C MET C 56 -49.48 7.44 -6.58
N TYR C 57 -50.09 6.52 -7.30
CA TYR C 57 -49.50 6.00 -8.54
C TYR C 57 -49.39 7.08 -9.59
N GLU C 58 -50.44 7.90 -9.72
CA GLU C 58 -50.42 9.03 -10.64
C GLU C 58 -49.28 10.00 -10.32
N ALA C 59 -49.02 10.23 -9.03
CA ALA C 59 -47.94 11.11 -8.63
C ALA C 59 -46.59 10.50 -9.00
N VAL C 60 -46.37 9.22 -8.66
CA VAL C 60 -45.05 8.66 -8.92
C VAL C 60 -44.80 8.50 -10.41
N THR C 61 -45.84 8.17 -11.20
CA THR C 61 -45.66 7.92 -12.63
C THR C 61 -45.72 9.20 -13.46
N ALA C 62 -45.74 10.37 -12.81
CA ALA C 62 -45.35 11.59 -13.51
C ALA C 62 -43.93 11.48 -14.06
N PHE C 63 -43.07 10.67 -13.43
CA PHE C 63 -41.73 10.41 -13.93
C PHE C 63 -41.48 8.94 -14.20
N HIS C 64 -41.70 8.07 -13.22
CA HIS C 64 -41.36 6.66 -13.37
C HIS C 64 -42.40 5.90 -14.18
N SER C 65 -41.94 4.86 -14.87
CA SER C 65 -42.85 4.05 -15.66
C SER C 65 -43.74 3.23 -14.74
N THR C 66 -44.93 2.95 -15.24
CA THR C 66 -45.86 2.09 -14.53
C THR C 66 -45.25 0.73 -14.27
N GLU C 67 -44.57 0.17 -15.27
CA GLU C 67 -44.01 -1.18 -15.09
C GLU C 67 -42.89 -1.19 -14.05
N TYR C 68 -42.12 -0.10 -13.93
CA TYR C 68 -41.09 -0.05 -12.89
C TYR C 68 -41.72 0.09 -11.50
N VAL C 69 -42.70 0.98 -11.35
CA VAL C 69 -43.37 1.12 -10.05
C VAL C 69 -44.01 -0.20 -9.63
N ASP C 70 -44.64 -0.90 -10.58
CA ASP C 70 -45.26 -2.19 -10.31
C ASP C 70 -44.23 -3.19 -9.79
N ALA C 71 -43.06 -3.26 -10.43
CA ALA C 71 -42.03 -4.19 -10.01
C ALA C 71 -41.48 -3.83 -8.63
N LEU C 72 -41.30 -2.55 -8.35
CA LEU C 72 -40.78 -2.14 -7.05
C LEU C 72 -41.74 -2.54 -5.94
N LYS C 73 -43.05 -2.34 -6.15
CA LYS C 73 -44.04 -2.82 -5.19
C LYS C 73 -43.98 -4.33 -5.03
N LYS C 74 -43.86 -5.06 -6.14
CA LYS C 74 -43.79 -6.52 -6.04
C LYS C 74 -42.55 -6.96 -5.28
N LEU C 75 -41.44 -6.26 -5.48
CA LEU C 75 -40.20 -6.64 -4.80
C LEU C 75 -40.37 -6.55 -3.29
N GLN C 76 -41.02 -5.49 -2.83
CA GLN C 76 -41.30 -5.36 -1.39
C GLN C 76 -42.17 -6.50 -0.90
N MET C 77 -43.26 -6.80 -1.63
CA MET C 77 -44.14 -7.90 -1.24
C MET C 77 -43.36 -9.21 -1.14
N LEU C 78 -42.52 -9.50 -2.13
CA LEU C 78 -41.74 -10.74 -2.11
C LEU C 78 -40.81 -10.80 -0.90
N HIS C 79 -40.17 -9.68 -0.55
CA HIS C 79 -39.28 -9.70 0.60
C HIS C 79 -40.02 -9.74 1.93
N CYS C 80 -41.32 -9.47 1.95
CA CYS C 80 -42.12 -9.61 3.16
C CYS C 80 -42.66 -11.03 3.33
N GLU C 81 -42.28 -11.96 2.47
CA GLU C 81 -42.72 -13.34 2.57
C GLU C 81 -41.54 -14.30 2.62
N GLU C 84 -38.78 -17.65 -1.77
CA GLU C 84 -37.75 -17.14 -2.68
C GLU C 84 -38.40 -16.64 -3.97
N LEU C 85 -37.61 -15.97 -4.81
CA LEU C 85 -38.10 -15.47 -6.07
C LEU C 85 -38.12 -16.56 -7.12
N THR C 86 -39.19 -16.59 -7.92
CA THR C 86 -39.23 -17.47 -9.08
C THR C 86 -38.21 -17.01 -10.12
N ALA C 87 -37.93 -17.89 -11.08
CA ALA C 87 -37.00 -17.53 -12.14
C ALA C 87 -37.52 -16.36 -12.97
N ASP C 88 -38.83 -16.32 -13.22
CA ASP C 88 -39.37 -15.17 -13.94
C ASP C 88 -39.35 -13.90 -13.10
N ASP C 89 -39.58 -14.00 -11.79
CA ASP C 89 -39.45 -12.85 -10.92
C ASP C 89 -38.03 -12.30 -10.93
N GLU C 90 -37.03 -13.20 -10.94
CA GLU C 90 -35.63 -12.74 -10.99
C GLU C 90 -35.36 -11.95 -12.27
N LEU C 91 -35.81 -12.48 -13.42
CA LEU C 91 -35.66 -11.75 -14.68
C LEU C 91 -36.34 -10.39 -14.61
N LEU C 92 -37.55 -10.35 -14.04
CA LEU C 92 -38.28 -9.09 -13.92
C LEU C 92 -37.48 -8.07 -13.10
N MET C 93 -37.01 -8.46 -11.92
CA MET C 93 -36.29 -7.53 -11.08
C MET C 93 -34.98 -7.11 -11.75
N ASP C 94 -34.32 -8.04 -12.43
CA ASP C 94 -33.07 -7.68 -13.09
C ASP C 94 -33.32 -6.71 -14.23
N SER C 95 -34.47 -6.78 -14.89
CA SER C 95 -34.72 -5.86 -16.00
C SER C 95 -34.84 -4.42 -15.53
N PHE C 96 -35.03 -4.18 -14.23
CA PHE C 96 -35.12 -2.84 -13.65
C PHE C 96 -33.93 -2.50 -12.76
N SER C 97 -32.87 -3.31 -12.81
CA SER C 97 -31.68 -3.14 -12.00
C SER C 97 -31.98 -3.22 -10.50
N LEU C 98 -32.99 -4.00 -10.13
CA LEU C 98 -33.38 -4.17 -8.73
C LEU C 98 -32.56 -5.33 -8.16
N ASN C 99 -31.26 -5.10 -8.11
CA ASN C 99 -30.28 -6.11 -7.72
C ASN C 99 -28.99 -5.40 -7.33
N TYR C 100 -28.00 -6.21 -6.91
CA TYR C 100 -26.68 -5.71 -6.53
C TYR C 100 -26.74 -4.52 -5.58
N ASP C 101 -26.33 -3.33 -6.01
CA ASP C 101 -26.32 -2.15 -5.15
C ASP C 101 -27.71 -1.58 -4.91
N CYS C 102 -28.73 -2.11 -5.56
CA CYS C 102 -30.11 -1.70 -5.34
C CYS C 102 -30.97 -2.92 -5.06
N PRO C 103 -30.66 -3.66 -4.00
CA PRO C 103 -31.38 -4.90 -3.71
C PRO C 103 -32.76 -4.63 -3.12
N GLY C 104 -33.57 -5.67 -3.11
CA GLY C 104 -34.80 -5.62 -2.35
C GLY C 104 -34.56 -5.75 -0.86
N PHE C 105 -35.55 -5.29 -0.10
CA PHE C 105 -35.62 -5.51 1.34
C PHE C 105 -37.07 -5.30 1.74
N PRO C 106 -37.45 -5.71 2.94
CA PRO C 106 -38.89 -5.73 3.28
C PRO C 106 -39.60 -4.40 3.15
N SER C 107 -38.90 -3.27 3.25
CA SER C 107 -39.57 -1.98 3.14
C SER C 107 -39.13 -1.18 1.93
N VAL C 108 -38.63 -1.83 0.87
CA VAL C 108 -37.96 -1.07 -0.19
C VAL C 108 -38.92 -0.09 -0.86
N PHE C 109 -40.19 -0.48 -1.05
CA PHE C 109 -41.11 0.47 -1.68
C PHE C 109 -41.51 1.58 -0.71
N ASP C 110 -41.90 1.24 0.53
CA ASP C 110 -42.29 2.30 1.47
C ASP C 110 -41.14 3.27 1.72
N TYR C 111 -39.92 2.74 1.82
CA TYR C 111 -38.73 3.56 2.05
C TYR C 111 -38.52 4.55 0.89
N SER C 112 -38.55 4.05 -0.34
CA SER C 112 -38.32 4.87 -1.52
CA SER C 112 -38.29 4.92 -1.47
C SER C 112 -39.44 5.88 -1.71
N LEU C 113 -40.68 5.45 -1.46
CA LEU C 113 -41.81 6.36 -1.59
C LEU C 113 -41.75 7.46 -0.54
N ALA C 114 -41.25 7.13 0.67
CA ALA C 114 -41.22 8.14 1.72
C ALA C 114 -40.45 9.37 1.27
N ALA C 115 -39.28 9.18 0.63
CA ALA C 115 -38.52 10.36 0.18
C ALA C 115 -39.33 11.19 -0.80
N VAL C 116 -40.08 10.53 -1.68
CA VAL C 116 -40.97 11.23 -2.62
C VAL C 116 -42.01 12.03 -1.86
N GLN C 117 -42.64 11.41 -0.87
CA GLN C 117 -43.63 12.10 -0.06
C GLN C 117 -43.04 13.34 0.59
N GLY C 118 -41.83 13.26 1.14
CA GLY C 118 -41.28 14.42 1.81
C GLY C 118 -40.90 15.53 0.82
N SER C 119 -40.30 15.14 -0.30
CA SER C 119 -39.85 16.16 -1.24
C SER C 119 -41.01 16.81 -2.01
N LEU C 120 -42.08 16.05 -2.31
CA LEU C 120 -43.27 16.68 -2.88
C LEU C 120 -43.93 17.65 -1.90
N ALA C 121 -44.02 17.25 -0.63
CA ALA C 121 -44.57 18.17 0.37
C ALA C 121 -43.71 19.42 0.52
N ALA C 122 -42.39 19.25 0.51
CA ALA C 122 -41.47 20.40 0.53
C ALA C 122 -41.75 21.36 -0.63
N ALA C 123 -41.84 20.82 -1.86
CA ALA C 123 -42.14 21.66 -3.02
C ALA C 123 -43.46 22.41 -2.85
N SER C 124 -44.51 21.74 -2.36
CA SER C 124 -45.80 22.38 -2.18
C SER C 124 -45.74 23.51 -1.17
N ALA C 125 -44.94 23.35 -0.11
CA ALA C 125 -44.78 24.40 0.87
C ALA C 125 -44.10 25.64 0.29
N LEU C 126 -43.18 25.45 -0.67
CA LEU C 126 -42.62 26.61 -1.36
C LEU C 126 -43.66 27.26 -2.28
N ILE C 127 -44.42 26.45 -3.01
CA ILE C 127 -45.36 26.97 -4.00
C ILE C 127 -46.41 27.86 -3.34
N CYS C 128 -46.96 27.42 -2.21
CA CYS C 128 -47.99 28.20 -1.51
C CYS C 128 -47.40 29.28 -0.61
N ARG C 129 -46.08 29.45 -0.60
CA ARG C 129 -45.40 30.51 0.13
C ARG C 129 -45.49 30.34 1.65
N HIS C 130 -45.72 29.10 2.10
CA HIS C 130 -45.66 28.82 3.53
C HIS C 130 -44.24 28.96 4.07
N CYS C 131 -43.25 28.53 3.29
CA CYS C 131 -41.85 28.61 3.64
C CYS C 131 -41.08 29.26 2.50
N GLU C 132 -40.00 29.99 2.86
CA GLU C 132 -39.06 30.51 1.88
C GLU C 132 -38.00 29.46 1.53
N VAL C 133 -37.71 28.56 2.46
CA VAL C 133 -36.77 27.47 2.28
C VAL C 133 -37.36 26.24 2.96
N VAL C 134 -37.23 25.07 2.35
CA VAL C 134 -37.61 23.81 3.00
C VAL C 134 -36.46 22.81 2.85
N ILE C 135 -36.12 22.16 3.95
CA ILE C 135 -35.07 21.16 4.01
C ILE C 135 -35.71 19.77 4.08
N ASN C 136 -35.20 18.81 3.29
CA ASN C 136 -35.61 17.41 3.46
C ASN C 136 -34.36 16.54 3.50
N TRP C 137 -33.88 16.19 4.71
CA TRP C 137 -32.71 15.34 4.82
C TRP C 137 -33.01 13.87 4.56
N GLY C 138 -34.27 13.51 4.33
CA GLY C 138 -34.59 12.18 3.88
C GLY C 138 -34.68 12.00 2.40
N GLY C 139 -34.45 13.08 1.63
CA GLY C 139 -34.54 13.06 0.19
C GLY C 139 -33.18 13.29 -0.45
N GLY C 140 -33.22 13.46 -1.79
CA GLY C 140 -32.01 13.74 -2.58
C GLY C 140 -31.51 12.57 -3.42
N TRP C 141 -32.38 11.66 -3.84
CA TRP C 141 -31.94 10.40 -4.47
C TRP C 141 -31.82 10.58 -5.98
N HIS C 142 -30.72 11.25 -6.37
CA HIS C 142 -30.56 11.82 -7.70
C HIS C 142 -30.22 10.80 -8.79
N HIS C 143 -29.88 9.56 -8.44
CA HIS C 143 -29.50 8.59 -9.47
C HIS C 143 -30.66 7.81 -10.08
N ALA C 144 -31.84 7.78 -9.46
CA ALA C 144 -32.90 6.90 -9.96
C ALA C 144 -33.39 7.37 -11.33
N LYS C 145 -33.66 6.43 -12.24
CA LYS C 145 -34.12 6.75 -13.58
C LYS C 145 -35.57 6.34 -13.77
N ARG C 146 -36.13 6.71 -14.91
CA ARG C 146 -37.54 6.43 -15.21
C ARG C 146 -37.92 4.98 -14.94
N SER C 147 -37.11 4.02 -15.41
CA SER C 147 -37.39 2.61 -15.24
C SER C 147 -36.18 1.86 -14.71
N GLU C 148 -35.42 2.48 -13.81
CA GLU C 148 -34.18 1.83 -13.37
C GLU C 148 -33.78 2.37 -12.00
N ALA C 149 -33.49 1.46 -11.07
CA ALA C 149 -32.84 1.82 -9.82
C ALA C 149 -31.33 1.94 -10.04
N SER C 150 -30.70 2.86 -9.31
CA SER C 150 -29.27 3.07 -9.49
C SER C 150 -28.68 3.68 -8.24
N GLY C 151 -27.51 3.19 -7.80
CA GLY C 151 -26.81 3.92 -6.74
C GLY C 151 -27.57 4.04 -5.44
N PHE C 152 -28.26 2.96 -5.04
N PHE C 152 -28.27 2.98 -5.04
CA PHE C 152 -29.22 2.88 -3.93
CA PHE C 152 -29.13 2.97 -3.85
C PHE C 152 -30.24 4.00 -3.98
C PHE C 152 -30.31 3.93 -3.97
N CYS C 153 -30.63 4.40 -5.19
CA CYS C 153 -31.74 5.32 -5.43
C CYS C 153 -32.81 4.54 -6.18
N TYR C 154 -34.00 4.44 -5.60
CA TYR C 154 -35.07 3.64 -6.22
C TYR C 154 -36.14 4.51 -6.86
N LEU C 155 -36.55 5.61 -6.20
CA LEU C 155 -37.46 6.59 -6.79
C LEU C 155 -36.82 7.96 -6.73
N ASN C 156 -37.00 8.76 -7.79
CA ASN C 156 -36.26 10.01 -7.89
C ASN C 156 -37.15 11.11 -7.32
N ASP C 157 -37.01 11.32 -6.00
CA ASP C 157 -37.79 12.36 -5.33
C ASP C 157 -37.46 13.74 -5.86
N ILE C 158 -36.23 13.94 -6.35
CA ILE C 158 -35.82 15.25 -6.85
C ILE C 158 -36.56 15.59 -8.13
N VAL C 159 -36.58 14.66 -9.07
CA VAL C 159 -37.27 14.91 -10.34
C VAL C 159 -38.74 15.23 -10.09
N LEU C 160 -39.38 14.49 -9.18
CA LEU C 160 -40.79 14.70 -8.95
C LEU C 160 -41.05 16.04 -8.27
N ALA C 161 -40.17 16.43 -7.35
CA ALA C 161 -40.29 17.74 -6.69
C ALA C 161 -40.09 18.88 -7.69
N ILE C 162 -39.07 18.76 -8.54
CA ILE C 162 -38.80 19.77 -9.56
C ILE C 162 -39.99 19.89 -10.51
N HIS C 163 -40.58 18.75 -10.90
CA HIS C 163 -41.72 18.78 -11.82
C HIS C 163 -42.92 19.48 -11.18
N ARG C 164 -43.17 19.27 -9.89
CA ARG C 164 -44.23 20.04 -9.24
C ARG C 164 -43.92 21.54 -9.26
N LEU C 165 -42.67 21.92 -9.00
CA LEU C 165 -42.30 23.33 -8.96
C LEU C 165 -42.45 23.97 -10.33
N VAL C 166 -41.90 23.32 -11.37
CA VAL C 166 -41.88 23.94 -12.69
C VAL C 166 -43.26 23.95 -13.32
N SER C 167 -44.19 23.13 -12.80
CA SER C 167 -45.57 23.09 -13.25
C SER C 167 -46.47 24.14 -12.59
N SER C 168 -45.96 24.88 -11.61
CA SER C 168 -46.76 25.83 -10.85
C SER C 168 -46.67 27.24 -11.45
N THR C 169 -47.45 28.15 -10.89
CA THR C 169 -47.43 29.56 -11.29
C THR C 169 -47.56 30.47 -10.08
N GLN C 178 -41.79 30.79 -18.52
CA GLN C 178 -41.64 31.83 -17.50
C GLN C 178 -41.10 31.24 -16.18
N THR C 179 -41.76 30.25 -15.61
CA THR C 179 -41.22 29.59 -14.41
C THR C 179 -40.03 28.72 -14.79
N ARG C 180 -38.87 28.99 -14.19
CA ARG C 180 -37.67 28.20 -14.41
C ARG C 180 -37.14 27.72 -13.06
N VAL C 181 -36.57 26.52 -13.04
CA VAL C 181 -35.96 25.97 -11.84
C VAL C 181 -34.46 25.79 -12.10
N LEU C 182 -33.64 26.19 -11.13
CA LEU C 182 -32.22 25.88 -11.13
C LEU C 182 -31.93 24.75 -10.15
N TYR C 183 -31.37 23.66 -10.65
CA TYR C 183 -30.99 22.51 -9.84
C TYR C 183 -29.49 22.53 -9.66
N VAL C 184 -29.04 22.46 -8.39
CA VAL C 184 -27.63 22.49 -8.05
C VAL C 184 -27.32 21.21 -7.29
N ASP C 185 -26.38 20.41 -7.80
CA ASP C 185 -26.10 19.10 -7.23
C ASP C 185 -24.67 19.10 -6.68
N LEU C 186 -24.55 19.12 -5.35
CA LEU C 186 -23.27 19.25 -4.65
C LEU C 186 -22.69 17.91 -4.21
N ASP C 187 -23.41 16.81 -4.44
CA ASP C 187 -22.95 15.46 -4.11
C ASP C 187 -21.58 15.18 -4.76
N LEU C 188 -20.79 14.31 -4.12
CA LEU C 188 -19.57 13.79 -4.74
C LEU C 188 -19.82 13.21 -6.13
N HIS C 189 -20.99 12.63 -6.36
CA HIS C 189 -21.31 11.95 -7.62
C HIS C 189 -22.15 12.82 -8.54
N HIS C 190 -22.00 12.55 -9.84
CA HIS C 190 -22.74 13.26 -10.87
C HIS C 190 -24.24 13.02 -10.72
N GLY C 191 -25.02 14.09 -10.73
CA GLY C 191 -26.46 13.95 -10.66
C GLY C 191 -27.12 13.50 -11.96
N ASP C 192 -26.86 12.25 -12.35
CA ASP C 192 -27.21 11.77 -13.69
C ASP C 192 -28.72 11.61 -13.87
N GLY C 193 -29.43 11.09 -12.87
CA GLY C 193 -30.85 10.83 -13.06
C GLY C 193 -31.65 12.10 -13.24
N VAL C 194 -31.31 13.15 -12.48
CA VAL C 194 -31.98 14.44 -12.62
C VAL C 194 -31.62 15.07 -13.95
N GLU C 195 -30.32 15.09 -14.27
CA GLU C 195 -29.90 15.65 -15.56
C GLU C 195 -30.64 15.00 -16.72
N GLU C 196 -30.77 13.68 -16.68
CA GLU C 196 -31.39 12.94 -17.78
C GLU C 196 -32.89 13.23 -17.87
N ALA C 197 -33.56 13.32 -16.72
CA ALA C 197 -34.99 13.58 -16.70
C ALA C 197 -35.32 14.89 -17.41
N PHE C 198 -34.43 15.88 -17.33
CA PHE C 198 -34.70 17.20 -17.89
C PHE C 198 -33.82 17.56 -19.08
N TRP C 199 -33.26 16.54 -19.74
CA TRP C 199 -32.31 16.76 -20.84
C TRP C 199 -32.93 17.59 -21.95
N TYR C 200 -34.22 17.41 -22.20
CA TYR C 200 -34.91 18.06 -23.33
C TYR C 200 -35.70 19.28 -22.91
N SER C 201 -35.58 19.72 -21.66
CA SER C 201 -36.40 20.79 -21.11
CA SER C 201 -36.40 20.79 -21.13
C SER C 201 -35.55 22.01 -20.79
N PRO C 202 -35.80 23.15 -21.41
CA PRO C 202 -35.04 24.36 -21.06
C PRO C 202 -35.44 24.96 -19.72
N ARG C 203 -36.60 24.62 -19.20
CA ARG C 203 -37.09 25.31 -18.01
C ARG C 203 -36.48 24.76 -16.72
N VAL C 204 -35.79 23.63 -16.77
CA VAL C 204 -35.05 23.13 -15.61
C VAL C 204 -33.59 23.08 -16.01
N VAL C 205 -32.80 23.99 -15.46
CA VAL C 205 -31.36 24.03 -15.71
C VAL C 205 -30.69 23.25 -14.60
N THR C 206 -29.87 22.28 -14.96
CA THR C 206 -29.23 21.42 -13.97
C THR C 206 -27.74 21.72 -13.96
N PHE C 207 -27.14 21.71 -12.78
CA PHE C 207 -25.71 21.97 -12.63
C PHE C 207 -25.17 21.01 -11.59
N SER C 208 -24.28 20.12 -11.98
CA SER C 208 -23.67 19.19 -11.03
C SER C 208 -22.17 19.46 -10.98
N VAL C 209 -21.63 19.56 -9.76
CA VAL C 209 -20.19 19.51 -9.50
C VAL C 209 -19.92 18.18 -8.80
N HIS C 210 -18.84 17.49 -9.22
CA HIS C 210 -18.67 16.09 -8.78
C HIS C 210 -17.26 15.65 -9.11
N HIS C 211 -16.86 14.52 -8.55
CA HIS C 211 -15.67 13.84 -9.05
C HIS C 211 -16.06 12.99 -10.25
N ALA C 212 -15.17 12.97 -11.25
CA ALA C 212 -15.29 11.98 -12.30
C ALA C 212 -13.91 11.46 -12.64
N SER C 213 -13.81 10.15 -12.86
CA SER C 213 -12.57 9.51 -13.30
C SER C 213 -12.95 8.12 -13.82
N PRO C 214 -12.04 7.45 -14.54
CA PRO C 214 -12.40 6.16 -15.16
C PRO C 214 -12.78 5.10 -14.14
N GLY C 215 -13.96 4.51 -14.34
CA GLY C 215 -14.45 3.48 -13.44
C GLY C 215 -15.19 4.00 -12.23
N PHE C 216 -15.23 5.32 -12.02
CA PHE C 216 -15.91 5.91 -10.88
C PHE C 216 -17.38 6.12 -11.18
N PHE C 217 -18.24 5.64 -10.28
CA PHE C 217 -19.69 5.72 -10.44
C PHE C 217 -20.18 7.16 -10.48
N PRO C 218 -21.15 7.48 -11.37
CA PRO C 218 -21.82 6.59 -12.32
C PRO C 218 -21.23 6.66 -13.72
N GLY C 219 -20.19 7.47 -13.90
CA GLY C 219 -19.46 7.50 -15.15
C GLY C 219 -19.73 8.69 -16.03
N THR C 220 -20.79 9.45 -15.79
CA THR C 220 -21.21 10.55 -16.64
C THR C 220 -20.77 11.89 -16.04
N GLY C 221 -21.22 12.98 -16.67
CA GLY C 221 -20.89 14.31 -16.17
C GLY C 221 -19.51 14.77 -16.56
N THR C 222 -18.94 14.22 -17.61
CA THR C 222 -17.59 14.63 -17.99
C THR C 222 -17.48 14.54 -19.51
N TRP C 223 -16.24 14.68 -20.00
CA TRP C 223 -15.97 14.65 -21.44
C TRP C 223 -16.51 13.38 -22.07
N ASN C 224 -17.10 13.52 -23.25
CA ASN C 224 -17.69 12.39 -23.96
C ASN C 224 -16.76 11.86 -25.05
N LEU C 231 -11.93 14.50 -30.84
CA LEU C 231 -11.66 15.41 -29.73
C LEU C 231 -12.89 15.52 -28.82
N PRO C 232 -12.70 15.35 -27.51
CA PRO C 232 -13.85 15.19 -26.61
C PRO C 232 -14.58 16.49 -26.37
N ILE C 233 -15.88 16.36 -26.09
CA ILE C 233 -16.76 17.50 -25.83
C ILE C 233 -17.70 17.12 -24.70
N PHE C 234 -18.29 18.14 -24.06
CA PHE C 234 -19.37 17.93 -23.10
C PHE C 234 -20.72 17.95 -23.81
N LEU C 235 -21.49 16.89 -23.65
CA LEU C 235 -22.89 16.96 -24.00
C LEU C 235 -23.58 17.85 -22.97
N ASN C 236 -24.64 18.57 -23.39
CA ASN C 236 -25.18 19.59 -22.49
C ASN C 236 -26.69 19.74 -22.65
N GLY C 237 -27.38 18.70 -23.07
CA GLY C 237 -28.81 18.73 -23.32
C GLY C 237 -29.11 18.63 -24.80
N ALA C 238 -30.40 18.51 -25.12
CA ALA C 238 -30.73 18.34 -26.54
C ALA C 238 -32.08 18.98 -26.86
N GLY C 239 -32.27 19.26 -28.16
CA GLY C 239 -33.56 19.85 -28.54
C GLY C 239 -33.73 21.22 -27.93
N ARG C 240 -34.95 21.47 -27.43
CA ARG C 240 -35.20 22.71 -26.69
C ARG C 240 -34.34 22.81 -25.45
N GLY C 241 -33.85 21.69 -24.93
CA GLY C 241 -32.96 21.66 -23.78
C GLY C 241 -31.49 21.79 -24.08
N ARG C 242 -31.09 22.06 -25.33
CA ARG C 242 -29.67 22.28 -25.60
C ARG C 242 -29.11 23.38 -24.70
N PHE C 243 -27.88 23.16 -24.20
CA PHE C 243 -27.13 24.07 -23.32
C PHE C 243 -27.71 24.16 -21.91
N SER C 244 -28.69 23.34 -21.56
CA SER C 244 -29.35 23.48 -20.26
C SER C 244 -28.82 22.53 -19.19
N ALA C 245 -27.87 21.65 -19.51
CA ALA C 245 -27.30 20.74 -18.51
C ALA C 245 -25.81 21.07 -18.35
N PHE C 246 -25.44 21.53 -17.15
CA PHE C 246 -24.08 22.00 -16.85
C PHE C 246 -23.37 21.00 -15.95
N ASN C 247 -22.08 20.82 -16.19
CA ASN C 247 -21.29 19.88 -15.39
C ASN C 247 -19.90 20.43 -15.13
N LEU C 248 -19.41 20.21 -13.91
CA LEU C 248 -18.04 20.55 -13.54
C LEU C 248 -17.44 19.34 -12.85
N PRO C 249 -16.76 18.47 -13.61
CA PRO C 249 -15.98 17.39 -12.99
C PRO C 249 -14.66 17.91 -12.43
N LEU C 250 -14.29 17.40 -11.26
CA LEU C 250 -13.12 17.85 -10.52
C LEU C 250 -12.27 16.64 -10.13
N GLU C 251 -10.95 16.82 -10.14
CA GLU C 251 -10.04 15.76 -9.71
C GLU C 251 -10.10 15.55 -8.20
N GLU C 252 -9.64 14.39 -7.76
CA GLU C 252 -9.70 14.08 -6.34
C GLU C 252 -8.76 14.98 -5.55
N GLY C 253 -9.10 15.19 -4.27
CA GLY C 253 -8.25 15.92 -3.36
C GLY C 253 -8.63 17.37 -3.09
N ILE C 254 -9.69 17.90 -3.71
CA ILE C 254 -9.96 19.34 -3.62
C ILE C 254 -10.40 19.71 -2.20
N ASN C 255 -9.95 20.89 -1.75
CA ASN C 255 -10.26 21.36 -0.41
C ASN C 255 -11.41 22.38 -0.43
N ASP C 256 -11.79 22.86 0.77
CA ASP C 256 -12.93 23.78 0.90
C ASP C 256 -12.75 25.00 0.00
N LEU C 257 -11.58 25.63 0.08
CA LEU C 257 -11.37 26.91 -0.60
C LEU C 257 -11.43 26.73 -2.11
N ASP C 258 -10.73 25.72 -2.63
CA ASP C 258 -10.67 25.57 -4.08
C ASP C 258 -12.00 25.13 -4.64
N TRP C 259 -12.75 24.28 -3.91
CA TRP C 259 -14.09 23.93 -4.34
C TRP C 259 -15.04 25.13 -4.30
N SER C 260 -14.92 25.96 -3.25
CA SER C 260 -15.75 27.17 -3.18
C SER C 260 -15.44 28.11 -4.32
N ASN C 261 -14.14 28.34 -4.58
CA ASN C 261 -13.74 29.22 -5.69
C ASN C 261 -14.10 28.63 -7.05
N ALA C 262 -14.19 27.31 -7.15
CA ALA C 262 -14.64 26.68 -8.39
C ALA C 262 -16.11 26.97 -8.67
N ILE C 263 -17.00 26.73 -7.71
CA ILE C 263 -18.42 26.81 -8.05
C ILE C 263 -19.07 28.15 -7.73
N GLY C 264 -18.45 28.98 -6.89
CA GLY C 264 -19.05 30.24 -6.52
C GLY C 264 -19.44 31.15 -7.69
N PRO C 265 -18.48 31.50 -8.54
CA PRO C 265 -18.80 32.39 -9.67
C PRO C 265 -19.76 31.75 -10.67
N ILE C 266 -19.68 30.44 -10.83
CA ILE C 266 -20.59 29.74 -11.72
C ILE C 266 -22.01 29.83 -11.19
N LEU C 267 -22.19 29.55 -9.89
CA LEU C 267 -23.51 29.64 -9.27
C LEU C 267 -24.08 31.04 -9.44
N ASP C 268 -23.29 32.06 -9.09
CA ASP C 268 -23.76 33.45 -9.20
C ASP C 268 -24.14 33.78 -10.64
N SER C 269 -23.35 33.32 -11.61
CA SER C 269 -23.65 33.61 -13.02
C SER C 269 -24.93 32.91 -13.45
N LEU C 270 -25.13 31.66 -13.00
CA LEU C 270 -26.37 30.96 -13.34
C LEU C 270 -27.58 31.69 -12.78
N ASN C 271 -27.49 32.18 -11.54
CA ASN C 271 -28.60 32.95 -11.01
C ASN C 271 -28.86 34.22 -11.83
N ILE C 272 -27.80 34.93 -12.23
CA ILE C 272 -27.97 36.19 -12.97
C ILE C 272 -28.69 35.95 -14.28
N VAL C 273 -28.25 34.93 -15.03
CA VAL C 273 -28.75 34.75 -16.39
C VAL C 273 -30.06 33.96 -16.40
N ILE C 274 -30.16 32.88 -15.61
CA ILE C 274 -31.38 32.07 -15.62
C ILE C 274 -32.53 32.77 -14.91
N GLN C 275 -32.24 33.58 -13.89
CA GLN C 275 -33.26 34.20 -13.04
C GLN C 275 -34.30 33.19 -12.56
N PRO C 276 -33.88 32.13 -11.87
CA PRO C 276 -34.79 31.06 -11.46
C PRO C 276 -35.89 31.52 -10.52
N SER C 277 -37.07 30.88 -10.66
CA SER C 277 -38.18 31.05 -9.72
C SER C 277 -38.00 30.22 -8.47
N TYR C 278 -37.32 29.10 -8.62
CA TYR C 278 -37.00 28.19 -7.53
C TYR C 278 -35.60 27.64 -7.74
N VAL C 279 -34.93 27.34 -6.62
CA VAL C 279 -33.65 26.64 -6.64
C VAL C 279 -33.84 25.35 -5.86
N VAL C 280 -33.33 24.24 -6.39
CA VAL C 280 -33.32 22.95 -5.71
C VAL C 280 -31.86 22.51 -5.56
N VAL C 281 -31.43 22.27 -4.33
CA VAL C 281 -30.03 21.97 -4.01
C VAL C 281 -29.96 20.57 -3.43
N GLN C 282 -29.17 19.71 -4.06
CA GLN C 282 -28.85 18.41 -3.49
C GLN C 282 -27.55 18.58 -2.71
N CYS C 283 -27.55 18.20 -1.44
CA CYS C 283 -26.40 18.50 -0.59
C CYS C 283 -25.78 17.22 -0.04
N GLY C 284 -25.57 16.22 -0.92
CA GLY C 284 -24.95 14.98 -0.49
C GLY C 284 -23.64 15.24 0.20
N ALA C 285 -23.42 14.55 1.32
CA ALA C 285 -22.31 14.83 2.24
C ALA C 285 -21.07 14.01 1.95
N ASP C 286 -21.03 13.30 0.82
CA ASP C 286 -19.91 12.42 0.57
C ASP C 286 -18.68 13.14 0.02
N CYS C 287 -18.69 14.48 -0.06
CA CYS C 287 -17.44 15.22 -0.35
C CYS C 287 -16.63 15.51 0.90
N LEU C 288 -17.15 15.22 2.08
CA LEU C 288 -16.39 15.44 3.30
C LEU C 288 -15.10 14.64 3.28
N ALA C 289 -14.05 15.22 3.85
CA ALA C 289 -12.76 14.55 3.91
C ALA C 289 -12.82 13.23 4.66
N THR C 290 -13.80 13.07 5.55
CA THR C 290 -13.94 11.89 6.37
C THR C 290 -14.96 10.89 5.85
N ASP C 291 -15.58 11.18 4.69
CA ASP C 291 -16.40 10.16 4.03
C ASP C 291 -15.51 8.98 3.63
N PRO C 292 -16.00 7.74 3.76
CA PRO C 292 -15.15 6.58 3.38
C PRO C 292 -14.81 6.55 1.89
N HIS C 293 -15.51 7.28 1.00
CA HIS C 293 -15.03 7.41 -0.37
C HIS C 293 -13.61 7.97 -0.41
N ARG C 294 -13.32 8.93 0.49
CA ARG C 294 -11.98 9.51 0.61
C ARG C 294 -11.51 10.13 -0.71
N ILE C 295 -12.36 10.97 -1.31
CA ILE C 295 -12.07 11.57 -2.62
C ILE C 295 -11.85 13.09 -2.53
N PHE C 296 -12.84 13.84 -2.05
CA PHE C 296 -12.64 15.27 -1.80
C PHE C 296 -12.29 15.49 -0.34
N ARG C 297 -11.88 16.72 -0.03
CA ARG C 297 -11.45 17.04 1.34
C ARG C 297 -12.23 18.22 1.90
N LEU C 298 -13.54 18.25 1.66
CA LEU C 298 -14.36 19.30 2.25
C LEU C 298 -14.56 19.05 3.75
N THR C 299 -14.95 20.10 4.47
CA THR C 299 -15.18 20.02 5.90
C THR C 299 -16.55 20.58 6.22
N ASN C 300 -16.90 20.59 7.51
CA ASN C 300 -18.05 21.33 8.01
C ASN C 300 -17.63 22.53 8.86
N PHE C 301 -16.41 23.02 8.68
CA PHE C 301 -15.90 24.05 9.56
C PHE C 301 -16.60 25.38 9.34
N TYR C 302 -16.78 26.14 10.42
CA TYR C 302 -17.47 27.43 10.36
C TYR C 302 -16.79 28.40 11.30
N PRO C 303 -15.93 29.29 10.79
CA PRO C 303 -15.09 30.22 11.57
C PRO C 303 -15.86 31.00 12.62
N SER C 316 -10.47 28.21 7.82
CA SER C 316 -11.29 28.53 6.65
C SER C 316 -12.68 27.89 6.74
N LEU C 317 -13.47 28.04 5.68
CA LEU C 317 -14.91 27.84 5.73
C LEU C 317 -15.34 26.65 4.87
N SER C 318 -16.15 25.76 5.45
CA SER C 318 -16.74 24.64 4.71
C SER C 318 -17.22 25.06 3.33
N GLY C 319 -16.80 24.31 2.30
CA GLY C 319 -17.30 24.58 0.97
C GLY C 319 -18.82 24.48 0.88
N TYR C 320 -19.40 23.49 1.54
CA TYR C 320 -20.86 23.36 1.57
C TYR C 320 -21.51 24.62 2.13
N LEU C 321 -21.02 25.10 3.26
CA LEU C 321 -21.65 26.26 3.89
C LEU C 321 -21.45 27.50 3.03
N TYR C 322 -20.29 27.63 2.40
CA TYR C 322 -20.06 28.73 1.47
C TYR C 322 -21.11 28.71 0.35
N ALA C 323 -21.30 27.55 -0.28
CA ALA C 323 -22.24 27.41 -1.39
C ALA C 323 -23.67 27.66 -0.91
N ILE C 324 -24.05 27.11 0.24
CA ILE C 324 -25.43 27.28 0.68
C ILE C 324 -25.71 28.75 1.02
N LYS C 325 -24.76 29.40 1.70
CA LYS C 325 -24.93 30.82 2.02
C LYS C 325 -25.08 31.63 0.75
N LYS C 326 -24.28 31.32 -0.27
CA LYS C 326 -24.36 32.05 -1.53
C LYS C 326 -25.72 31.87 -2.19
N ILE C 327 -26.20 30.62 -2.29
CA ILE C 327 -27.50 30.36 -2.91
C ILE C 327 -28.61 31.08 -2.16
N LEU C 328 -28.58 31.01 -0.82
CA LEU C 328 -29.62 31.65 -0.03
C LEU C 328 -29.61 33.16 -0.18
N SER C 329 -28.45 33.75 -0.47
CA SER C 329 -28.36 35.20 -0.60
C SER C 329 -29.15 35.72 -1.79
N TRP C 330 -29.49 34.83 -2.74
CA TRP C 330 -30.26 35.25 -3.90
C TRP C 330 -31.71 35.54 -3.55
N LYS C 331 -32.19 35.05 -2.40
CA LYS C 331 -33.58 35.26 -1.95
C LYS C 331 -34.59 34.69 -2.94
N VAL C 332 -34.31 33.50 -3.46
CA VAL C 332 -35.18 32.72 -4.32
C VAL C 332 -35.70 31.56 -3.49
N PRO C 333 -36.99 31.20 -3.53
CA PRO C 333 -37.47 30.03 -2.78
C PRO C 333 -36.66 28.79 -3.13
N THR C 334 -36.25 28.03 -2.11
CA THR C 334 -35.20 27.04 -2.28
C THR C 334 -35.55 25.75 -1.55
N LEU C 335 -35.30 24.61 -2.19
CA LEU C 335 -35.38 23.30 -1.54
C LEU C 335 -33.96 22.83 -1.29
N ILE C 336 -33.67 22.37 -0.06
CA ILE C 336 -32.38 21.79 0.28
C ILE C 336 -32.62 20.32 0.61
N LEU C 337 -31.98 19.43 -0.15
CA LEU C 337 -32.15 17.99 0.01
C LEU C 337 -30.83 17.35 0.46
N GLY C 338 -30.93 16.12 1.00
CA GLY C 338 -29.76 15.33 1.37
C GLY C 338 -29.16 14.58 0.19
N GLY C 339 -28.78 13.34 0.38
CA GLY C 339 -28.13 12.60 -0.68
C GLY C 339 -27.14 11.61 -0.09
N GLY C 340 -25.99 11.47 -0.76
CA GLY C 340 -24.98 10.56 -0.27
C GLY C 340 -24.38 11.01 1.06
N GLY C 341 -23.56 10.13 1.61
CA GLY C 341 -22.92 10.41 2.88
C GLY C 341 -22.90 9.20 3.77
N TYR C 342 -21.74 8.53 3.83
CA TYR C 342 -21.66 7.20 4.37
C TYR C 342 -20.97 7.17 5.72
N ASN C 343 -20.46 8.31 6.17
CA ASN C 343 -20.01 8.51 7.55
C ASN C 343 -21.20 9.17 8.26
N PHE C 344 -22.00 8.38 9.00
CA PHE C 344 -23.28 8.96 9.41
C PHE C 344 -23.10 10.07 10.44
N PRO C 345 -22.24 9.92 11.45
CA PRO C 345 -22.05 11.05 12.38
C PRO C 345 -21.53 12.31 11.71
N ASP C 346 -20.58 12.19 10.78
CA ASP C 346 -20.07 13.40 10.14
C ASP C 346 -21.09 13.99 9.17
N THR C 347 -21.94 13.16 8.57
CA THR C 347 -23.05 13.67 7.77
C THR C 347 -24.04 14.48 8.64
N ALA C 348 -24.36 13.95 9.82
CA ALA C 348 -25.16 14.72 10.76
C ALA C 348 -24.47 16.02 11.17
N ARG C 349 -23.16 15.98 11.43
CA ARG C 349 -22.42 17.18 11.79
C ARG C 349 -22.54 18.25 10.71
N LEU C 350 -22.40 17.84 9.44
CA LEU C 350 -22.48 18.81 8.34
C LEU C 350 -23.89 19.35 8.20
N TRP C 351 -24.88 18.45 8.15
CA TRP C 351 -26.24 18.88 7.85
C TRP C 351 -26.85 19.67 9.00
N THR C 352 -26.40 19.41 10.23
CA THR C 352 -26.80 20.27 11.35
C THR C 352 -26.29 21.71 11.14
N ARG C 353 -25.02 21.87 10.74
CA ARG C 353 -24.53 23.21 10.44
C ARG C 353 -25.26 23.83 9.26
N VAL C 354 -25.57 23.03 8.23
CA VAL C 354 -26.35 23.59 7.09
C VAL C 354 -27.69 24.12 7.57
N THR C 355 -28.35 23.37 8.45
CA THR C 355 -29.66 23.78 8.97
C THR C 355 -29.56 25.08 9.75
N ALA C 356 -28.57 25.15 10.65
CA ALA C 356 -28.38 26.36 11.44
C ALA C 356 -28.10 27.56 10.54
N LEU C 357 -27.26 27.36 9.53
CA LEU C 357 -26.93 28.43 8.61
C LEU C 357 -28.16 28.93 7.86
N THR C 358 -29.04 28.00 7.49
CA THR C 358 -30.25 28.35 6.75
C THR C 358 -31.17 29.22 7.60
N ILE C 359 -31.35 28.85 8.86
CA ILE C 359 -32.10 29.68 9.79
C ILE C 359 -31.48 31.07 9.88
N GLU C 360 -30.16 31.15 10.03
CA GLU C 360 -29.49 32.44 10.17
C GLU C 360 -29.73 33.32 8.95
N GLU C 361 -29.47 32.77 7.77
CA GLU C 361 -29.55 33.57 6.54
C GLU C 361 -30.98 33.97 6.22
N VAL C 362 -31.93 33.08 6.45
CA VAL C 362 -33.30 33.38 6.04
C VAL C 362 -33.99 34.29 7.05
N LYS C 363 -33.84 33.99 8.34
CA LYS C 363 -34.53 34.73 9.39
C LYS C 363 -33.71 35.86 9.98
N GLY C 364 -32.43 35.99 9.61
CA GLY C 364 -31.58 37.01 10.20
C GLY C 364 -31.34 36.82 11.68
N LYS C 365 -31.25 35.58 12.15
CA LYS C 365 -31.30 35.25 13.56
C LYS C 365 -30.10 34.40 13.92
N LYS C 366 -29.24 34.88 14.81
CA LYS C 366 -27.97 34.22 15.07
C LYS C 366 -28.20 32.85 15.70
N MET C 367 -27.60 31.82 15.10
CA MET C 367 -27.67 30.45 15.61
C MET C 367 -26.28 30.07 16.07
N THR C 368 -26.06 30.05 17.38
CA THR C 368 -24.76 29.72 17.93
C THR C 368 -24.75 28.26 18.34
N ILE C 369 -23.85 27.49 17.75
CA ILE C 369 -23.78 26.07 17.98
C ILE C 369 -22.57 25.80 18.86
N SER C 370 -22.79 25.11 19.98
CA SER C 370 -21.69 24.77 20.87
C SER C 370 -20.73 23.80 20.17
N PRO C 371 -19.42 23.96 20.35
CA PRO C 371 -18.50 22.99 19.73
C PRO C 371 -18.60 21.59 20.34
N GLU C 372 -19.10 21.46 21.56
CA GLU C 372 -19.33 20.14 22.14
C GLU C 372 -20.70 19.60 21.74
N ILE C 373 -20.75 18.34 21.32
CA ILE C 373 -22.01 17.67 20.99
C ILE C 373 -22.91 17.66 22.23
N PRO C 374 -24.18 18.05 22.12
CA PRO C 374 -25.05 18.04 23.31
C PRO C 374 -25.49 16.63 23.67
N GLU C 375 -25.89 16.47 24.94
CA GLU C 375 -26.53 15.23 25.39
C GLU C 375 -27.74 14.90 24.53
N HIS C 376 -27.82 13.63 24.07
CA HIS C 376 -28.98 13.07 23.39
C HIS C 376 -28.70 11.59 23.19
N SER C 377 -29.72 10.83 22.75
CA SER C 377 -29.55 9.38 22.82
C SER C 377 -28.58 8.83 21.78
N TYR C 378 -28.09 9.64 20.84
CA TYR C 378 -27.02 9.20 19.95
C TYR C 378 -25.67 9.84 20.28
N PHE C 379 -25.53 10.46 21.46
CA PHE C 379 -24.27 11.11 21.83
C PHE C 379 -23.07 10.21 21.60
N SER C 380 -23.19 8.91 21.95
CA SER C 380 -22.06 7.99 21.87
C SER C 380 -21.56 7.75 20.45
N ARG C 381 -22.35 8.11 19.44
CA ARG C 381 -21.89 7.92 18.06
C ARG C 381 -20.90 8.99 17.63
N TYR C 382 -20.66 10.00 18.45
CA TYR C 382 -19.82 11.14 18.09
C TYR C 382 -18.43 11.05 18.73
N GLY C 383 -18.03 9.88 19.21
CA GLY C 383 -16.71 9.72 19.81
C GLY C 383 -15.63 9.65 18.75
N PRO C 384 -14.35 9.70 19.18
CA PRO C 384 -13.92 9.84 20.56
C PRO C 384 -13.85 11.30 21.07
N ASP C 385 -14.05 12.27 20.19
CA ASP C 385 -13.94 13.68 20.52
C ASP C 385 -15.22 14.31 21.04
N PHE C 386 -16.38 13.81 20.57
CA PHE C 386 -17.70 14.39 20.86
C PHE C 386 -17.73 15.89 20.58
N GLU C 387 -17.09 16.30 19.48
CA GLU C 387 -17.13 17.69 19.02
C GLU C 387 -17.88 17.78 17.69
N LEU C 388 -18.32 18.99 17.37
CA LEU C 388 -19.13 19.23 16.17
C LEU C 388 -18.26 19.26 14.90
N ASP C 389 -17.09 19.91 14.95
CA ASP C 389 -16.16 19.87 13.82
C ASP C 389 -15.80 18.43 13.50
N ILE C 390 -15.77 18.09 12.21
CA ILE C 390 -15.28 16.75 11.85
C ILE C 390 -13.80 16.64 12.24
N ASP C 391 -13.36 15.40 12.45
CA ASP C 391 -12.02 15.10 12.97
C ASP C 391 -11.08 14.98 11.77
N TYR C 392 -10.69 16.14 11.26
CA TYR C 392 -9.85 16.20 10.09
C TYR C 392 -8.97 17.43 10.22
N PHE C 393 -7.73 17.32 9.76
CA PHE C 393 -6.78 18.43 9.79
C PHE C 393 -6.39 18.82 8.37
N PRO C 394 -7.01 19.84 7.79
CA PRO C 394 -6.70 20.22 6.40
C PRO C 394 -5.23 20.61 6.26
N HIS C 395 -4.64 20.23 5.13
CA HIS C 395 -3.21 20.40 4.91
C HIS C 395 -2.94 20.50 3.42
N GLU C 396 -1.73 20.93 3.08
CA GLU C 396 -1.31 21.06 1.69
C GLU C 396 0.18 20.79 1.55
N THR C 401 -0.82 27.22 -9.48
CA THR C 401 -0.44 25.87 -9.89
C THR C 401 -1.12 25.46 -11.19
N LEU C 402 -0.91 24.19 -11.54
CA LEU C 402 -1.45 23.58 -12.75
C LEU C 402 -2.82 22.95 -12.55
N ASP C 403 -3.31 22.86 -11.32
CA ASP C 403 -4.56 22.19 -11.01
C ASP C 403 -5.78 23.10 -11.17
N SER C 404 -5.64 24.25 -11.82
CA SER C 404 -6.73 25.20 -11.94
C SER C 404 -7.75 24.71 -12.99
N ILE C 405 -8.90 25.40 -13.03
CA ILE C 405 -10.00 25.01 -13.91
C ILE C 405 -10.54 26.21 -14.66
N GLN C 406 -9.67 27.15 -15.02
CA GLN C 406 -10.15 28.35 -15.70
C GLN C 406 -10.72 28.03 -17.07
N LYS C 407 -10.20 27.02 -17.75
CA LYS C 407 -10.82 26.64 -19.02
C LYS C 407 -12.22 26.07 -18.81
N HIS C 408 -12.50 25.44 -17.66
CA HIS C 408 -13.87 25.01 -17.36
C HIS C 408 -14.79 26.21 -17.15
N HIS C 409 -14.32 27.23 -16.43
CA HIS C 409 -15.11 28.46 -16.30
C HIS C 409 -15.45 29.04 -17.68
N ARG C 410 -14.45 29.14 -18.55
CA ARG C 410 -14.69 29.71 -19.87
C ARG C 410 -15.72 28.90 -20.65
N ARG C 411 -15.61 27.57 -20.58
CA ARG C 411 -16.51 26.67 -21.29
C ARG C 411 -17.93 26.77 -20.74
N ILE C 412 -18.06 26.78 -19.42
CA ILE C 412 -19.38 26.88 -18.80
C ILE C 412 -20.04 28.22 -19.11
N LEU C 413 -19.26 29.32 -19.09
CA LEU C 413 -19.86 30.62 -19.38
C LEU C 413 -20.27 30.71 -20.84
N GLU C 414 -19.47 30.14 -21.74
CA GLU C 414 -19.89 30.07 -23.15
C GLU C 414 -21.20 29.27 -23.28
N GLN C 415 -21.31 28.16 -22.55
CA GLN C 415 -22.55 27.40 -22.58
C GLN C 415 -23.72 28.24 -22.05
N LEU C 416 -23.48 29.02 -21.00
CA LEU C 416 -24.54 29.87 -20.44
C LEU C 416 -24.97 30.95 -21.43
N ARG C 417 -24.00 31.56 -22.12
CA ARG C 417 -24.34 32.49 -23.19
C ARG C 417 -25.18 31.81 -24.27
N ASN C 418 -24.80 30.59 -24.66
CA ASN C 418 -25.55 29.85 -25.67
C ASN C 418 -26.96 29.53 -25.20
N TYR C 419 -27.10 29.14 -23.92
CA TYR C 419 -28.43 28.92 -23.35
C TYR C 419 -29.27 30.20 -23.40
N ALA C 420 -28.68 31.34 -23.01
CA ALA C 420 -29.43 32.60 -23.03
C ALA C 420 -29.89 32.94 -24.44
N ASP C 421 -29.00 32.72 -25.42
CA ASP C 421 -29.33 33.04 -26.82
C ASP C 421 -30.46 32.16 -27.34
N LEU C 422 -30.35 30.84 -27.09
CA LEU C 422 -31.38 29.91 -27.57
C LEU C 422 -32.74 30.23 -26.96
N ASN C 423 -32.77 30.64 -25.69
CA ASN C 423 -34.01 30.85 -24.97
C ASN C 423 -34.43 32.31 -24.93
N LYS C 424 -33.80 33.18 -25.73
CA LYS C 424 -34.16 34.60 -25.84
C LYS C 424 -34.17 35.30 -24.49
N LEU C 425 -33.20 34.97 -23.64
CA LEU C 425 -33.03 35.61 -22.34
C LEU C 425 -31.95 36.69 -22.42
N ILE C 426 -32.16 37.75 -21.64
CA ILE C 426 -31.13 38.79 -21.53
C ILE C 426 -29.87 38.17 -20.95
N TYR C 427 -28.75 38.42 -21.62
CA TYR C 427 -27.43 38.01 -21.13
C TYR C 427 -26.70 39.28 -20.72
N ASP C 428 -26.67 39.54 -19.41
CA ASP C 428 -26.11 40.78 -18.85
C ASP C 428 -24.59 40.62 -18.74
N TYR C 429 -23.90 40.87 -19.85
CA TYR C 429 -22.45 40.69 -19.87
C TYR C 429 -21.76 41.50 -18.79
N ASP C 430 -22.18 42.75 -18.59
CA ASP C 430 -21.51 43.61 -17.62
C ASP C 430 -21.56 43.03 -16.21
N GLN C 431 -22.71 42.50 -15.81
CA GLN C 431 -22.84 41.92 -14.48
C GLN C 431 -21.98 40.66 -14.33
N VAL C 432 -21.99 39.80 -15.35
CA VAL C 432 -21.19 38.58 -15.26
C VAL C 432 -19.70 38.92 -15.30
N TYR C 433 -19.31 39.88 -16.14
CA TYR C 433 -17.93 40.32 -16.15
C TYR C 433 -17.50 40.85 -14.78
N GLN C 434 -18.34 41.70 -14.19
CA GLN C 434 -18.01 42.31 -12.91
C GLN C 434 -17.82 41.26 -11.84
N LEU C 435 -18.66 40.22 -11.87
CA LEU C 435 -18.57 39.12 -10.92
C LEU C 435 -17.22 38.40 -11.03
N TYR C 436 -16.83 38.03 -12.25
CA TYR C 436 -15.56 37.35 -12.45
C TYR C 436 -14.37 38.30 -12.27
N ASN C 437 -14.54 39.58 -12.57
CA ASN C 437 -13.41 40.48 -12.36
C ASN C 437 -13.12 40.72 -10.89
N LEU C 438 -14.06 40.40 -9.99
CA LEU C 438 -13.76 40.49 -8.56
C LEU C 438 -12.54 39.65 -8.19
N THR C 439 -12.28 38.58 -8.95
CA THR C 439 -11.11 37.74 -8.75
C THR C 439 -10.10 37.87 -9.89
N GLY C 440 -10.21 38.91 -10.71
CA GLY C 440 -9.28 39.10 -11.80
C GLY C 440 -9.45 38.17 -12.98
N MET C 441 -10.62 37.54 -13.10
CA MET C 441 -10.88 36.60 -14.18
C MET C 441 -11.98 37.09 -15.13
N GLY C 442 -12.20 38.41 -15.20
CA GLY C 442 -13.20 38.93 -16.14
C GLY C 442 -12.93 38.55 -17.59
N SER C 443 -11.67 38.30 -17.94
CA SER C 443 -11.33 37.94 -19.30
C SER C 443 -11.94 36.61 -19.73
N LEU C 444 -12.40 35.79 -18.78
CA LEU C 444 -13.01 34.49 -19.11
C LEU C 444 -14.44 34.62 -19.59
N VAL C 445 -15.05 35.79 -19.44
CA VAL C 445 -16.48 35.98 -19.71
C VAL C 445 -16.67 36.30 -21.19
N PRO C 446 -17.47 35.51 -21.91
CA PRO C 446 -17.72 35.84 -23.32
C PRO C 446 -18.76 36.93 -23.45
N ARG C 447 -18.68 37.67 -24.56
CA ARG C 447 -19.72 38.66 -24.84
C ARG C 447 -20.91 37.98 -25.52
N SER D 3 -30.25 -19.81 -14.43
CA SER D 3 -30.24 -18.39 -14.76
C SER D 3 -29.05 -18.06 -15.67
N VAL D 4 -29.29 -17.28 -16.73
CA VAL D 4 -28.23 -16.86 -17.66
C VAL D 4 -28.16 -15.35 -17.65
N GLY D 5 -26.98 -14.81 -17.37
CA GLY D 5 -26.76 -13.38 -17.36
C GLY D 5 -25.99 -12.92 -18.57
N ILE D 6 -26.10 -11.64 -18.88
CA ILE D 6 -25.36 -11.05 -19.99
C ILE D 6 -25.00 -9.62 -19.61
N VAL D 7 -23.77 -9.23 -19.89
CA VAL D 7 -23.28 -7.91 -19.50
C VAL D 7 -23.67 -6.89 -20.55
N TYR D 8 -24.38 -5.84 -20.13
CA TYR D 8 -24.63 -4.71 -21.00
CA TYR D 8 -24.76 -4.75 -21.02
C TYR D 8 -25.08 -3.51 -20.18
N GLY D 9 -25.11 -2.37 -20.85
CA GLY D 9 -25.52 -1.13 -20.27
C GLY D 9 -25.34 -0.04 -21.31
N ASP D 10 -26.00 1.09 -21.10
CA ASP D 10 -25.93 2.14 -22.11
C ASP D 10 -24.52 2.71 -22.23
N GLN D 11 -23.92 3.06 -21.09
CA GLN D 11 -22.57 3.61 -21.18
C GLN D 11 -21.58 2.52 -21.56
N TYR D 12 -21.79 1.30 -21.08
CA TYR D 12 -20.96 0.18 -21.48
C TYR D 12 -20.94 0.02 -22.99
N ARG D 13 -22.11 0.09 -23.62
CA ARG D 13 -22.18 -0.06 -25.06
C ARG D 13 -21.40 1.04 -25.77
N GLN D 14 -21.55 2.29 -25.31
CA GLN D 14 -20.84 3.41 -25.93
C GLN D 14 -19.33 3.17 -25.89
N LEU D 15 -18.82 2.76 -24.73
CA LEU D 15 -17.39 2.55 -24.57
C LEU D 15 -16.90 1.34 -25.38
N CYS D 16 -17.66 0.24 -25.38
CA CYS D 16 -17.25 -0.92 -26.18
C CYS D 16 -17.29 -0.63 -27.67
N CYS D 17 -17.99 0.42 -28.11
CA CYS D 17 -18.04 0.79 -29.51
C CYS D 17 -17.12 1.96 -29.85
N SER D 18 -16.18 2.30 -28.97
CA SER D 18 -15.40 3.51 -29.14
C SER D 18 -13.99 3.25 -29.70
N SER D 19 -13.66 1.98 -30.05
CA SER D 19 -12.28 1.74 -30.50
C SER D 19 -12.19 1.78 -32.02
N PRO D 20 -11.03 2.15 -32.56
CA PRO D 20 -10.90 2.18 -34.03
C PRO D 20 -10.93 0.80 -34.66
N LYS D 21 -10.48 -0.25 -33.97
CA LYS D 21 -10.40 -1.58 -34.59
C LYS D 21 -11.74 -2.29 -34.59
N PHE D 22 -12.45 -2.25 -33.47
CA PHE D 22 -13.68 -3.03 -33.37
C PHE D 22 -14.92 -2.19 -33.62
N GLY D 23 -14.79 -0.88 -33.80
CA GLY D 23 -15.91 -0.08 -34.26
C GLY D 23 -17.19 -0.36 -33.49
N ASP D 24 -18.30 -0.55 -34.22
CA ASP D 24 -19.62 -0.77 -33.63
C ASP D 24 -19.97 -2.26 -33.50
N ARG D 25 -18.98 -3.14 -33.54
CA ARG D 25 -19.24 -4.58 -33.50
C ARG D 25 -20.12 -4.98 -32.33
N TYR D 26 -19.81 -4.48 -31.13
CA TYR D 26 -20.59 -4.85 -29.94
C TYR D 26 -22.04 -4.43 -30.06
N ALA D 27 -22.30 -3.26 -30.68
CA ALA D 27 -23.67 -2.83 -30.93
C ALA D 27 -24.42 -3.79 -31.85
N LEU D 28 -23.77 -4.24 -32.93
CA LEU D 28 -24.42 -5.22 -33.81
C LEU D 28 -24.72 -6.51 -33.07
N VAL D 29 -23.77 -6.98 -32.26
CA VAL D 29 -23.96 -8.22 -31.51
C VAL D 29 -25.16 -8.08 -30.59
N MET D 30 -25.16 -7.07 -29.73
CA MET D 30 -26.26 -6.96 -28.77
C MET D 30 -27.58 -6.64 -29.47
N ASP D 31 -27.55 -5.88 -30.57
CA ASP D 31 -28.81 -5.56 -31.25
C ASP D 31 -29.38 -6.73 -32.02
N LEU D 32 -28.53 -7.64 -32.49
CA LEU D 32 -29.06 -8.85 -33.11
C LEU D 32 -29.67 -9.78 -32.06
N ILE D 33 -29.01 -9.91 -30.91
CA ILE D 33 -29.57 -10.66 -29.78
C ILE D 33 -30.93 -10.09 -29.40
N ASN D 34 -31.03 -8.76 -29.35
CA ASN D 34 -32.29 -8.14 -29.02
C ASN D 34 -33.32 -8.34 -30.14
N ALA D 35 -32.90 -8.27 -31.41
CA ALA D 35 -33.84 -8.46 -32.51
C ALA D 35 -34.44 -9.87 -32.50
N TYR D 36 -33.69 -10.86 -32.02
CA TYR D 36 -34.19 -12.21 -31.92
C TYR D 36 -34.99 -12.47 -30.62
N LYS D 37 -35.31 -11.42 -29.87
CA LYS D 37 -36.15 -11.50 -28.67
C LYS D 37 -35.53 -12.36 -27.57
N LEU D 38 -34.20 -12.35 -27.47
CA LEU D 38 -33.50 -13.12 -26.45
C LEU D 38 -33.33 -12.38 -25.14
N ILE D 39 -33.38 -11.05 -25.18
CA ILE D 39 -33.09 -10.25 -23.98
C ILE D 39 -34.04 -10.55 -22.83
N PRO D 40 -35.35 -10.74 -23.03
CA PRO D 40 -36.22 -11.11 -21.90
C PRO D 40 -35.85 -12.42 -21.21
N GLU D 41 -35.10 -13.31 -21.88
CA GLU D 41 -34.65 -14.56 -21.27
C GLU D 41 -33.35 -14.41 -20.48
N LEU D 42 -32.73 -13.24 -20.49
CA LEU D 42 -31.41 -13.03 -19.92
C LEU D 42 -31.47 -11.99 -18.81
N SER D 43 -30.70 -12.21 -17.75
CA SER D 43 -30.57 -11.22 -16.69
CA SER D 43 -30.57 -11.22 -16.69
C SER D 43 -29.42 -10.28 -17.02
N ARG D 44 -29.71 -8.97 -17.03
CA ARG D 44 -28.64 -8.01 -17.24
C ARG D 44 -27.72 -7.98 -16.02
N VAL D 45 -26.43 -8.13 -16.28
CA VAL D 45 -25.37 -8.02 -15.28
C VAL D 45 -24.69 -6.67 -15.51
N PRO D 46 -24.81 -5.71 -14.59
CA PRO D 46 -24.23 -4.38 -14.83
C PRO D 46 -22.73 -4.42 -14.65
N PRO D 47 -21.99 -3.67 -15.47
CA PRO D 47 -20.54 -3.59 -15.29
C PRO D 47 -20.19 -3.07 -13.91
N LEU D 48 -19.07 -3.56 -13.37
CA LEU D 48 -18.59 -3.13 -12.07
C LEU D 48 -18.08 -1.71 -12.13
N GLN D 49 -18.43 -0.91 -11.12
CA GLN D 49 -17.85 0.42 -10.95
C GLN D 49 -17.25 0.49 -9.56
N TRP D 50 -16.41 1.49 -9.34
CA TRP D 50 -15.64 1.56 -8.10
C TRP D 50 -15.95 2.85 -7.34
N ASP D 51 -15.68 2.83 -6.04
CA ASP D 51 -16.01 4.01 -5.29
C ASP D 51 -14.83 4.98 -5.17
N SER D 52 -13.70 4.69 -5.82
CA SER D 52 -12.61 5.67 -5.83
C SER D 52 -11.60 5.25 -6.90
N PRO D 53 -10.80 6.22 -7.38
CA PRO D 53 -9.65 5.86 -8.20
C PRO D 53 -8.76 4.82 -7.55
N SER D 54 -8.55 4.93 -6.23
CA SER D 54 -7.65 3.99 -5.56
C SER D 54 -8.17 2.58 -5.66
N ARG D 55 -9.50 2.41 -5.54
CA ARG D 55 -10.10 1.09 -5.62
C ARG D 55 -10.01 0.54 -7.03
N MET D 56 -10.19 1.39 -8.03
CA MET D 56 -10.05 0.97 -9.42
C MET D 56 -8.64 0.47 -9.68
N TYR D 57 -7.64 1.24 -9.23
CA TYR D 57 -6.24 0.83 -9.42
C TYR D 57 -5.95 -0.47 -8.71
N GLU D 58 -6.47 -0.62 -7.49
CA GLU D 58 -6.27 -1.88 -6.76
C GLU D 58 -6.80 -3.06 -7.57
N ALA D 59 -7.95 -2.89 -8.22
CA ALA D 59 -8.54 -3.98 -8.99
C ALA D 59 -7.67 -4.31 -10.19
N VAL D 60 -7.26 -3.29 -10.95
CA VAL D 60 -6.58 -3.57 -12.22
C VAL D 60 -5.15 -4.02 -11.97
N THR D 61 -4.50 -3.48 -10.94
CA THR D 61 -3.11 -3.87 -10.67
C THR D 61 -3.01 -5.17 -9.88
N ALA D 62 -4.14 -5.85 -9.63
CA ALA D 62 -4.08 -7.25 -9.23
C ALA D 62 -3.29 -8.08 -10.25
N PHE D 63 -3.30 -7.67 -11.51
CA PHE D 63 -2.48 -8.29 -12.54
C PHE D 63 -1.50 -7.31 -13.17
N HIS D 64 -1.98 -6.15 -13.65
CA HIS D 64 -1.13 -5.24 -14.40
C HIS D 64 -0.25 -4.41 -13.47
N SER D 65 0.90 -3.98 -13.97
CA SER D 65 1.76 -3.12 -13.17
C SER D 65 1.17 -1.72 -13.04
N THR D 66 1.46 -1.05 -11.91
CA THR D 66 0.98 0.33 -11.77
C THR D 66 1.55 1.22 -12.88
N GLU D 67 2.83 1.03 -13.23
CA GLU D 67 3.40 1.91 -14.25
C GLU D 67 2.73 1.71 -15.61
N TYR D 68 2.32 0.49 -15.93
CA TYR D 68 1.61 0.28 -17.19
C TYR D 68 0.23 0.93 -17.16
N VAL D 69 -0.52 0.77 -16.06
CA VAL D 69 -1.80 1.45 -15.93
C VAL D 69 -1.64 2.97 -16.02
N ASP D 70 -0.64 3.52 -15.33
CA ASP D 70 -0.36 4.96 -15.44
C ASP D 70 -0.16 5.38 -16.90
N ALA D 71 0.65 4.60 -17.65
CA ALA D 71 0.95 4.95 -19.03
C ALA D 71 -0.30 4.87 -19.91
N LEU D 72 -1.11 3.84 -19.74
CA LEU D 72 -2.36 3.72 -20.51
C LEU D 72 -3.30 4.90 -20.23
N LYS D 73 -3.42 5.30 -18.97
CA LYS D 73 -4.24 6.47 -18.66
C LYS D 73 -3.64 7.73 -19.28
N LYS D 74 -2.32 7.89 -19.22
CA LYS D 74 -1.70 9.06 -19.83
C LYS D 74 -1.90 9.05 -21.35
N LEU D 75 -1.84 7.87 -21.97
CA LEU D 75 -2.06 7.78 -23.41
C LEU D 75 -3.43 8.33 -23.80
N GLN D 76 -4.48 7.95 -23.04
CA GLN D 76 -5.81 8.52 -23.28
C GLN D 76 -5.79 10.04 -23.14
N MET D 77 -5.23 10.55 -22.04
CA MET D 77 -5.15 12.00 -21.83
C MET D 77 -4.47 12.69 -23.01
N LEU D 78 -3.33 12.15 -23.45
CA LEU D 78 -2.58 12.76 -24.55
C LEU D 78 -3.39 12.75 -25.85
N HIS D 79 -4.20 11.72 -26.07
CA HIS D 79 -4.98 11.64 -27.28
C HIS D 79 -6.26 12.47 -27.21
N CYS D 80 -6.60 13.04 -26.05
CA CYS D 80 -7.66 14.02 -25.95
C CYS D 80 -7.15 15.45 -26.14
N GLU D 81 -5.84 15.62 -26.33
CA GLU D 81 -5.20 16.88 -26.68
C GLU D 81 -4.99 16.98 -28.18
N GLU D 82 -4.84 18.20 -28.67
CA GLU D 82 -4.48 18.40 -30.07
C GLU D 82 -3.02 18.02 -30.33
N LYS D 83 -2.15 18.40 -29.41
CA LYS D 83 -0.71 18.31 -29.62
C LYS D 83 -0.24 16.85 -29.69
N GLU D 84 0.64 16.57 -30.65
CA GLU D 84 1.19 15.24 -30.79
C GLU D 84 2.17 14.93 -29.66
N LEU D 85 2.47 13.64 -29.50
CA LEU D 85 3.29 13.17 -28.39
C LEU D 85 4.72 13.72 -28.46
N THR D 86 5.27 14.04 -27.31
CA THR D 86 6.69 14.36 -27.25
C THR D 86 7.53 13.10 -27.53
N ALA D 87 8.81 13.32 -27.84
CA ALA D 87 9.73 12.21 -28.02
C ALA D 87 9.80 11.36 -26.76
N ASP D 88 9.85 12.00 -25.59
CA ASP D 88 9.88 11.28 -24.33
C ASP D 88 8.59 10.49 -24.11
N ASP D 89 7.44 11.06 -24.49
CA ASP D 89 6.22 10.29 -24.30
C ASP D 89 6.12 9.13 -25.29
N GLU D 90 6.64 9.28 -26.51
CA GLU D 90 6.63 8.14 -27.43
C GLU D 90 7.54 7.01 -26.93
N LEU D 91 8.70 7.37 -26.37
CA LEU D 91 9.57 6.37 -25.75
C LEU D 91 8.83 5.64 -24.64
N LEU D 92 8.11 6.39 -23.79
CA LEU D 92 7.33 5.78 -22.71
C LEU D 92 6.29 4.82 -23.27
N MET D 93 5.51 5.25 -24.25
CA MET D 93 4.46 4.37 -24.76
C MET D 93 5.06 3.14 -25.42
N ASP D 94 6.19 3.32 -26.12
CA ASP D 94 6.80 2.18 -26.79
C ASP D 94 7.28 1.14 -25.79
N SER D 95 7.70 1.58 -24.60
CA SER D 95 8.18 0.64 -23.59
C SER D 95 7.08 -0.25 -23.06
N PHE D 96 5.81 0.09 -23.31
CA PHE D 96 4.67 -0.75 -22.96
C PHE D 96 3.96 -1.34 -24.18
N SER D 97 4.57 -1.20 -25.38
CA SER D 97 4.01 -1.66 -26.67
C SER D 97 2.69 -0.96 -26.97
N LEU D 98 2.53 0.26 -26.47
CA LEU D 98 1.35 1.06 -26.77
C LEU D 98 1.60 1.78 -28.09
N ASN D 99 1.58 0.99 -29.16
CA ASN D 99 1.89 1.49 -30.49
C ASN D 99 1.43 0.45 -31.51
N TYR D 100 1.69 0.74 -32.79
CA TYR D 100 1.39 -0.19 -33.87
C TYR D 100 -0.01 -0.77 -33.77
N ASP D 101 -0.14 -2.06 -33.46
CA ASP D 101 -1.45 -2.68 -33.40
C ASP D 101 -2.24 -2.30 -32.15
N CYS D 102 -1.60 -1.65 -31.18
CA CYS D 102 -2.25 -1.17 -29.97
C CYS D 102 -2.06 0.33 -29.80
N PRO D 103 -2.55 1.14 -30.73
CA PRO D 103 -2.32 2.58 -30.66
C PRO D 103 -3.20 3.26 -29.62
N GLY D 104 -2.88 4.52 -29.35
CA GLY D 104 -3.77 5.32 -28.55
C GLY D 104 -4.96 5.81 -29.37
N PHE D 105 -5.99 6.21 -28.64
CA PHE D 105 -7.14 6.91 -29.18
C PHE D 105 -7.86 7.57 -28.01
N PRO D 106 -8.78 8.51 -28.27
CA PRO D 106 -9.24 9.37 -27.16
C PRO D 106 -9.89 8.62 -26.02
N SER D 107 -10.44 7.42 -26.26
CA SER D 107 -11.06 6.64 -25.18
C SER D 107 -10.31 5.35 -24.85
N VAL D 108 -9.02 5.26 -25.14
CA VAL D 108 -8.34 3.96 -25.06
C VAL D 108 -8.39 3.38 -23.64
N PHE D 109 -8.27 4.23 -22.61
CA PHE D 109 -8.29 3.69 -21.25
C PHE D 109 -9.71 3.33 -20.81
N ASP D 110 -10.69 4.21 -21.08
CA ASP D 110 -12.07 3.88 -20.72
C ASP D 110 -12.57 2.65 -21.46
N TYR D 111 -12.15 2.52 -22.73
CA TYR D 111 -12.50 1.36 -23.55
C TYR D 111 -11.96 0.07 -22.93
N SER D 112 -10.65 0.07 -22.64
CA SER D 112 -10.00 -1.11 -22.09
C SER D 112 -10.53 -1.46 -20.71
N LEU D 113 -10.73 -0.44 -19.88
CA LEU D 113 -11.24 -0.65 -18.54
C LEU D 113 -12.66 -1.18 -18.58
N ALA D 114 -13.45 -0.75 -19.56
CA ALA D 114 -14.84 -1.20 -19.63
C ALA D 114 -14.92 -2.72 -19.68
N ALA D 115 -14.06 -3.36 -20.49
CA ALA D 115 -14.10 -4.82 -20.56
C ALA D 115 -13.79 -5.45 -19.22
N VAL D 116 -12.84 -4.85 -18.47
CA VAL D 116 -12.53 -5.35 -17.13
C VAL D 116 -13.74 -5.23 -16.22
N GLN D 117 -14.40 -4.06 -16.23
CA GLN D 117 -15.62 -3.86 -15.45
C GLN D 117 -16.67 -4.91 -15.78
N GLY D 118 -16.85 -5.22 -17.06
CA GLY D 118 -17.86 -6.21 -17.43
C GLY D 118 -17.49 -7.62 -17.00
N SER D 119 -16.23 -8.03 -17.21
CA SER D 119 -15.89 -9.40 -16.87
C SER D 119 -15.77 -9.61 -15.37
N LEU D 120 -15.33 -8.59 -14.62
CA LEU D 120 -15.30 -8.73 -13.17
C LEU D 120 -16.72 -8.87 -12.61
N ALA D 121 -17.65 -8.07 -13.15
CA ALA D 121 -19.04 -8.19 -12.72
C ALA D 121 -19.60 -9.56 -13.06
N ALA D 122 -19.25 -10.07 -14.23
CA ALA D 122 -19.72 -11.41 -14.60
C ALA D 122 -19.18 -12.46 -13.64
N ALA D 123 -17.90 -12.35 -13.25
CA ALA D 123 -17.36 -13.28 -12.27
C ALA D 123 -18.11 -13.20 -10.94
N SER D 124 -18.40 -11.99 -10.48
CA SER D 124 -19.12 -11.84 -9.22
C SER D 124 -20.52 -12.44 -9.30
N ALA D 125 -21.18 -12.29 -10.45
CA ALA D 125 -22.52 -12.85 -10.62
C ALA D 125 -22.51 -14.37 -10.51
N LEU D 126 -21.43 -15.02 -10.96
CA LEU D 126 -21.30 -16.46 -10.79
C LEU D 126 -20.98 -16.81 -9.33
N ILE D 127 -20.10 -16.05 -8.68
CA ILE D 127 -19.66 -16.38 -7.32
C ILE D 127 -20.84 -16.35 -6.36
N CYS D 128 -21.67 -15.32 -6.46
CA CYS D 128 -22.83 -15.21 -5.57
C CYS D 128 -24.02 -16.03 -6.05
N ARG D 129 -23.87 -16.83 -7.12
CA ARG D 129 -24.90 -17.73 -7.63
C ARG D 129 -26.13 -16.99 -8.13
N HIS D 130 -26.00 -15.69 -8.44
CA HIS D 130 -27.06 -14.99 -9.17
C HIS D 130 -27.34 -15.69 -10.50
N CYS D 131 -26.27 -16.09 -11.22
CA CYS D 131 -26.37 -16.72 -12.51
C CYS D 131 -25.52 -17.99 -12.52
N GLU D 132 -25.96 -18.98 -13.31
CA GLU D 132 -25.22 -20.21 -13.58
C GLU D 132 -24.24 -20.03 -14.72
N VAL D 133 -24.60 -19.18 -15.70
CA VAL D 133 -23.71 -18.80 -16.79
C VAL D 133 -23.83 -17.28 -16.97
N VAL D 134 -22.71 -16.61 -17.24
CA VAL D 134 -22.74 -15.21 -17.64
C VAL D 134 -21.96 -15.05 -18.94
N ILE D 135 -22.52 -14.26 -19.83
CA ILE D 135 -21.96 -13.91 -21.13
C ILE D 135 -21.48 -12.46 -21.08
N ASN D 136 -20.28 -12.21 -21.60
CA ASN D 136 -19.81 -10.83 -21.82
C ASN D 136 -19.21 -10.71 -23.20
N TRP D 137 -20.01 -10.23 -24.17
CA TRP D 137 -19.47 -10.09 -25.52
C TRP D 137 -18.59 -8.87 -25.68
N GLY D 138 -18.45 -8.03 -24.64
CA GLY D 138 -17.48 -6.95 -24.66
C GLY D 138 -16.12 -7.30 -24.09
N GLY D 139 -15.94 -8.53 -23.60
CA GLY D 139 -14.69 -8.99 -23.03
C GLY D 139 -14.01 -10.06 -23.86
N GLY D 140 -12.93 -10.62 -23.30
CA GLY D 140 -12.19 -11.70 -23.93
C GLY D 140 -10.82 -11.33 -24.47
N TRP D 141 -10.18 -10.32 -23.86
CA TRP D 141 -8.96 -9.71 -24.44
C TRP D 141 -7.71 -10.44 -23.95
N HIS D 142 -7.49 -11.63 -24.54
CA HIS D 142 -6.59 -12.64 -23.97
C HIS D 142 -5.11 -12.35 -24.18
N HIS D 143 -4.72 -11.40 -25.05
CA HIS D 143 -3.31 -11.19 -25.33
C HIS D 143 -2.60 -10.22 -24.39
N ALA D 144 -3.33 -9.41 -23.62
CA ALA D 144 -2.67 -8.39 -22.81
C ALA D 144 -1.83 -9.00 -21.70
N LYS D 145 -0.66 -8.43 -21.47
CA LYS D 145 0.28 -8.93 -20.48
C LYS D 145 0.37 -7.93 -19.32
N ARG D 146 1.07 -8.36 -18.25
CA ARG D 146 1.18 -7.54 -17.05
C ARG D 146 1.56 -6.10 -17.37
N SER D 147 2.57 -5.90 -18.21
CA SER D 147 3.04 -4.55 -18.55
C SER D 147 3.16 -4.35 -20.04
N GLU D 148 2.28 -4.95 -20.84
CA GLU D 148 2.42 -4.85 -22.29
C GLU D 148 1.06 -5.03 -22.96
N ALA D 149 0.72 -4.09 -23.84
CA ALA D 149 -0.43 -4.30 -24.73
C ALA D 149 -0.02 -5.22 -25.88
N SER D 150 -0.98 -6.00 -26.36
CA SER D 150 -0.67 -6.91 -27.46
C SER D 150 -1.94 -7.27 -28.22
N GLY D 151 -1.87 -7.29 -29.54
CA GLY D 151 -3.00 -7.80 -30.33
C GLY D 151 -4.32 -7.10 -30.10
N PHE D 152 -4.25 -5.76 -30.07
N PHE D 152 -4.30 -5.77 -30.04
CA PHE D 152 -5.34 -4.85 -29.69
CA PHE D 152 -5.47 -4.95 -29.78
C PHE D 152 -6.02 -5.22 -28.38
C PHE D 152 -6.01 -5.14 -28.36
N CYS D 153 -5.28 -5.87 -27.50
CA CYS D 153 -5.70 -6.09 -26.12
C CYS D 153 -4.88 -5.19 -25.22
N TYR D 154 -5.53 -4.33 -24.44
CA TYR D 154 -4.81 -3.40 -23.57
C TYR D 154 -4.80 -3.83 -22.11
N LEU D 155 -5.95 -4.29 -21.60
CA LEU D 155 -6.06 -4.81 -20.25
C LEU D 155 -6.68 -6.21 -20.31
N ASN D 156 -6.17 -7.12 -19.49
CA ASN D 156 -6.58 -8.51 -19.62
C ASN D 156 -7.75 -8.77 -18.68
N ASP D 157 -8.96 -8.54 -19.21
CA ASP D 157 -10.17 -8.76 -18.41
C ASP D 157 -10.33 -10.23 -18.02
N ILE D 158 -9.83 -11.14 -18.86
CA ILE D 158 -9.96 -12.57 -18.54
C ILE D 158 -9.13 -12.92 -17.30
N VAL D 159 -7.87 -12.51 -17.30
CA VAL D 159 -7.01 -12.79 -16.15
C VAL D 159 -7.63 -12.21 -14.88
N LEU D 160 -8.14 -10.98 -14.97
CA LEU D 160 -8.71 -10.37 -13.78
C LEU D 160 -9.97 -11.11 -13.33
N ALA D 161 -10.81 -11.55 -14.27
CA ALA D 161 -11.99 -12.34 -13.90
C ALA D 161 -11.59 -13.67 -13.26
N ILE D 162 -10.65 -14.39 -13.88
CA ILE D 162 -10.25 -15.68 -13.33
C ILE D 162 -9.67 -15.50 -11.93
N HIS D 163 -8.85 -14.48 -11.74
CA HIS D 163 -8.27 -14.22 -10.41
C HIS D 163 -9.36 -14.00 -9.36
N ARG D 164 -10.42 -13.28 -9.72
CA ARG D 164 -11.54 -13.13 -8.81
C ARG D 164 -12.20 -14.48 -8.53
N LEU D 165 -12.35 -15.32 -9.56
CA LEU D 165 -12.98 -16.62 -9.34
C LEU D 165 -12.11 -17.51 -8.44
N VAL D 166 -10.82 -17.63 -8.74
CA VAL D 166 -9.99 -18.56 -7.96
C VAL D 166 -9.85 -18.10 -6.53
N SER D 167 -9.94 -16.79 -6.29
CA SER D 167 -9.80 -16.24 -4.96
C SER D 167 -11.06 -16.33 -4.11
N SER D 168 -12.14 -16.92 -4.64
CA SER D 168 -13.40 -16.94 -3.91
C SER D 168 -13.50 -18.14 -2.97
N GLN D 178 -11.12 -26.32 -2.29
CA GLN D 178 -10.01 -25.89 -3.13
C GLN D 178 -10.48 -25.50 -4.54
N THR D 179 -10.46 -24.21 -4.84
CA THR D 179 -11.06 -23.71 -6.06
C THR D 179 -10.13 -23.93 -7.25
N ARG D 180 -10.67 -24.47 -8.34
CA ARG D 180 -9.92 -24.67 -9.56
C ARG D 180 -10.74 -24.14 -10.73
N VAL D 181 -10.08 -23.45 -11.66
CA VAL D 181 -10.75 -22.90 -12.83
C VAL D 181 -10.17 -23.58 -14.06
N LEU D 182 -11.03 -23.98 -14.98
CA LEU D 182 -10.59 -24.40 -16.30
C LEU D 182 -10.87 -23.27 -17.27
N TYR D 183 -9.83 -22.82 -17.96
CA TYR D 183 -9.94 -21.78 -18.99
C TYR D 183 -9.81 -22.44 -20.36
N VAL D 184 -10.80 -22.20 -21.23
CA VAL D 184 -10.85 -22.76 -22.58
C VAL D 184 -10.86 -21.59 -23.55
N ASP D 185 -9.87 -21.55 -24.44
CA ASP D 185 -9.67 -20.42 -25.37
C ASP D 185 -9.91 -20.93 -26.80
N LEU D 186 -11.06 -20.56 -27.39
CA LEU D 186 -11.43 -21.03 -28.74
C LEU D 186 -11.07 -20.06 -29.86
N ASP D 187 -10.44 -18.94 -29.53
CA ASP D 187 -10.02 -17.96 -30.52
C ASP D 187 -9.08 -18.59 -31.56
N LEU D 188 -9.09 -18.03 -32.77
CA LEU D 188 -8.11 -18.43 -33.78
C LEU D 188 -6.68 -18.33 -33.25
N HIS D 189 -6.40 -17.36 -32.40
CA HIS D 189 -5.06 -17.13 -31.89
C HIS D 189 -4.82 -17.79 -30.53
N HIS D 190 -3.55 -18.09 -30.27
CA HIS D 190 -3.15 -18.61 -28.97
C HIS D 190 -3.47 -17.63 -27.84
N GLY D 191 -4.06 -18.14 -26.75
CA GLY D 191 -4.33 -17.33 -25.57
C GLY D 191 -3.11 -17.13 -24.71
N ASP D 192 -2.12 -16.36 -25.21
CA ASP D 192 -0.82 -16.30 -24.54
C ASP D 192 -0.86 -15.51 -23.24
N GLY D 193 -1.59 -14.38 -23.22
CA GLY D 193 -1.60 -13.56 -22.01
C GLY D 193 -2.19 -14.30 -20.81
N VAL D 194 -3.27 -15.05 -21.03
CA VAL D 194 -3.88 -15.80 -19.92
C VAL D 194 -2.98 -16.96 -19.51
N GLU D 195 -2.46 -17.69 -20.49
CA GLU D 195 -1.52 -18.78 -20.20
C GLU D 195 -0.35 -18.30 -19.34
N GLU D 196 0.27 -17.20 -19.74
CA GLU D 196 1.44 -16.66 -19.04
C GLU D 196 1.08 -16.24 -17.62
N ALA D 197 -0.07 -15.58 -17.46
CA ALA D 197 -0.45 -15.08 -16.16
C ALA D 197 -0.58 -16.21 -15.15
N PHE D 198 -0.97 -17.40 -15.61
CA PHE D 198 -1.20 -18.53 -14.70
C PHE D 198 -0.19 -19.65 -14.91
N TRP D 199 0.97 -19.33 -15.51
CA TRP D 199 2.01 -20.30 -15.85
C TRP D 199 2.49 -21.08 -14.63
N TYR D 200 2.49 -20.44 -13.47
CA TYR D 200 2.98 -21.06 -12.25
C TYR D 200 1.87 -21.56 -11.33
N SER D 201 0.62 -21.54 -11.79
CA SER D 201 -0.52 -21.84 -10.92
CA SER D 201 -0.54 -21.84 -10.93
C SER D 201 -1.19 -23.15 -11.34
N PRO D 202 -1.14 -24.19 -10.50
CA PRO D 202 -1.88 -25.42 -10.83
C PRO D 202 -3.39 -25.27 -10.73
N ARG D 203 -3.88 -24.25 -10.01
CA ARG D 203 -5.33 -24.15 -9.79
C ARG D 203 -6.08 -23.52 -10.97
N VAL D 204 -5.38 -22.85 -11.90
CA VAL D 204 -5.99 -22.38 -13.13
C VAL D 204 -5.36 -23.18 -14.27
N VAL D 205 -6.10 -24.11 -14.82
CA VAL D 205 -5.63 -24.89 -15.97
C VAL D 205 -6.09 -24.16 -17.23
N THR D 206 -5.16 -23.88 -18.13
CA THR D 206 -5.50 -23.18 -19.37
C THR D 206 -5.39 -24.14 -20.54
N PHE D 207 -6.31 -23.99 -21.49
CA PHE D 207 -6.33 -24.83 -22.69
C PHE D 207 -6.69 -23.95 -23.87
N SER D 208 -5.76 -23.80 -24.82
CA SER D 208 -6.00 -23.01 -26.01
C SER D 208 -5.90 -23.92 -27.22
N VAL D 209 -6.90 -23.83 -28.11
CA VAL D 209 -6.82 -24.43 -29.44
C VAL D 209 -6.75 -23.27 -30.42
N HIS D 210 -5.86 -23.38 -31.40
CA HIS D 210 -5.56 -22.19 -32.19
C HIS D 210 -4.82 -22.63 -33.44
N HIS D 211 -4.73 -21.71 -34.42
CA HIS D 211 -3.78 -21.89 -35.51
C HIS D 211 -2.40 -21.47 -35.03
N ALA D 212 -1.37 -22.21 -35.46
CA ALA D 212 -0.01 -21.74 -35.31
C ALA D 212 0.77 -22.13 -36.55
N SER D 213 1.64 -21.23 -37.00
CA SER D 213 2.47 -21.47 -38.17
C SER D 213 3.54 -20.38 -38.19
N PRO D 214 4.60 -20.54 -38.97
CA PRO D 214 5.70 -19.56 -38.88
C PRO D 214 5.27 -18.15 -39.28
N GLY D 215 5.54 -17.19 -38.39
CA GLY D 215 5.21 -15.80 -38.64
C GLY D 215 3.80 -15.41 -38.23
N PHE D 216 2.97 -16.36 -37.80
CA PHE D 216 1.59 -16.11 -37.41
C PHE D 216 1.51 -15.67 -35.95
N PHE D 217 0.80 -14.59 -35.70
CA PHE D 217 0.61 -14.02 -34.36
C PHE D 217 -0.09 -14.98 -33.38
N PRO D 218 0.35 -15.03 -32.10
CA PRO D 218 1.50 -14.29 -31.56
C PRO D 218 2.77 -15.12 -31.56
N GLY D 219 2.66 -16.38 -32.01
CA GLY D 219 3.83 -17.21 -32.20
C GLY D 219 3.99 -18.34 -31.22
N THR D 220 3.29 -18.31 -30.10
CA THR D 220 3.42 -19.29 -29.02
C THR D 220 2.30 -20.34 -29.13
N GLY D 221 2.20 -21.22 -28.13
CA GLY D 221 1.19 -22.28 -28.21
C GLY D 221 1.56 -23.43 -29.11
N THR D 222 2.85 -23.67 -29.32
CA THR D 222 3.26 -24.74 -30.22
C THR D 222 4.68 -25.15 -29.83
N TRP D 223 5.29 -26.02 -30.65
CA TRP D 223 6.63 -26.50 -30.34
C TRP D 223 7.59 -25.33 -30.16
N ASN D 224 8.48 -25.46 -29.19
CA ASN D 224 9.30 -24.36 -28.72
C ASN D 224 10.78 -24.55 -29.06
N LEU D 231 14.85 -32.39 -31.03
CA LEU D 231 13.39 -32.43 -30.89
C LEU D 231 12.92 -31.26 -30.03
N PRO D 232 12.45 -30.18 -30.67
CA PRO D 232 11.85 -29.08 -29.90
C PRO D 232 10.71 -29.60 -29.05
N ILE D 233 10.45 -28.90 -27.94
CA ILE D 233 9.52 -29.43 -26.95
C ILE D 233 8.36 -28.47 -26.75
N PHE D 234 7.28 -29.02 -26.20
CA PHE D 234 6.14 -28.25 -25.76
C PHE D 234 6.33 -27.85 -24.31
N LEU D 235 6.45 -26.54 -24.04
CA LEU D 235 6.39 -26.06 -22.67
C LEU D 235 4.96 -26.12 -22.14
N ASN D 236 4.81 -26.31 -20.83
CA ASN D 236 3.47 -26.56 -20.32
C ASN D 236 3.25 -26.03 -18.90
N GLY D 237 3.99 -25.01 -18.49
CA GLY D 237 3.92 -24.48 -17.14
C GLY D 237 5.21 -24.73 -16.38
N ALA D 238 5.30 -24.14 -15.19
CA ALA D 238 6.54 -24.21 -14.44
C ALA D 238 6.26 -24.14 -12.94
N GLY D 239 7.27 -24.47 -12.14
CA GLY D 239 7.06 -24.54 -10.71
C GLY D 239 5.91 -25.49 -10.38
N ARG D 240 5.07 -25.08 -9.43
CA ARG D 240 3.92 -25.90 -9.08
C ARG D 240 2.90 -25.95 -10.19
N GLY D 241 3.04 -25.11 -11.21
CA GLY D 241 2.16 -25.09 -12.37
C GLY D 241 2.63 -25.96 -13.52
N ARG D 242 3.68 -26.76 -13.35
CA ARG D 242 4.10 -27.66 -14.42
C ARG D 242 2.95 -28.56 -14.85
N PHE D 243 2.83 -28.77 -16.17
CA PHE D 243 1.77 -29.55 -16.85
C PHE D 243 0.39 -28.89 -16.79
N SER D 244 0.28 -27.64 -16.37
CA SER D 244 -1.05 -27.02 -16.21
C SER D 244 -1.44 -26.11 -17.36
N ALA D 245 -0.60 -25.96 -18.39
CA ALA D 245 -0.91 -25.13 -19.55
C ALA D 245 -0.95 -26.05 -20.76
N PHE D 246 -2.13 -26.16 -21.39
CA PHE D 246 -2.40 -27.07 -22.50
C PHE D 246 -2.60 -26.31 -23.79
N ASN D 247 -2.09 -26.86 -24.89
CA ASN D 247 -2.19 -26.22 -26.19
C ASN D 247 -2.46 -27.24 -27.28
N LEU D 248 -3.31 -26.87 -28.23
CA LEU D 248 -3.58 -27.71 -29.41
C LEU D 248 -3.45 -26.83 -30.64
N PRO D 249 -2.28 -26.79 -31.27
CA PRO D 249 -2.13 -26.02 -32.51
C PRO D 249 -2.61 -26.82 -33.72
N LEU D 250 -3.31 -26.15 -34.61
CA LEU D 250 -3.96 -26.82 -35.74
C LEU D 250 -3.61 -26.14 -37.04
N GLU D 251 -3.56 -26.94 -38.12
CA GLU D 251 -3.21 -26.42 -39.42
C GLU D 251 -4.37 -25.67 -40.05
N GLU D 252 -4.04 -24.77 -40.96
CA GLU D 252 -5.07 -23.96 -41.60
C GLU D 252 -6.02 -24.85 -42.41
N GLY D 253 -7.27 -24.40 -42.53
CA GLY D 253 -8.26 -25.05 -43.36
C GLY D 253 -9.20 -25.99 -42.65
N ILE D 254 -9.07 -26.17 -41.32
CA ILE D 254 -9.84 -27.20 -40.62
C ILE D 254 -11.33 -26.82 -40.59
N ASN D 255 -12.19 -27.83 -40.69
CA ASN D 255 -13.63 -27.60 -40.73
C ASN D 255 -14.27 -27.92 -39.37
N ASP D 256 -15.59 -27.71 -39.32
CA ASP D 256 -16.34 -27.89 -38.06
C ASP D 256 -16.12 -29.28 -37.48
N LEU D 257 -16.28 -30.32 -38.30
CA LEU D 257 -16.25 -31.68 -37.78
C LEU D 257 -14.86 -32.04 -37.26
N ASP D 258 -13.82 -31.75 -38.05
CA ASP D 258 -12.47 -32.13 -37.63
C ASP D 258 -12.03 -31.32 -36.42
N TRP D 259 -12.43 -30.05 -36.33
CA TRP D 259 -12.07 -29.24 -35.17
C TRP D 259 -12.80 -29.75 -33.92
N SER D 260 -14.08 -30.13 -34.08
CA SER D 260 -14.87 -30.69 -33.00
C SER D 260 -14.29 -32.01 -32.50
N ASN D 261 -13.93 -32.91 -33.43
CA ASN D 261 -13.32 -34.17 -33.02
C ASN D 261 -11.95 -33.96 -32.39
N ALA D 262 -11.22 -32.93 -32.82
CA ALA D 262 -9.92 -32.63 -32.24
C ALA D 262 -10.04 -32.16 -30.79
N ILE D 263 -11.04 -31.32 -30.49
CA ILE D 263 -11.11 -30.69 -29.19
C ILE D 263 -12.01 -31.46 -28.22
N GLY D 264 -12.96 -32.22 -28.74
CA GLY D 264 -13.97 -32.88 -27.93
C GLY D 264 -13.44 -33.74 -26.80
N PRO D 265 -12.64 -34.77 -27.14
CA PRO D 265 -12.10 -35.64 -26.09
C PRO D 265 -11.18 -34.89 -25.12
N ILE D 266 -10.47 -33.87 -25.59
CA ILE D 266 -9.61 -33.12 -24.68
C ILE D 266 -10.44 -32.37 -23.65
N LEU D 267 -11.53 -31.73 -24.10
CA LEU D 267 -12.41 -31.01 -23.18
C LEU D 267 -12.99 -31.97 -22.14
N ASP D 268 -13.52 -33.10 -22.58
CA ASP D 268 -14.11 -34.03 -21.61
C ASP D 268 -13.06 -34.60 -20.65
N SER D 269 -11.82 -34.83 -21.11
CA SER D 269 -10.79 -35.33 -20.21
C SER D 269 -10.40 -34.29 -19.16
N LEU D 270 -10.25 -33.02 -19.58
CA LEU D 270 -9.91 -31.96 -18.63
C LEU D 270 -10.97 -31.84 -17.54
N ASN D 271 -12.25 -31.94 -17.94
CA ASN D 271 -13.32 -31.82 -16.96
C ASN D 271 -13.30 -32.98 -15.97
N ILE D 272 -13.09 -34.21 -16.46
CA ILE D 272 -13.07 -35.38 -15.59
C ILE D 272 -11.93 -35.30 -14.57
N VAL D 273 -10.74 -34.92 -15.04
CA VAL D 273 -9.56 -34.94 -14.17
C VAL D 273 -9.54 -33.70 -13.27
N ILE D 274 -9.76 -32.52 -13.84
CA ILE D 274 -9.61 -31.30 -13.05
C ILE D 274 -10.78 -31.06 -12.12
N GLN D 275 -11.98 -31.51 -12.49
CA GLN D 275 -13.21 -31.21 -11.78
C GLN D 275 -13.31 -29.72 -11.41
N PRO D 276 -13.38 -28.83 -12.40
CA PRO D 276 -13.31 -27.40 -12.13
C PRO D 276 -14.51 -26.88 -11.35
N SER D 277 -14.24 -25.88 -10.52
CA SER D 277 -15.30 -25.11 -9.85
C SER D 277 -15.95 -24.12 -10.77
N TYR D 278 -15.19 -23.58 -11.72
CA TYR D 278 -15.70 -22.66 -12.73
C TYR D 278 -15.02 -22.97 -14.05
N VAL D 279 -15.71 -22.67 -15.15
CA VAL D 279 -15.13 -22.72 -16.48
C VAL D 279 -15.23 -21.32 -17.08
N VAL D 280 -14.15 -20.86 -17.69
CA VAL D 280 -14.14 -19.57 -18.39
C VAL D 280 -13.80 -19.87 -19.83
N VAL D 281 -14.69 -19.49 -20.74
CA VAL D 281 -14.53 -19.79 -22.16
C VAL D 281 -14.32 -18.49 -22.93
N GLN D 282 -13.26 -18.43 -23.73
CA GLN D 282 -13.04 -17.34 -24.65
C GLN D 282 -13.54 -17.83 -26.01
N CYS D 283 -14.45 -17.07 -26.62
CA CYS D 283 -15.14 -17.52 -27.83
CA CYS D 283 -15.15 -17.50 -27.83
C CYS D 283 -14.89 -16.56 -28.99
N GLY D 284 -13.64 -16.15 -29.19
CA GLY D 284 -13.33 -15.31 -30.34
C GLY D 284 -13.80 -15.92 -31.64
N ALA D 285 -14.37 -15.09 -32.52
CA ALA D 285 -15.09 -15.53 -33.69
C ALA D 285 -14.23 -15.59 -34.94
N ASP D 286 -12.91 -15.44 -34.82
CA ASP D 286 -12.07 -15.39 -36.00
C ASP D 286 -11.75 -16.76 -36.58
N CYS D 287 -12.31 -17.85 -36.03
CA CYS D 287 -12.18 -19.14 -36.70
C CYS D 287 -13.22 -19.35 -37.79
N LEU D 288 -14.19 -18.43 -37.92
CA LEU D 288 -15.23 -18.59 -38.94
C LEU D 288 -14.60 -18.56 -40.32
N ALA D 289 -15.19 -19.37 -41.23
CA ALA D 289 -14.72 -19.43 -42.61
C ALA D 289 -14.76 -18.07 -43.29
N THR D 290 -15.64 -17.17 -42.83
CA THR D 290 -15.81 -15.86 -43.43
C THR D 290 -15.05 -14.75 -42.70
N ASP D 291 -14.27 -15.09 -41.69
CA ASP D 291 -13.37 -14.11 -41.11
C ASP D 291 -12.35 -13.70 -42.18
N PRO D 292 -11.97 -12.42 -42.24
CA PRO D 292 -10.92 -12.03 -43.21
C PRO D 292 -9.57 -12.70 -42.94
N HIS D 293 -9.29 -13.22 -41.74
CA HIS D 293 -8.09 -14.05 -41.57
C HIS D 293 -8.09 -15.21 -42.56
N ARG D 294 -9.27 -15.79 -42.83
CA ARG D 294 -9.48 -16.88 -43.78
C ARG D 294 -8.53 -18.06 -43.49
N ILE D 295 -8.50 -18.51 -42.24
CA ILE D 295 -7.59 -19.57 -41.81
C ILE D 295 -8.32 -20.87 -41.48
N PHE D 296 -9.26 -20.84 -40.54
CA PHE D 296 -10.12 -22.00 -40.29
C PHE D 296 -11.43 -21.86 -41.06
N ARG D 297 -12.19 -22.94 -41.09
CA ARG D 297 -13.44 -22.94 -41.84
C ARG D 297 -14.62 -23.31 -40.94
N LEU D 298 -14.66 -22.77 -39.73
CA LEU D 298 -15.78 -23.05 -38.86
C LEU D 298 -17.00 -22.24 -39.32
N THR D 299 -18.18 -22.70 -38.91
CA THR D 299 -19.40 -22.00 -39.24
C THR D 299 -20.15 -21.65 -37.96
N ASN D 300 -21.33 -21.07 -38.14
CA ASN D 300 -22.31 -20.93 -37.05
C ASN D 300 -23.52 -21.82 -37.30
N PHE D 301 -23.35 -22.88 -38.10
CA PHE D 301 -24.51 -23.69 -38.49
C PHE D 301 -25.01 -24.50 -37.30
N TYR D 302 -26.33 -24.60 -37.16
CA TYR D 302 -26.94 -25.38 -36.08
C TYR D 302 -27.97 -26.30 -36.72
N PRO D 303 -27.51 -27.42 -37.27
CA PRO D 303 -28.35 -28.22 -38.17
C PRO D 303 -29.69 -28.62 -37.58
N ASN D 304 -30.73 -28.30 -38.32
CA ASN D 304 -31.89 -29.14 -38.50
C ASN D 304 -32.09 -29.23 -40.01
N GLU D 314 -23.98 -36.47 -43.92
CA GLU D 314 -24.41 -35.69 -42.76
C GLU D 314 -23.97 -34.23 -42.91
N CYS D 315 -24.69 -33.31 -42.26
CA CYS D 315 -24.43 -31.88 -42.40
C CYS D 315 -23.87 -31.29 -41.12
N SER D 316 -23.05 -30.26 -41.29
CA SER D 316 -22.07 -29.88 -40.27
C SER D 316 -22.67 -29.00 -39.19
N LEU D 317 -22.27 -29.27 -37.95
CA LEU D 317 -22.60 -28.46 -36.78
C LEU D 317 -21.40 -27.59 -36.43
N SER D 318 -21.67 -26.30 -36.21
CA SER D 318 -20.64 -25.34 -35.81
C SER D 318 -19.75 -25.90 -34.71
N GLY D 319 -18.43 -25.86 -34.94
CA GLY D 319 -17.51 -26.27 -33.88
C GLY D 319 -17.70 -25.49 -32.59
N TYR D 320 -17.93 -24.18 -32.72
CA TYR D 320 -18.22 -23.33 -31.56
C TYR D 320 -19.41 -23.85 -30.77
N LEU D 321 -20.52 -24.11 -31.46
CA LEU D 321 -21.73 -24.57 -30.78
C LEU D 321 -21.53 -25.95 -30.16
N TYR D 322 -20.79 -26.82 -30.85
CA TYR D 322 -20.47 -28.15 -30.30
C TYR D 322 -19.69 -28.02 -28.99
N ALA D 323 -18.68 -27.16 -28.97
CA ALA D 323 -17.84 -27.01 -27.77
C ALA D 323 -18.62 -26.37 -26.62
N ILE D 324 -19.38 -25.32 -26.91
CA ILE D 324 -20.16 -24.67 -25.87
C ILE D 324 -21.21 -25.62 -25.30
N LYS D 325 -21.86 -26.38 -26.17
CA LYS D 325 -22.86 -27.33 -25.69
C LYS D 325 -22.22 -28.38 -24.78
N LYS D 326 -21.06 -28.90 -25.19
CA LYS D 326 -20.35 -29.87 -24.36
C LYS D 326 -19.97 -29.26 -23.02
N ILE D 327 -19.37 -28.07 -23.03
CA ILE D 327 -18.97 -27.42 -21.80
C ILE D 327 -20.16 -27.20 -20.88
N LEU D 328 -21.29 -26.74 -21.44
CA LEU D 328 -22.45 -26.47 -20.59
C LEU D 328 -23.07 -27.74 -20.04
N SER D 329 -22.88 -28.88 -20.72
CA SER D 329 -23.40 -30.15 -20.23
C SER D 329 -22.76 -30.58 -18.90
N TRP D 330 -21.61 -30.00 -18.56
CA TRP D 330 -20.96 -30.34 -17.32
C TRP D 330 -21.64 -29.75 -16.10
N LYS D 331 -22.51 -28.75 -16.30
CA LYS D 331 -23.22 -28.09 -15.20
C LYS D 331 -22.25 -27.48 -14.17
N VAL D 332 -21.21 -26.82 -14.67
CA VAL D 332 -20.25 -26.05 -13.87
C VAL D 332 -20.52 -24.58 -14.14
N PRO D 333 -20.52 -23.69 -13.15
CA PRO D 333 -20.72 -22.27 -13.42
C PRO D 333 -19.70 -21.77 -14.45
N THR D 334 -20.20 -21.05 -15.47
CA THR D 334 -19.38 -20.79 -16.64
C THR D 334 -19.49 -19.33 -17.07
N LEU D 335 -18.35 -18.77 -17.41
CA LEU D 335 -18.21 -17.44 -17.96
C LEU D 335 -17.89 -17.61 -19.45
N ILE D 336 -18.70 -16.99 -20.32
CA ILE D 336 -18.50 -17.02 -21.76
C ILE D 336 -18.14 -15.60 -22.20
N LEU D 337 -16.99 -15.45 -22.84
CA LEU D 337 -16.48 -14.15 -23.27
C LEU D 337 -16.33 -14.10 -24.78
N GLY D 338 -16.23 -12.89 -25.32
CA GLY D 338 -15.95 -12.66 -26.73
C GLY D 338 -14.46 -12.78 -27.05
N GLY D 339 -13.99 -11.97 -27.97
CA GLY D 339 -12.59 -12.00 -28.36
C GLY D 339 -12.47 -11.48 -29.78
N GLY D 340 -11.63 -12.15 -30.57
CA GLY D 340 -11.45 -11.78 -31.95
C GLY D 340 -12.72 -11.92 -32.78
N GLY D 341 -12.64 -11.36 -33.99
CA GLY D 341 -13.73 -11.45 -34.93
C GLY D 341 -13.88 -10.15 -35.69
N TYR D 342 -13.39 -10.14 -36.93
CA TYR D 342 -13.27 -8.90 -37.68
C TYR D 342 -14.28 -8.83 -38.81
N ASN D 343 -15.13 -9.84 -38.94
CA ASN D 343 -16.33 -9.75 -39.79
C ASN D 343 -17.47 -9.48 -38.81
N PHE D 344 -17.86 -8.20 -38.69
CA PHE D 344 -18.77 -7.85 -37.60
C PHE D 344 -20.13 -8.52 -37.75
N PRO D 345 -20.80 -8.49 -38.92
CA PRO D 345 -22.09 -9.19 -39.01
C PRO D 345 -21.96 -10.68 -38.71
N ASP D 346 -20.91 -11.34 -39.21
CA ASP D 346 -20.82 -12.77 -38.98
C ASP D 346 -20.47 -13.08 -37.53
N THR D 347 -19.70 -12.21 -36.88
CA THR D 347 -19.47 -12.37 -35.44
C THR D 347 -20.79 -12.28 -34.68
N ALA D 348 -21.62 -11.29 -35.03
CA ALA D 348 -22.95 -11.19 -34.43
C ALA D 348 -23.78 -12.43 -34.71
N ARG D 349 -23.75 -12.95 -35.94
CA ARG D 349 -24.48 -14.18 -36.26
C ARG D 349 -24.03 -15.34 -35.38
N LEU D 350 -22.72 -15.51 -35.17
CA LEU D 350 -22.28 -16.61 -34.33
C LEU D 350 -22.70 -16.40 -32.88
N TRP D 351 -22.39 -15.23 -32.33
CA TRP D 351 -22.59 -15.04 -30.90
C TRP D 351 -24.06 -15.00 -30.55
N THR D 352 -24.92 -14.60 -31.50
CA THR D 352 -26.35 -14.71 -31.26
C THR D 352 -26.76 -16.16 -31.10
N ARG D 353 -26.22 -17.05 -31.93
CA ARG D 353 -26.52 -18.47 -31.77
C ARG D 353 -25.90 -19.04 -30.51
N VAL D 354 -24.70 -18.57 -30.13
CA VAL D 354 -24.14 -19.05 -28.86
C VAL D 354 -25.05 -18.65 -27.71
N THR D 355 -25.58 -17.42 -27.77
CA THR D 355 -26.44 -16.92 -26.72
C THR D 355 -27.72 -17.73 -26.62
N ALA D 356 -28.35 -17.99 -27.78
CA ALA D 356 -29.57 -18.80 -27.79
C ALA D 356 -29.30 -20.22 -27.28
N LEU D 357 -28.19 -20.82 -27.71
CA LEU D 357 -27.83 -22.16 -27.22
C LEU D 357 -27.65 -22.19 -25.71
N THR D 358 -26.99 -21.18 -25.14
CA THR D 358 -26.77 -21.14 -23.68
C THR D 358 -28.10 -21.12 -22.93
N ILE D 359 -29.03 -20.26 -23.37
CA ILE D 359 -30.38 -20.24 -22.79
C ILE D 359 -31.00 -21.63 -22.86
N GLU D 360 -30.95 -22.26 -24.04
CA GLU D 360 -31.58 -23.57 -24.22
C GLU D 360 -30.98 -24.62 -23.29
N GLU D 361 -29.64 -24.67 -23.21
CA GLU D 361 -29.01 -25.72 -22.43
C GLU D 361 -29.17 -25.48 -20.93
N VAL D 362 -29.13 -24.23 -20.49
CA VAL D 362 -29.21 -23.96 -19.06
C VAL D 362 -30.64 -24.10 -18.55
N LYS D 363 -31.60 -23.56 -19.29
CA LYS D 363 -32.99 -23.50 -18.81
C LYS D 363 -33.86 -24.66 -19.29
N GLY D 364 -33.41 -25.41 -20.31
CA GLY D 364 -34.25 -26.45 -20.89
C GLY D 364 -35.35 -25.92 -21.79
N LYS D 365 -35.33 -24.63 -22.10
CA LYS D 365 -36.39 -23.97 -22.83
C LYS D 365 -35.94 -23.74 -24.28
N LYS D 366 -36.67 -24.33 -25.23
CA LYS D 366 -36.26 -24.25 -26.62
C LYS D 366 -36.28 -22.81 -27.10
N MET D 367 -35.24 -22.43 -27.85
CA MET D 367 -35.05 -21.09 -28.39
C MET D 367 -34.89 -21.23 -29.90
N THR D 368 -36.00 -21.28 -30.60
CA THR D 368 -35.94 -21.40 -32.06
C THR D 368 -35.68 -20.02 -32.67
N ILE D 369 -34.73 -19.98 -33.59
CA ILE D 369 -34.24 -18.75 -34.18
C ILE D 369 -34.52 -18.79 -35.70
N SER D 370 -35.25 -17.79 -36.19
CA SER D 370 -35.59 -17.79 -37.61
C SER D 370 -34.34 -17.67 -38.46
N PRO D 371 -34.22 -18.46 -39.54
CA PRO D 371 -33.07 -18.33 -40.44
C PRO D 371 -32.97 -16.98 -41.13
N GLU D 372 -33.99 -16.13 -41.06
CA GLU D 372 -33.95 -14.80 -41.66
C GLU D 372 -33.68 -13.76 -40.57
N ILE D 373 -32.74 -12.85 -40.86
CA ILE D 373 -32.45 -11.74 -39.96
C ILE D 373 -33.72 -10.91 -39.75
N PRO D 374 -34.12 -10.71 -38.50
CA PRO D 374 -35.30 -9.87 -38.24
C PRO D 374 -35.01 -8.41 -38.46
N GLU D 375 -36.07 -7.65 -38.74
CA GLU D 375 -35.92 -6.21 -38.88
C GLU D 375 -35.45 -5.58 -37.57
N HIS D 376 -34.44 -4.73 -37.68
CA HIS D 376 -33.91 -3.93 -36.57
C HIS D 376 -33.00 -2.87 -37.17
N SER D 377 -32.45 -2.02 -36.32
CA SER D 377 -31.73 -0.84 -36.81
C SER D 377 -30.51 -1.21 -37.67
N TYR D 378 -29.88 -2.35 -37.41
CA TYR D 378 -28.71 -2.77 -38.16
C TYR D 378 -29.02 -3.77 -39.27
N PHE D 379 -30.30 -3.93 -39.63
CA PHE D 379 -30.68 -4.91 -40.65
C PHE D 379 -29.85 -4.79 -41.93
N SER D 380 -29.54 -3.56 -42.35
CA SER D 380 -28.87 -3.37 -43.63
C SER D 380 -27.46 -3.94 -43.66
N ARG D 381 -26.87 -4.17 -42.48
CA ARG D 381 -25.51 -4.71 -42.40
C ARG D 381 -25.44 -6.19 -42.73
N TYR D 382 -26.57 -6.87 -42.79
CA TYR D 382 -26.62 -8.30 -43.07
C TYR D 382 -26.94 -8.59 -44.52
N GLY D 383 -26.91 -7.59 -45.40
CA GLY D 383 -27.14 -7.80 -46.82
C GLY D 383 -26.01 -8.57 -47.47
N PRO D 384 -26.22 -9.09 -48.68
CA PRO D 384 -27.40 -8.86 -49.53
C PRO D 384 -28.51 -9.87 -49.32
N ASP D 385 -28.29 -10.91 -48.52
CA ASP D 385 -29.26 -11.99 -48.39
C ASP D 385 -29.95 -12.06 -47.04
N PHE D 386 -29.41 -11.43 -46.00
CA PHE D 386 -30.13 -11.22 -44.73
C PHE D 386 -30.53 -12.53 -44.07
N GLU D 387 -29.62 -13.49 -44.03
CA GLU D 387 -29.87 -14.77 -43.39
C GLU D 387 -28.92 -14.97 -42.21
N LEU D 388 -29.33 -15.82 -41.28
CA LEU D 388 -28.55 -16.01 -40.06
C LEU D 388 -27.32 -16.90 -40.27
N ASP D 389 -27.45 -17.96 -41.07
CA ASP D 389 -26.27 -18.74 -41.44
C ASP D 389 -25.25 -17.85 -42.13
N ILE D 390 -23.97 -18.03 -41.79
CA ILE D 390 -22.94 -17.36 -42.56
C ILE D 390 -22.95 -17.92 -43.98
N ASP D 391 -22.50 -17.09 -44.92
CA ASP D 391 -22.57 -17.41 -46.34
C ASP D 391 -21.31 -18.20 -46.72
N TYR D 392 -21.39 -19.51 -46.59
CA TYR D 392 -20.23 -20.36 -46.82
C TYR D 392 -20.69 -21.78 -47.14
N PHE D 393 -20.04 -22.40 -48.13
CA PHE D 393 -20.34 -23.77 -48.53
C PHE D 393 -19.20 -24.71 -48.19
N PRO D 394 -19.34 -25.58 -47.18
CA PRO D 394 -18.30 -26.48 -46.67
C PRO D 394 -18.04 -27.67 -47.59
N ASP D 403 -3.81 -37.64 -38.17
CA ASP D 403 -2.58 -38.24 -37.66
C ASP D 403 -1.77 -37.26 -36.81
N SER D 404 -1.64 -36.02 -37.30
CA SER D 404 -1.11 -34.95 -36.47
C SER D 404 -1.93 -34.81 -35.20
N ILE D 405 -3.26 -34.80 -35.33
CA ILE D 405 -4.12 -34.65 -34.18
C ILE D 405 -3.99 -35.84 -33.24
N GLN D 406 -3.80 -37.04 -33.78
CA GLN D 406 -3.62 -38.22 -32.93
C GLN D 406 -2.38 -38.11 -32.07
N LYS D 407 -1.27 -37.64 -32.66
CA LYS D 407 -0.04 -37.45 -31.90
C LYS D 407 -0.24 -36.38 -30.82
N HIS D 408 -0.94 -35.29 -31.15
CA HIS D 408 -1.26 -34.29 -30.13
C HIS D 408 -2.13 -34.87 -29.02
N HIS D 409 -3.09 -35.72 -29.35
CA HIS D 409 -3.94 -36.31 -28.32
C HIS D 409 -3.12 -37.17 -27.36
N ARG D 410 -2.23 -37.99 -27.91
CA ARG D 410 -1.34 -38.80 -27.06
C ARG D 410 -0.48 -37.91 -26.18
N ARG D 411 0.05 -36.82 -26.75
CA ARG D 411 0.88 -35.91 -25.97
C ARG D 411 0.06 -35.25 -24.86
N ILE D 412 -1.16 -34.79 -25.19
CA ILE D 412 -1.97 -34.07 -24.21
C ILE D 412 -2.43 -35.01 -23.10
N LEU D 413 -2.75 -36.26 -23.46
CA LEU D 413 -3.17 -37.22 -22.46
C LEU D 413 -2.05 -37.52 -21.47
N GLU D 414 -0.83 -37.69 -21.99
CA GLU D 414 0.35 -37.83 -21.15
C GLU D 414 0.51 -36.65 -20.20
N GLN D 415 0.37 -35.43 -20.73
CA GLN D 415 0.50 -34.24 -19.90
C GLN D 415 -0.58 -34.21 -18.82
N LEU D 416 -1.81 -34.62 -19.16
CA LEU D 416 -2.86 -34.61 -18.16
C LEU D 416 -2.59 -35.62 -17.06
N ARG D 417 -2.07 -36.80 -17.42
CA ARG D 417 -1.64 -37.77 -16.43
C ARG D 417 -0.55 -37.18 -15.54
N ASN D 418 0.44 -36.52 -16.15
CA ASN D 418 1.49 -35.87 -15.39
C ASN D 418 0.91 -34.81 -14.46
N TYR D 419 0.02 -33.96 -14.97
CA TYR D 419 -0.63 -32.95 -14.14
C TYR D 419 -1.37 -33.61 -12.97
N ALA D 420 -2.12 -34.67 -13.25
CA ALA D 420 -2.86 -35.36 -12.19
C ALA D 420 -1.92 -35.92 -11.13
N ASP D 421 -0.79 -36.51 -11.55
CA ASP D 421 0.15 -37.07 -10.58
C ASP D 421 0.76 -35.99 -9.72
N LEU D 422 1.26 -34.92 -10.37
CA LEU D 422 1.93 -33.85 -9.64
C LEU D 422 1.03 -33.27 -8.57
N ASN D 423 -0.25 -33.15 -8.88
CA ASN D 423 -1.22 -32.49 -8.02
C ASN D 423 -2.04 -33.49 -7.21
N LYS D 424 -1.63 -34.76 -7.20
CA LYS D 424 -2.23 -35.78 -6.34
C LYS D 424 -3.74 -35.88 -6.53
N LEU D 425 -4.19 -35.84 -7.79
CA LEU D 425 -5.59 -35.95 -8.17
C LEU D 425 -5.92 -37.39 -8.54
N ILE D 426 -7.07 -37.88 -8.04
CA ILE D 426 -7.52 -39.25 -8.28
C ILE D 426 -8.40 -39.26 -9.53
N TYR D 427 -8.21 -40.26 -10.39
CA TYR D 427 -9.05 -40.38 -11.58
C TYR D 427 -8.77 -41.71 -12.28
N ASP D 428 -9.78 -42.18 -13.02
CA ASP D 428 -9.72 -43.44 -13.75
C ASP D 428 -8.97 -43.22 -15.06
N TYR D 429 -7.73 -43.71 -15.14
CA TYR D 429 -6.95 -43.56 -16.36
C TYR D 429 -7.60 -44.26 -17.54
N ASP D 430 -8.37 -45.32 -17.28
CA ASP D 430 -8.98 -46.07 -18.37
C ASP D 430 -10.17 -45.33 -18.97
N GLN D 431 -11.01 -44.71 -18.13
CA GLN D 431 -12.16 -43.96 -18.65
C GLN D 431 -11.72 -42.73 -19.43
N VAL D 432 -10.66 -42.06 -18.98
CA VAL D 432 -10.17 -40.89 -19.71
C VAL D 432 -9.52 -41.32 -21.01
N TYR D 433 -8.71 -42.38 -20.98
CA TYR D 433 -8.10 -42.89 -22.20
C TYR D 433 -9.17 -43.34 -23.20
N GLN D 434 -10.26 -43.94 -22.71
CA GLN D 434 -11.30 -44.44 -23.60
C GLN D 434 -12.06 -43.34 -24.32
N LEU D 435 -12.07 -42.12 -23.79
CA LEU D 435 -12.68 -41.00 -24.50
C LEU D 435 -12.07 -40.83 -25.88
N TYR D 436 -10.78 -41.05 -26.01
CA TYR D 436 -10.09 -40.97 -27.29
C TYR D 436 -10.19 -42.31 -28.02
#